data_7P3M
# 
_entry.id   7P3M 
# 
_audit_conform.dict_name       mmcif_pdbx.dic 
_audit_conform.dict_version    5.388 
_audit_conform.dict_location   http://mmcif.pdb.org/dictionaries/ascii/mmcif_pdbx.dic 
# 
loop_
_database_2.database_id 
_database_2.database_code 
_database_2.pdbx_database_accession 
_database_2.pdbx_DOI 
PDB   7P3M         pdb_00007p3m 10.2210/pdb7p3m/pdb 
WWPDB D_1292116900 ?            ?                   
BMRB  34645        ?            ?                   
# 
loop_
_pdbx_audit_revision_history.ordinal 
_pdbx_audit_revision_history.data_content_type 
_pdbx_audit_revision_history.major_revision 
_pdbx_audit_revision_history.minor_revision 
_pdbx_audit_revision_history.revision_date 
1 'Structure model' 1 0 2023-01-18 
2 'Structure model' 1 1 2024-03-27 
# 
_pdbx_audit_revision_details.ordinal             1 
_pdbx_audit_revision_details.revision_ordinal    1 
_pdbx_audit_revision_details.data_content_type   'Structure model' 
_pdbx_audit_revision_details.provider            repository 
_pdbx_audit_revision_details.type                'Initial release' 
_pdbx_audit_revision_details.description         ? 
_pdbx_audit_revision_details.details             ? 
# 
loop_
_pdbx_audit_revision_group.ordinal 
_pdbx_audit_revision_group.revision_ordinal 
_pdbx_audit_revision_group.data_content_type 
_pdbx_audit_revision_group.group 
1 2 'Structure model' 'Data collection'   
2 2 'Structure model' 'Structure summary' 
# 
loop_
_pdbx_audit_revision_category.ordinal 
_pdbx_audit_revision_category.revision_ordinal 
_pdbx_audit_revision_category.data_content_type 
_pdbx_audit_revision_category.category 
1 2 'Structure model' audit_author   
2 2 'Structure model' chem_comp_atom 
3 2 'Structure model' chem_comp_bond 
# 
_pdbx_database_status.status_code                     REL 
_pdbx_database_status.status_code_sf                  ? 
_pdbx_database_status.status_code_mr                  REL 
_pdbx_database_status.entry_id                        7P3M 
_pdbx_database_status.recvd_initial_deposition_date   2021-07-08 
_pdbx_database_status.SG_entry                        N 
_pdbx_database_status.deposit_site                    PDBE 
_pdbx_database_status.process_site                    PDBE 
_pdbx_database_status.status_code_cs                  REL 
_pdbx_database_status.status_code_nmr_data            ? 
_pdbx_database_status.methods_development_category    ? 
_pdbx_database_status.pdb_format_compatible           Y 
# 
_pdbx_database_related.db_name        BMRB 
_pdbx_database_related.details        
;Solution structures of HIV-1 and SIVmac p6 and their interaction with accessory proteins Vpr and Vpx in the presence of DPC micelles
;
_pdbx_database_related.db_id          34645 
_pdbx_database_related.content_type   unspecified 
# 
loop_
_audit_author.name 
_audit_author.pdbx_ordinal 
_audit_author.identifier_ORCID 
'Wang, X.'          1 ? 
'Nonin-Lecomte, S.' 2 ? 
'Bouaziz, S.'       3 ? 
# 
_citation.abstract                  ? 
_citation.abstract_id_CAS           ? 
_citation.book_id_ISBN              ? 
_citation.book_publisher            ? 
_citation.book_publisher_city       ? 
_citation.book_title                ? 
_citation.coordinate_linkage        ? 
_citation.country                   ? 
_citation.database_id_Medline       ? 
_citation.details                   ? 
_citation.id                        primary 
_citation.journal_abbrev            'To Be Published' 
_citation.journal_id_ASTM           ? 
_citation.journal_id_CSD            0353 
_citation.journal_id_ISSN           ? 
_citation.journal_full              ? 
_citation.journal_issue             ? 
_citation.journal_volume            ? 
_citation.language                  ? 
_citation.page_first                ? 
_citation.page_last                 ? 
_citation.title                     
;Solution structures of HIV-1 and SIVmac p6 and their interaction with accessory proteins Vpr and Vpx in the presence of DPC micelles
;
_citation.year                      ? 
_citation.database_id_CSD           ? 
_citation.pdbx_database_id_DOI      ? 
_citation.pdbx_database_id_PubMed   ? 
_citation.pdbx_database_id_patent   ? 
_citation.unpublished_flag          ? 
# 
_citation_author.citation_id        primary 
_citation_author.name               'Wang, X.' 
_citation_author.ordinal            1 
_citation_author.identifier_ORCID   0000-0001-5811-8712 
# 
_entity.id                         1 
_entity.type                       polymer 
_entity.src_method                 man 
_entity.pdbx_description           'Gag polyprotein' 
_entity.formula_weight             1536.725 
_entity.pdbx_number_of_molecules   1 
_entity.pdbx_ec                    ? 
_entity.pdbx_mutation              ? 
_entity.pdbx_fragment              ? 
_entity.details                    ? 
# 
_entity_name_com.entity_id   1 
_entity_name_com.name        Pr55Gag 
# 
_entity_poly.entity_id                      1 
_entity_poly.type                           'polypeptide(L)' 
_entity_poly.nstd_linkage                   no 
_entity_poly.nstd_monomer                   no 
_entity_poly.pdbx_seq_one_letter_code       EDPAVDLLKNYMQ 
_entity_poly.pdbx_seq_one_letter_code_can   EDPAVDLLKNYMQ 
_entity_poly.pdbx_strand_id                 A 
_entity_poly.pdbx_target_identifier         ? 
# 
loop_
_entity_poly_seq.entity_id 
_entity_poly_seq.num 
_entity_poly_seq.mon_id 
_entity_poly_seq.hetero 
1 1  GLU n 
1 2  ASP n 
1 3  PRO n 
1 4  ALA n 
1 5  VAL n 
1 6  ASP n 
1 7  LEU n 
1 8  LEU n 
1 9  LYS n 
1 10 ASN n 
1 11 TYR n 
1 12 MET n 
1 13 GLN n 
# 
_entity_src_gen.entity_id                          1 
_entity_src_gen.pdbx_src_id                        1 
_entity_src_gen.pdbx_alt_source_flag               sample 
_entity_src_gen.pdbx_seq_type                      'Biological sequence' 
_entity_src_gen.pdbx_beg_seq_num                   1 
_entity_src_gen.pdbx_end_seq_num                   13 
_entity_src_gen.gene_src_common_name               'SIV-mac, Simian immunodeficiency virus rhesus monkey' 
_entity_src_gen.gene_src_genus                     ? 
_entity_src_gen.pdbx_gene_src_gene                 gag 
_entity_src_gen.gene_src_species                   ? 
_entity_src_gen.gene_src_strain                    'isolate K6W' 
_entity_src_gen.gene_src_tissue                    ? 
_entity_src_gen.gene_src_tissue_fraction           ? 
_entity_src_gen.gene_src_details                   ? 
_entity_src_gen.pdbx_gene_src_fragment             ? 
_entity_src_gen.pdbx_gene_src_scientific_name      'Simian immunodeficiency virus (isolate K6W)' 
_entity_src_gen.pdbx_gene_src_ncbi_taxonomy_id     11735 
_entity_src_gen.pdbx_gene_src_variant              ? 
_entity_src_gen.pdbx_gene_src_cell_line            ? 
_entity_src_gen.pdbx_gene_src_atcc                 ? 
_entity_src_gen.pdbx_gene_src_organ                ? 
_entity_src_gen.pdbx_gene_src_organelle            ? 
_entity_src_gen.pdbx_gene_src_cell                 ? 
_entity_src_gen.pdbx_gene_src_cellular_location    ? 
_entity_src_gen.host_org_common_name               ? 
_entity_src_gen.pdbx_host_org_scientific_name      Synthecium 
_entity_src_gen.pdbx_host_org_ncbi_taxonomy_id     2480903 
_entity_src_gen.host_org_genus                     ? 
_entity_src_gen.pdbx_host_org_gene                 ? 
_entity_src_gen.pdbx_host_org_organ                ? 
_entity_src_gen.host_org_species                   ? 
_entity_src_gen.pdbx_host_org_tissue               ? 
_entity_src_gen.pdbx_host_org_tissue_fraction      ? 
_entity_src_gen.pdbx_host_org_strain               ? 
_entity_src_gen.pdbx_host_org_variant              ? 
_entity_src_gen.pdbx_host_org_cell_line            ? 
_entity_src_gen.pdbx_host_org_atcc                 ? 
_entity_src_gen.pdbx_host_org_culture_collection   ? 
_entity_src_gen.pdbx_host_org_cell                 ? 
_entity_src_gen.pdbx_host_org_organelle            ? 
_entity_src_gen.pdbx_host_org_cellular_location    ? 
_entity_src_gen.pdbx_host_org_vector_type          ? 
_entity_src_gen.pdbx_host_org_vector               ? 
_entity_src_gen.host_org_details                   ? 
_entity_src_gen.expression_system_id               ? 
_entity_src_gen.plasmid_name                       ? 
_entity_src_gen.plasmid_details                    ? 
_entity_src_gen.pdbx_description                   ? 
# 
loop_
_chem_comp.id 
_chem_comp.type 
_chem_comp.mon_nstd_flag 
_chem_comp.name 
_chem_comp.pdbx_synonyms 
_chem_comp.formula 
_chem_comp.formula_weight 
ALA 'L-peptide linking' y ALANINE         ? 'C3 H7 N O2'     89.093  
ASN 'L-peptide linking' y ASPARAGINE      ? 'C4 H8 N2 O3'    132.118 
ASP 'L-peptide linking' y 'ASPARTIC ACID' ? 'C4 H7 N O4'     133.103 
GLN 'L-peptide linking' y GLUTAMINE       ? 'C5 H10 N2 O3'   146.144 
GLU 'L-peptide linking' y 'GLUTAMIC ACID' ? 'C5 H9 N O4'     147.129 
LEU 'L-peptide linking' y LEUCINE         ? 'C6 H13 N O2'    131.173 
LYS 'L-peptide linking' y LYSINE          ? 'C6 H15 N2 O2 1' 147.195 
MET 'L-peptide linking' y METHIONINE      ? 'C5 H11 N O2 S'  149.211 
PRO 'L-peptide linking' y PROLINE         ? 'C5 H9 N O2'     115.130 
TYR 'L-peptide linking' y TYROSINE        ? 'C9 H11 N O3'    181.189 
VAL 'L-peptide linking' y VALINE          ? 'C5 H11 N O2'    117.146 
# 
loop_
_pdbx_poly_seq_scheme.asym_id 
_pdbx_poly_seq_scheme.entity_id 
_pdbx_poly_seq_scheme.seq_id 
_pdbx_poly_seq_scheme.mon_id 
_pdbx_poly_seq_scheme.ndb_seq_num 
_pdbx_poly_seq_scheme.pdb_seq_num 
_pdbx_poly_seq_scheme.auth_seq_num 
_pdbx_poly_seq_scheme.pdb_mon_id 
_pdbx_poly_seq_scheme.auth_mon_id 
_pdbx_poly_seq_scheme.pdb_strand_id 
_pdbx_poly_seq_scheme.pdb_ins_code 
_pdbx_poly_seq_scheme.hetero 
A 1 1  GLU 1  1  1  GLU GLU A . n 
A 1 2  ASP 2  2  2  ASP ASP A . n 
A 1 3  PRO 3  3  3  PRO PRO A . n 
A 1 4  ALA 4  4  4  ALA ALA A . n 
A 1 5  VAL 5  5  5  VAL VAL A . n 
A 1 6  ASP 6  6  6  ASP ASP A . n 
A 1 7  LEU 7  7  7  LEU LEU A . n 
A 1 8  LEU 8  8  8  LEU LEU A . n 
A 1 9  LYS 9  9  9  LYS LYS A . n 
A 1 10 ASN 10 10 10 ASN ASN A . n 
A 1 11 TYR 11 11 11 TYR TYR A . n 
A 1 12 MET 12 12 12 MET MET A . n 
A 1 13 GLN 13 13 13 GLN GLN A . n 
# 
_exptl.absorpt_coefficient_mu     ? 
_exptl.absorpt_correction_T_max   ? 
_exptl.absorpt_correction_T_min   ? 
_exptl.absorpt_correction_type    ? 
_exptl.absorpt_process_details    ? 
_exptl.entry_id                   7P3M 
_exptl.crystals_number            ? 
_exptl.details                    ? 
_exptl.method                     'SOLUTION NMR' 
_exptl.method_details             ? 
# 
_struct.entry_id                     7P3M 
_struct.title                        
;Solution structures of HIV-1 and SIVmac p6 and their interaction with accessory proteins Vpr and Vpx in the presence of DPC micelles
;
_struct.pdbx_model_details           ? 
_struct.pdbx_formula_weight          ? 
_struct.pdbx_formula_weight_method   ? 
_struct.pdbx_model_type_details      ? 
_struct.pdbx_CASP_flag               N 
# 
_struct_keywords.entry_id        7P3M 
_struct_keywords.text            'siv, p6, VIRAL PROTEIN' 
_struct_keywords.pdbx_keywords   'VIRAL PROTEIN' 
# 
_struct_asym.id                            A 
_struct_asym.pdbx_blank_PDB_chainid_flag   N 
_struct_asym.pdbx_modified                 N 
_struct_asym.entity_id                     1 
_struct_asym.details                       ? 
# 
_struct_ref.id                         1 
_struct_ref.db_name                    UNP 
_struct_ref.db_code                    GAG_SIVMK 
_struct_ref.pdbx_db_accession          P05893 
_struct_ref.pdbx_db_isoform            ? 
_struct_ref.entity_id                  1 
_struct_ref.pdbx_seq_one_letter_code   EDPAVDLLKNYMQ 
_struct_ref.pdbx_align_begin           463 
# 
_struct_ref_seq.align_id                      1 
_struct_ref_seq.ref_id                        1 
_struct_ref_seq.pdbx_PDB_id_code              7P3M 
_struct_ref_seq.pdbx_strand_id                A 
_struct_ref_seq.seq_align_beg                 1 
_struct_ref_seq.pdbx_seq_align_beg_ins_code   ? 
_struct_ref_seq.seq_align_end                 13 
_struct_ref_seq.pdbx_seq_align_end_ins_code   ? 
_struct_ref_seq.pdbx_db_accession             P05893 
_struct_ref_seq.db_align_beg                  463 
_struct_ref_seq.pdbx_db_align_beg_ins_code    ? 
_struct_ref_seq.db_align_end                  475 
_struct_ref_seq.pdbx_db_align_end_ins_code    ? 
_struct_ref_seq.pdbx_auth_seq_align_beg       1 
_struct_ref_seq.pdbx_auth_seq_align_end       13 
# 
_pdbx_struct_assembly.id                   1 
_pdbx_struct_assembly.details              author_defined_assembly 
_pdbx_struct_assembly.method_details       ? 
_pdbx_struct_assembly.oligomeric_details   monomeric 
_pdbx_struct_assembly.oligomeric_count     1 
# 
_pdbx_struct_assembly_gen.assembly_id       1 
_pdbx_struct_assembly_gen.oper_expression   1 
_pdbx_struct_assembly_gen.asym_id_list      A 
# 
_pdbx_struct_assembly_auth_evidence.id                     1 
_pdbx_struct_assembly_auth_evidence.assembly_id            1 
_pdbx_struct_assembly_auth_evidence.experimental_support   'NMR Distance Restraints' 
_pdbx_struct_assembly_auth_evidence.details                ? 
# 
_pdbx_struct_oper_list.id                   1 
_pdbx_struct_oper_list.type                 'identity operation' 
_pdbx_struct_oper_list.name                 1_555 
_pdbx_struct_oper_list.symmetry_operation   ? 
_pdbx_struct_oper_list.matrix[1][1]         1.0000000000 
_pdbx_struct_oper_list.matrix[1][2]         0.0000000000 
_pdbx_struct_oper_list.matrix[1][3]         0.0000000000 
_pdbx_struct_oper_list.vector[1]            0.0000000000 
_pdbx_struct_oper_list.matrix[2][1]         0.0000000000 
_pdbx_struct_oper_list.matrix[2][2]         1.0000000000 
_pdbx_struct_oper_list.matrix[2][3]         0.0000000000 
_pdbx_struct_oper_list.vector[2]            0.0000000000 
_pdbx_struct_oper_list.matrix[3][1]         0.0000000000 
_pdbx_struct_oper_list.matrix[3][2]         0.0000000000 
_pdbx_struct_oper_list.matrix[3][3]         1.0000000000 
_pdbx_struct_oper_list.vector[3]            0.0000000000 
# 
_struct_conf.conf_type_id            HELX_P 
_struct_conf.id                      HELX_P1 
_struct_conf.pdbx_PDB_helix_id       AA1 
_struct_conf.beg_label_comp_id       ASP 
_struct_conf.beg_label_asym_id       A 
_struct_conf.beg_label_seq_id        2 
_struct_conf.pdbx_beg_PDB_ins_code   ? 
_struct_conf.end_label_comp_id       GLN 
_struct_conf.end_label_asym_id       A 
_struct_conf.end_label_seq_id        13 
_struct_conf.pdbx_end_PDB_ins_code   ? 
_struct_conf.beg_auth_comp_id        ASP 
_struct_conf.beg_auth_asym_id        A 
_struct_conf.beg_auth_seq_id         2 
_struct_conf.end_auth_comp_id        GLN 
_struct_conf.end_auth_asym_id        A 
_struct_conf.end_auth_seq_id         13 
_struct_conf.pdbx_PDB_helix_class    1 
_struct_conf.details                 ? 
_struct_conf.pdbx_PDB_helix_length   12 
# 
_struct_conf_type.id          HELX_P 
_struct_conf_type.criteria    ? 
_struct_conf_type.reference   ? 
# 
loop_
_pdbx_validate_torsion.id 
_pdbx_validate_torsion.PDB_model_num 
_pdbx_validate_torsion.auth_comp_id 
_pdbx_validate_torsion.auth_asym_id 
_pdbx_validate_torsion.auth_seq_id 
_pdbx_validate_torsion.PDB_ins_code 
_pdbx_validate_torsion.label_alt_id 
_pdbx_validate_torsion.phi 
_pdbx_validate_torsion.psi 
1 4 PRO A 3  ? ? -47.36 -17.89 
2 6 PRO A 3  ? ? -39.34 -36.68 
3 6 MET A 12 ? ? -93.93 -64.26 
4 9 PRO A 3  ? ? -44.92 -15.78 
# 
_pdbx_nmr_ensemble.entry_id                                      7P3M 
_pdbx_nmr_ensemble.conformers_calculated_total_number            200 
_pdbx_nmr_ensemble.conformers_submitted_total_number             10 
_pdbx_nmr_ensemble.conformer_selection_criteria                  'structures with the lowest energy' 
_pdbx_nmr_ensemble.representative_conformer                      ? 
_pdbx_nmr_ensemble.average_constraints_per_residue               ? 
_pdbx_nmr_ensemble.average_constraint_violations_per_residue     ? 
_pdbx_nmr_ensemble.maximum_distance_constraint_violation         ? 
_pdbx_nmr_ensemble.average_distance_constraint_violation         ? 
_pdbx_nmr_ensemble.maximum_upper_distance_constraint_violation   ? 
_pdbx_nmr_ensemble.maximum_lower_distance_constraint_violation   ? 
_pdbx_nmr_ensemble.distance_constraint_violation_method          ? 
_pdbx_nmr_ensemble.maximum_torsion_angle_constraint_violation    ? 
_pdbx_nmr_ensemble.average_torsion_angle_constraint_violation    ? 
_pdbx_nmr_ensemble.torsion_angle_constraint_violation_method     ? 
# 
_pdbx_nmr_representative.entry_id             7P3M 
_pdbx_nmr_representative.conformer_id         1 
_pdbx_nmr_representative.selection_criteria   'lowest energy' 
# 
_pdbx_nmr_sample_details.solution_id      1 
_pdbx_nmr_sample_details.contents         '1.0 mM unlabeled SIVmac p6, 90% H2O/10% D2O' 
_pdbx_nmr_sample_details.solvent_system   '90% H2O/10% D2O' 
_pdbx_nmr_sample_details.label            unlebeled_sample 
_pdbx_nmr_sample_details.type             solution 
_pdbx_nmr_sample_details.details          ? 
# 
_pdbx_nmr_exptl_sample.solution_id           1 
_pdbx_nmr_exptl_sample.component             'SIVmac p6' 
_pdbx_nmr_exptl_sample.concentration         1.0 
_pdbx_nmr_exptl_sample.concentration_range   ? 
_pdbx_nmr_exptl_sample.concentration_units   mM 
_pdbx_nmr_exptl_sample.isotopic_labeling     unlabeled 
# 
_pdbx_nmr_exptl_sample_conditions.conditions_id          1 
_pdbx_nmr_exptl_sample_conditions.temperature            323 
_pdbx_nmr_exptl_sample_conditions.pressure_units         atm 
_pdbx_nmr_exptl_sample_conditions.pressure               1 
_pdbx_nmr_exptl_sample_conditions.pH                     4.0 
_pdbx_nmr_exptl_sample_conditions.ionic_strength         50 
_pdbx_nmr_exptl_sample_conditions.details                ? 
_pdbx_nmr_exptl_sample_conditions.ionic_strength_err     ? 
_pdbx_nmr_exptl_sample_conditions.ionic_strength_units   mM 
_pdbx_nmr_exptl_sample_conditions.label                  condition_1 
_pdbx_nmr_exptl_sample_conditions.pH_err                 ? 
_pdbx_nmr_exptl_sample_conditions.pH_units               pH 
_pdbx_nmr_exptl_sample_conditions.pressure_err           ? 
_pdbx_nmr_exptl_sample_conditions.temperature_err        ? 
_pdbx_nmr_exptl_sample_conditions.temperature_units      K 
# 
loop_
_pdbx_nmr_exptl.experiment_id 
_pdbx_nmr_exptl.conditions_id 
_pdbx_nmr_exptl.solution_id 
_pdbx_nmr_exptl.type 
_pdbx_nmr_exptl.spectrometer_id 
_pdbx_nmr_exptl.sample_state 
1 1 1 '2D 1H-1H NOESY' 1 isotropic 
2 1 1 '2D 1H-1H TOCSY' 1 isotropic 
# 
_pdbx_nmr_refine.entry_id           7P3M 
_pdbx_nmr_refine.method             'torsion angle dynamics' 
_pdbx_nmr_refine.details            'restraints, 172 distance retraints' 
_pdbx_nmr_refine.software_ordinal   2 
# 
loop_
_pdbx_nmr_software.ordinal 
_pdbx_nmr_software.classification 
_pdbx_nmr_software.name 
_pdbx_nmr_software.version 
_pdbx_nmr_software.authors 
1 processing                  TopSpin           ? 'Bruker Biospin'               
2 'structure calculation'     ARIA              ? 
;Linge, O'Donoghue and Nilges
;
3 'chemical shift assignment' 'CcpNmr Analysis' ? CCPN                           
4 'data analysis'             'CcpNmr Analysis' ? CCPN                           
# 
loop_
_chem_comp_atom.comp_id 
_chem_comp_atom.atom_id 
_chem_comp_atom.type_symbol 
_chem_comp_atom.pdbx_aromatic_flag 
_chem_comp_atom.pdbx_stereo_config 
_chem_comp_atom.pdbx_ordinal 
ALA N    N N N 1   
ALA CA   C N S 2   
ALA C    C N N 3   
ALA O    O N N 4   
ALA CB   C N N 5   
ALA OXT  O N N 6   
ALA H    H N N 7   
ALA H2   H N N 8   
ALA HA   H N N 9   
ALA HB1  H N N 10  
ALA HB2  H N N 11  
ALA HB3  H N N 12  
ALA HXT  H N N 13  
ASN N    N N N 14  
ASN CA   C N S 15  
ASN C    C N N 16  
ASN O    O N N 17  
ASN CB   C N N 18  
ASN CG   C N N 19  
ASN OD1  O N N 20  
ASN ND2  N N N 21  
ASN OXT  O N N 22  
ASN H    H N N 23  
ASN H2   H N N 24  
ASN HA   H N N 25  
ASN HB2  H N N 26  
ASN HB3  H N N 27  
ASN HD21 H N N 28  
ASN HD22 H N N 29  
ASN HXT  H N N 30  
ASP N    N N N 31  
ASP CA   C N S 32  
ASP C    C N N 33  
ASP O    O N N 34  
ASP CB   C N N 35  
ASP CG   C N N 36  
ASP OD1  O N N 37  
ASP OD2  O N N 38  
ASP OXT  O N N 39  
ASP H    H N N 40  
ASP H2   H N N 41  
ASP HA   H N N 42  
ASP HB2  H N N 43  
ASP HB3  H N N 44  
ASP HD2  H N N 45  
ASP HXT  H N N 46  
GLN N    N N N 47  
GLN CA   C N S 48  
GLN C    C N N 49  
GLN O    O N N 50  
GLN CB   C N N 51  
GLN CG   C N N 52  
GLN CD   C N N 53  
GLN OE1  O N N 54  
GLN NE2  N N N 55  
GLN OXT  O N N 56  
GLN H    H N N 57  
GLN H2   H N N 58  
GLN HA   H N N 59  
GLN HB2  H N N 60  
GLN HB3  H N N 61  
GLN HG2  H N N 62  
GLN HG3  H N N 63  
GLN HE21 H N N 64  
GLN HE22 H N N 65  
GLN HXT  H N N 66  
GLU N    N N N 67  
GLU CA   C N S 68  
GLU C    C N N 69  
GLU O    O N N 70  
GLU CB   C N N 71  
GLU CG   C N N 72  
GLU CD   C N N 73  
GLU OE1  O N N 74  
GLU OE2  O N N 75  
GLU OXT  O N N 76  
GLU H    H N N 77  
GLU H2   H N N 78  
GLU HA   H N N 79  
GLU HB2  H N N 80  
GLU HB3  H N N 81  
GLU HG2  H N N 82  
GLU HG3  H N N 83  
GLU HE2  H N N 84  
GLU HXT  H N N 85  
LEU N    N N N 86  
LEU CA   C N S 87  
LEU C    C N N 88  
LEU O    O N N 89  
LEU CB   C N N 90  
LEU CG   C N N 91  
LEU CD1  C N N 92  
LEU CD2  C N N 93  
LEU OXT  O N N 94  
LEU H    H N N 95  
LEU H2   H N N 96  
LEU HA   H N N 97  
LEU HB2  H N N 98  
LEU HB3  H N N 99  
LEU HG   H N N 100 
LEU HD11 H N N 101 
LEU HD12 H N N 102 
LEU HD13 H N N 103 
LEU HD21 H N N 104 
LEU HD22 H N N 105 
LEU HD23 H N N 106 
LEU HXT  H N N 107 
LYS N    N N N 108 
LYS CA   C N S 109 
LYS C    C N N 110 
LYS O    O N N 111 
LYS CB   C N N 112 
LYS CG   C N N 113 
LYS CD   C N N 114 
LYS CE   C N N 115 
LYS NZ   N N N 116 
LYS OXT  O N N 117 
LYS H    H N N 118 
LYS H2   H N N 119 
LYS HA   H N N 120 
LYS HB2  H N N 121 
LYS HB3  H N N 122 
LYS HG2  H N N 123 
LYS HG3  H N N 124 
LYS HD2  H N N 125 
LYS HD3  H N N 126 
LYS HE2  H N N 127 
LYS HE3  H N N 128 
LYS HZ1  H N N 129 
LYS HZ2  H N N 130 
LYS HZ3  H N N 131 
LYS HXT  H N N 132 
MET N    N N N 133 
MET CA   C N S 134 
MET C    C N N 135 
MET O    O N N 136 
MET CB   C N N 137 
MET CG   C N N 138 
MET SD   S N N 139 
MET CE   C N N 140 
MET OXT  O N N 141 
MET H    H N N 142 
MET H2   H N N 143 
MET HA   H N N 144 
MET HB2  H N N 145 
MET HB3  H N N 146 
MET HG2  H N N 147 
MET HG3  H N N 148 
MET HE1  H N N 149 
MET HE2  H N N 150 
MET HE3  H N N 151 
MET HXT  H N N 152 
PRO N    N N N 153 
PRO CA   C N S 154 
PRO C    C N N 155 
PRO O    O N N 156 
PRO CB   C N N 157 
PRO CG   C N N 158 
PRO CD   C N N 159 
PRO OXT  O N N 160 
PRO H    H N N 161 
PRO HA   H N N 162 
PRO HB2  H N N 163 
PRO HB3  H N N 164 
PRO HG2  H N N 165 
PRO HG3  H N N 166 
PRO HD2  H N N 167 
PRO HD3  H N N 168 
PRO HXT  H N N 169 
TYR N    N N N 170 
TYR CA   C N S 171 
TYR C    C N N 172 
TYR O    O N N 173 
TYR CB   C N N 174 
TYR CG   C Y N 175 
TYR CD1  C Y N 176 
TYR CD2  C Y N 177 
TYR CE1  C Y N 178 
TYR CE2  C Y N 179 
TYR CZ   C Y N 180 
TYR OH   O N N 181 
TYR OXT  O N N 182 
TYR H    H N N 183 
TYR H2   H N N 184 
TYR HA   H N N 185 
TYR HB2  H N N 186 
TYR HB3  H N N 187 
TYR HD1  H N N 188 
TYR HD2  H N N 189 
TYR HE1  H N N 190 
TYR HE2  H N N 191 
TYR HH   H N N 192 
TYR HXT  H N N 193 
VAL N    N N N 194 
VAL CA   C N S 195 
VAL C    C N N 196 
VAL O    O N N 197 
VAL CB   C N N 198 
VAL CG1  C N N 199 
VAL CG2  C N N 200 
VAL OXT  O N N 201 
VAL H    H N N 202 
VAL H2   H N N 203 
VAL HA   H N N 204 
VAL HB   H N N 205 
VAL HG11 H N N 206 
VAL HG12 H N N 207 
VAL HG13 H N N 208 
VAL HG21 H N N 209 
VAL HG22 H N N 210 
VAL HG23 H N N 211 
VAL HXT  H N N 212 
# 
loop_
_chem_comp_bond.comp_id 
_chem_comp_bond.atom_id_1 
_chem_comp_bond.atom_id_2 
_chem_comp_bond.value_order 
_chem_comp_bond.pdbx_aromatic_flag 
_chem_comp_bond.pdbx_stereo_config 
_chem_comp_bond.pdbx_ordinal 
ALA N   CA   sing N N 1   
ALA N   H    sing N N 2   
ALA N   H2   sing N N 3   
ALA CA  C    sing N N 4   
ALA CA  CB   sing N N 5   
ALA CA  HA   sing N N 6   
ALA C   O    doub N N 7   
ALA C   OXT  sing N N 8   
ALA CB  HB1  sing N N 9   
ALA CB  HB2  sing N N 10  
ALA CB  HB3  sing N N 11  
ALA OXT HXT  sing N N 12  
ASN N   CA   sing N N 13  
ASN N   H    sing N N 14  
ASN N   H2   sing N N 15  
ASN CA  C    sing N N 16  
ASN CA  CB   sing N N 17  
ASN CA  HA   sing N N 18  
ASN C   O    doub N N 19  
ASN C   OXT  sing N N 20  
ASN CB  CG   sing N N 21  
ASN CB  HB2  sing N N 22  
ASN CB  HB3  sing N N 23  
ASN CG  OD1  doub N N 24  
ASN CG  ND2  sing N N 25  
ASN ND2 HD21 sing N N 26  
ASN ND2 HD22 sing N N 27  
ASN OXT HXT  sing N N 28  
ASP N   CA   sing N N 29  
ASP N   H    sing N N 30  
ASP N   H2   sing N N 31  
ASP CA  C    sing N N 32  
ASP CA  CB   sing N N 33  
ASP CA  HA   sing N N 34  
ASP C   O    doub N N 35  
ASP C   OXT  sing N N 36  
ASP CB  CG   sing N N 37  
ASP CB  HB2  sing N N 38  
ASP CB  HB3  sing N N 39  
ASP CG  OD1  doub N N 40  
ASP CG  OD2  sing N N 41  
ASP OD2 HD2  sing N N 42  
ASP OXT HXT  sing N N 43  
GLN N   CA   sing N N 44  
GLN N   H    sing N N 45  
GLN N   H2   sing N N 46  
GLN CA  C    sing N N 47  
GLN CA  CB   sing N N 48  
GLN CA  HA   sing N N 49  
GLN C   O    doub N N 50  
GLN C   OXT  sing N N 51  
GLN CB  CG   sing N N 52  
GLN CB  HB2  sing N N 53  
GLN CB  HB3  sing N N 54  
GLN CG  CD   sing N N 55  
GLN CG  HG2  sing N N 56  
GLN CG  HG3  sing N N 57  
GLN CD  OE1  doub N N 58  
GLN CD  NE2  sing N N 59  
GLN NE2 HE21 sing N N 60  
GLN NE2 HE22 sing N N 61  
GLN OXT HXT  sing N N 62  
GLU N   CA   sing N N 63  
GLU N   H    sing N N 64  
GLU N   H2   sing N N 65  
GLU CA  C    sing N N 66  
GLU CA  CB   sing N N 67  
GLU CA  HA   sing N N 68  
GLU C   O    doub N N 69  
GLU C   OXT  sing N N 70  
GLU CB  CG   sing N N 71  
GLU CB  HB2  sing N N 72  
GLU CB  HB3  sing N N 73  
GLU CG  CD   sing N N 74  
GLU CG  HG2  sing N N 75  
GLU CG  HG3  sing N N 76  
GLU CD  OE1  doub N N 77  
GLU CD  OE2  sing N N 78  
GLU OE2 HE2  sing N N 79  
GLU OXT HXT  sing N N 80  
LEU N   CA   sing N N 81  
LEU N   H    sing N N 82  
LEU N   H2   sing N N 83  
LEU CA  C    sing N N 84  
LEU CA  CB   sing N N 85  
LEU CA  HA   sing N N 86  
LEU C   O    doub N N 87  
LEU C   OXT  sing N N 88  
LEU CB  CG   sing N N 89  
LEU CB  HB2  sing N N 90  
LEU CB  HB3  sing N N 91  
LEU CG  CD1  sing N N 92  
LEU CG  CD2  sing N N 93  
LEU CG  HG   sing N N 94  
LEU CD1 HD11 sing N N 95  
LEU CD1 HD12 sing N N 96  
LEU CD1 HD13 sing N N 97  
LEU CD2 HD21 sing N N 98  
LEU CD2 HD22 sing N N 99  
LEU CD2 HD23 sing N N 100 
LEU OXT HXT  sing N N 101 
LYS N   CA   sing N N 102 
LYS N   H    sing N N 103 
LYS N   H2   sing N N 104 
LYS CA  C    sing N N 105 
LYS CA  CB   sing N N 106 
LYS CA  HA   sing N N 107 
LYS C   O    doub N N 108 
LYS C   OXT  sing N N 109 
LYS CB  CG   sing N N 110 
LYS CB  HB2  sing N N 111 
LYS CB  HB3  sing N N 112 
LYS CG  CD   sing N N 113 
LYS CG  HG2  sing N N 114 
LYS CG  HG3  sing N N 115 
LYS CD  CE   sing N N 116 
LYS CD  HD2  sing N N 117 
LYS CD  HD3  sing N N 118 
LYS CE  NZ   sing N N 119 
LYS CE  HE2  sing N N 120 
LYS CE  HE3  sing N N 121 
LYS NZ  HZ1  sing N N 122 
LYS NZ  HZ2  sing N N 123 
LYS NZ  HZ3  sing N N 124 
LYS OXT HXT  sing N N 125 
MET N   CA   sing N N 126 
MET N   H    sing N N 127 
MET N   H2   sing N N 128 
MET CA  C    sing N N 129 
MET CA  CB   sing N N 130 
MET CA  HA   sing N N 131 
MET C   O    doub N N 132 
MET C   OXT  sing N N 133 
MET CB  CG   sing N N 134 
MET CB  HB2  sing N N 135 
MET CB  HB3  sing N N 136 
MET CG  SD   sing N N 137 
MET CG  HG2  sing N N 138 
MET CG  HG3  sing N N 139 
MET SD  CE   sing N N 140 
MET CE  HE1  sing N N 141 
MET CE  HE2  sing N N 142 
MET CE  HE3  sing N N 143 
MET OXT HXT  sing N N 144 
PRO N   CA   sing N N 145 
PRO N   CD   sing N N 146 
PRO N   H    sing N N 147 
PRO CA  C    sing N N 148 
PRO CA  CB   sing N N 149 
PRO CA  HA   sing N N 150 
PRO C   O    doub N N 151 
PRO C   OXT  sing N N 152 
PRO CB  CG   sing N N 153 
PRO CB  HB2  sing N N 154 
PRO CB  HB3  sing N N 155 
PRO CG  CD   sing N N 156 
PRO CG  HG2  sing N N 157 
PRO CG  HG3  sing N N 158 
PRO CD  HD2  sing N N 159 
PRO CD  HD3  sing N N 160 
PRO OXT HXT  sing N N 161 
TYR N   CA   sing N N 162 
TYR N   H    sing N N 163 
TYR N   H2   sing N N 164 
TYR CA  C    sing N N 165 
TYR CA  CB   sing N N 166 
TYR CA  HA   sing N N 167 
TYR C   O    doub N N 168 
TYR C   OXT  sing N N 169 
TYR CB  CG   sing N N 170 
TYR CB  HB2  sing N N 171 
TYR CB  HB3  sing N N 172 
TYR CG  CD1  doub Y N 173 
TYR CG  CD2  sing Y N 174 
TYR CD1 CE1  sing Y N 175 
TYR CD1 HD1  sing N N 176 
TYR CD2 CE2  doub Y N 177 
TYR CD2 HD2  sing N N 178 
TYR CE1 CZ   doub Y N 179 
TYR CE1 HE1  sing N N 180 
TYR CE2 CZ   sing Y N 181 
TYR CE2 HE2  sing N N 182 
TYR CZ  OH   sing N N 183 
TYR OH  HH   sing N N 184 
TYR OXT HXT  sing N N 185 
VAL N   CA   sing N N 186 
VAL N   H    sing N N 187 
VAL N   H2   sing N N 188 
VAL CA  C    sing N N 189 
VAL CA  CB   sing N N 190 
VAL CA  HA   sing N N 191 
VAL C   O    doub N N 192 
VAL C   OXT  sing N N 193 
VAL CB  CG1  sing N N 194 
VAL CB  CG2  sing N N 195 
VAL CB  HB   sing N N 196 
VAL CG1 HG11 sing N N 197 
VAL CG1 HG12 sing N N 198 
VAL CG1 HG13 sing N N 199 
VAL CG2 HG21 sing N N 200 
VAL CG2 HG22 sing N N 201 
VAL CG2 HG23 sing N N 202 
VAL OXT HXT  sing N N 203 
# 
_pdbx_nmr_spectrometer.spectrometer_id   1 
_pdbx_nmr_spectrometer.model             AVANCE 
_pdbx_nmr_spectrometer.type              ? 
_pdbx_nmr_spectrometer.manufacturer      Bruker 
_pdbx_nmr_spectrometer.field_strength    600 
_pdbx_nmr_spectrometer.details           cryo-probe 
# 
_atom_sites.entry_id                    7P3M 
_atom_sites.Cartn_transf_matrix[1][1]   ? 
_atom_sites.Cartn_transf_matrix[1][2]   ? 
_atom_sites.Cartn_transf_matrix[1][3]   ? 
_atom_sites.Cartn_transf_matrix[2][1]   ? 
_atom_sites.Cartn_transf_matrix[2][2]   ? 
_atom_sites.Cartn_transf_matrix[2][3]   ? 
_atom_sites.Cartn_transf_matrix[3][1]   ? 
_atom_sites.Cartn_transf_matrix[3][2]   ? 
_atom_sites.Cartn_transf_matrix[3][3]   ? 
_atom_sites.Cartn_transf_vector[1]      ? 
_atom_sites.Cartn_transf_vector[2]      ? 
_atom_sites.Cartn_transf_vector[3]      ? 
_atom_sites.fract_transf_matrix[1][1]   1.000000 
_atom_sites.fract_transf_matrix[1][2]   0.000000 
_atom_sites.fract_transf_matrix[1][3]   0.000000 
_atom_sites.fract_transf_matrix[2][1]   0.000000 
_atom_sites.fract_transf_matrix[2][2]   1.000000 
_atom_sites.fract_transf_matrix[2][3]   0.000000 
_atom_sites.fract_transf_matrix[3][1]   0.000000 
_atom_sites.fract_transf_matrix[3][2]   0.000000 
_atom_sites.fract_transf_matrix[3][3]   1.000000 
_atom_sites.fract_transf_vector[1]      0.00000 
_atom_sites.fract_transf_vector[2]      0.00000 
_atom_sites.fract_transf_vector[3]      0.00000 
_atom_sites.solution_primary            ? 
_atom_sites.solution_secondary          ? 
_atom_sites.solution_hydrogens          ? 
_atom_sites.special_details             ? 
# 
loop_
_atom_type.symbol 
C 
H 
N 
O 
S 
# 
loop_
_atom_site.group_PDB 
_atom_site.id 
_atom_site.type_symbol 
_atom_site.label_atom_id 
_atom_site.label_alt_id 
_atom_site.label_comp_id 
_atom_site.label_asym_id 
_atom_site.label_entity_id 
_atom_site.label_seq_id 
_atom_site.pdbx_PDB_ins_code 
_atom_site.Cartn_x 
_atom_site.Cartn_y 
_atom_site.Cartn_z 
_atom_site.occupancy 
_atom_site.B_iso_or_equiv 
_atom_site.pdbx_formal_charge 
_atom_site.auth_seq_id 
_atom_site.auth_comp_id 
_atom_site.auth_asym_id 
_atom_site.auth_atom_id 
_atom_site.pdbx_PDB_model_num 
ATOM 1    N N    . GLU A 1 1  ? -2.049 6.359  -7.593  1.00 2.99 ? 1  GLU A N    1  
ATOM 2    C CA   . GLU A 1 1  ? -2.128 5.044  -6.920  1.00 2.81 ? 1  GLU A CA   1  
ATOM 3    C C    . GLU A 1 1  ? -1.486 3.970  -7.782  1.00 2.28 ? 1  GLU A C    1  
ATOM 4    O O    . GLU A 1 1  ? -1.646 3.968  -9.002  1.00 2.31 ? 1  GLU A O    1  
ATOM 5    C CB   . GLU A 1 1  ? -3.580 4.657  -6.646  1.00 3.76 ? 1  GLU A CB   1  
ATOM 6    C CG   . GLU A 1 1  ? -4.298 5.566  -5.667  1.00 4.49 ? 1  GLU A CG   1  
ATOM 7    C CD   . GLU A 1 1  ? -5.705 5.091  -5.383  1.00 5.49 ? 1  GLU A CD   1  
ATOM 8    O OE1  . GLU A 1 1  ? -5.868 4.098  -4.646  1.00 5.92 ? 1  GLU A OE1  1  
ATOM 9    O OE2  . GLU A 1 1  ? -6.659 5.702  -5.911  1.00 6.11 ? 1  GLU A OE2  1  
ATOM 10   H H1   . GLU A 1 1  ? -2.479 7.095  -7.000  1.00 3.34 ? 1  GLU A H1   1  
ATOM 11   H H2   . GLU A 1 1  ? -2.550 6.324  -8.502  1.00 3.19 ? 1  GLU A H2   1  
ATOM 12   H H3   . GLU A 1 1  ? -1.056 6.608  -7.772  1.00 3.20 ? 1  GLU A H3   1  
ATOM 13   H HA   . GLU A 1 1  ? -1.593 5.107  -5.983  1.00 2.95 ? 1  GLU A HA   1  
ATOM 14   H HB2  . GLU A 1 1  ? -4.122 4.673  -7.579  1.00 4.04 ? 1  GLU A HB2  1  
ATOM 15   H HB3  . GLU A 1 1  ? -3.599 3.653  -6.250  1.00 4.15 ? 1  GLU A HB3  1  
ATOM 16   H HG2  . GLU A 1 1  ? -3.745 5.586  -4.738  1.00 4.61 ? 1  GLU A HG2  1  
ATOM 17   H HG3  . GLU A 1 1  ? -4.344 6.561  -6.082  1.00 4.61 ? 1  GLU A HG3  1  
ATOM 18   N N    . ASP A 1 2  ? -0.756 3.066  -7.145  1.00 1.88 ? 2  ASP A N    1  
ATOM 19   C CA   . ASP A 1 2  ? -0.172 1.927  -7.820  1.00 1.47 ? 2  ASP A CA   1  
ATOM 20   C C    . ASP A 1 2  ? -0.295 0.738  -6.894  1.00 0.94 ? 2  ASP A C    1  
ATOM 21   O O    . ASP A 1 2  ? -0.561 0.940  -5.707  1.00 0.97 ? 2  ASP A O    1  
ATOM 22   C CB   . ASP A 1 2  ? 1.306  2.181  -8.159  1.00 1.70 ? 2  ASP A CB   1  
ATOM 23   C CG   . ASP A 1 2  ? 1.493  3.198  -9.268  1.00 2.34 ? 2  ASP A CG   1  
ATOM 24   O OD1  . ASP A 1 2  ? 1.852  4.356  -8.966  1.00 3.05 ? 2  ASP A OD1  1  
ATOM 25   O OD2  . ASP A 1 2  ? 1.285  2.844  -10.448 1.00 2.80 ? 2  ASP A OD2  1  
ATOM 26   H H    . ASP A 1 2  ? -0.609 3.154  -6.174  1.00 1.92 ? 2  ASP A H    1  
ATOM 27   H HA   . ASP A 1 2  ? -0.730 1.738  -8.725  1.00 1.60 ? 2  ASP A HA   1  
ATOM 28   H HB2  . ASP A 1 2  ? 1.810  2.548  -7.278  1.00 2.22 ? 2  ASP A HB2  1  
ATOM 29   H HB3  . ASP A 1 2  ? 1.764  1.254  -8.467  1.00 1.83 ? 2  ASP A HB3  1  
ATOM 30   N N    . PRO A 1 3  ? -0.132 -0.500 -7.384  1.00 0.76 ? 3  PRO A N    1  
ATOM 31   C CA   . PRO A 1 3  ? -0.164 -1.685 -6.529  1.00 0.71 ? 3  PRO A CA   1  
ATOM 32   C C    . PRO A 1 3  ? 0.690  -1.490 -5.280  1.00 0.55 ? 3  PRO A C    1  
ATOM 33   O O    . PRO A 1 3  ? 0.322  -1.913 -4.187  1.00 0.77 ? 3  PRO A O    1  
ATOM 34   C CB   . PRO A 1 3  ? 0.406  -2.805 -7.412  1.00 1.10 ? 3  PRO A CB   1  
ATOM 35   C CG   . PRO A 1 3  ? 0.831  -2.154 -8.691  1.00 1.21 ? 3  PRO A CG   1  
ATOM 36   C CD   . PRO A 1 3  ? 0.071  -0.862 -8.789  1.00 1.11 ? 3  PRO A CD   1  
ATOM 37   H HA   . PRO A 1 3  ? -1.176 -1.931 -6.234  1.00 0.99 ? 3  PRO A HA   1  
ATOM 38   H HB2  . PRO A 1 3  ? 1.244  -3.265 -6.911  1.00 1.23 ? 3  PRO A HB2  1  
ATOM 39   H HB3  . PRO A 1 3  ? -0.359 -3.548 -7.588  1.00 1.44 ? 3  PRO A HB3  1  
ATOM 40   H HG2  . PRO A 1 3  ? 1.891  -1.962 -8.666  1.00 1.61 ? 3  PRO A HG2  1  
ATOM 41   H HG3  . PRO A 1 3  ? 0.588  -2.793 -9.526  1.00 1.40 ? 3  PRO A HG3  1  
ATOM 42   H HD2  . PRO A 1 3  ? 0.657  -0.115 -9.301  1.00 1.49 ? 3  PRO A HD2  1  
ATOM 43   H HD3  . PRO A 1 3  ? -0.873 -1.013 -9.289  1.00 1.31 ? 3  PRO A HD3  1  
ATOM 44   N N    . ALA A 1 4  ? 1.814  -0.799 -5.451  1.00 0.46 ? 4  ALA A N    1  
ATOM 45   C CA   . ALA A 1 4  ? 2.705  -0.506 -4.344  1.00 0.52 ? 4  ALA A CA   1  
ATOM 46   C C    . ALA A 1 4  ? 2.017  0.332  -3.280  1.00 0.41 ? 4  ALA A C    1  
ATOM 47   O O    . ALA A 1 4  ? 2.020  -0.028 -2.108  1.00 0.59 ? 4  ALA A O    1  
ATOM 48   C CB   . ALA A 1 4  ? 3.961  0.197  -4.836  1.00 0.75 ? 4  ALA A CB   1  
ATOM 49   H H    . ALA A 1 4  ? 2.048  -0.486 -6.352  1.00 0.62 ? 4  ALA A H    1  
ATOM 50   H HA   . ALA A 1 4  ? 2.989  -1.435 -3.907  1.00 0.64 ? 4  ALA A HA   1  
ATOM 51   H HB1  . ALA A 1 4  ? 4.437  -0.405 -5.594  1.00 1.31 ? 4  ALA A HB1  1  
ATOM 52   H HB2  . ALA A 1 4  ? 4.641  0.337  -4.008  1.00 1.34 ? 4  ALA A HB2  1  
ATOM 53   H HB3  . ALA A 1 4  ? 3.696  1.159  -5.251  1.00 1.17 ? 4  ALA A HB3  1  
ATOM 54   N N    . VAL A 1 5  ? 1.403  1.426  -3.705  1.00 0.29 ? 5  VAL A N    1  
ATOM 55   C CA   . VAL A 1 5  ? 0.789  2.375  -2.783  1.00 0.38 ? 5  VAL A CA   1  
ATOM 56   C C    . VAL A 1 5  ? -0.278 1.704  -1.921  1.00 0.40 ? 5  VAL A C    1  
ATOM 57   O O    . VAL A 1 5  ? -0.450 2.045  -0.748  1.00 0.59 ? 5  VAL A O    1  
ATOM 58   C CB   . VAL A 1 5  ? 0.171  3.566  -3.543  1.00 0.53 ? 5  VAL A CB   1  
ATOM 59   C CG1  . VAL A 1 5  ? -0.360 4.611  -2.578  1.00 0.76 ? 5  VAL A CG1  1  
ATOM 60   C CG2  . VAL A 1 5  ? 1.192  4.183  -4.483  1.00 0.56 ? 5  VAL A CG2  1  
ATOM 61   H H    . VAL A 1 5  ? 1.350  1.596  -4.666  1.00 0.33 ? 5  VAL A H    1  
ATOM 62   H HA   . VAL A 1 5  ? 1.568  2.756  -2.139  1.00 0.47 ? 5  VAL A HA   1  
ATOM 63   H HB   . VAL A 1 5  ? -0.656 3.200  -4.134  1.00 0.54 ? 5  VAL A HB   1  
ATOM 64   H HG11 . VAL A 1 5  ? 0.455  5.000  -1.985  1.00 1.32 ? 5  VAL A HG11 1  
ATOM 65   H HG12 . VAL A 1 5  ? -1.093 4.161  -1.927  1.00 0.93 ? 5  VAL A HG12 1  
ATOM 66   H HG13 . VAL A 1 5  ? -0.816 5.415  -3.134  1.00 1.39 ? 5  VAL A HG13 1  
ATOM 67   H HG21 . VAL A 1 5  ? 0.754  5.036  -4.979  1.00 1.14 ? 5  VAL A HG21 1  
ATOM 68   H HG22 . VAL A 1 5  ? 1.490  3.451  -5.220  1.00 1.16 ? 5  VAL A HG22 1  
ATOM 69   H HG23 . VAL A 1 5  ? 2.056  4.498  -3.918  1.00 1.20 ? 5  VAL A HG23 1  
ATOM 70   N N    . ASP A 1 6  ? -0.970 0.732  -2.497  1.00 0.29 ? 6  ASP A N    1  
ATOM 71   C CA   . ASP A 1 6  ? -1.999 -0.003 -1.769  1.00 0.33 ? 6  ASP A CA   1  
ATOM 72   C C    . ASP A 1 6  ? -1.363 -0.916 -0.731  1.00 0.30 ? 6  ASP A C    1  
ATOM 73   O O    . ASP A 1 6  ? -1.866 -1.052 0.385   1.00 0.35 ? 6  ASP A O    1  
ATOM 74   C CB   . ASP A 1 6  ? -2.871 -0.823 -2.726  1.00 0.42 ? 6  ASP A CB   1  
ATOM 75   C CG   . ASP A 1 6  ? -3.849 0.033  -3.509  1.00 1.27 ? 6  ASP A CG   1  
ATOM 76   O OD1  . ASP A 1 6  ? -3.452 0.612  -4.543  1.00 2.21 ? 6  ASP A OD1  1  
ATOM 77   O OD2  . ASP A 1 6  ? -5.025 0.135  -3.093  1.00 1.82 ? 6  ASP A OD2  1  
ATOM 78   H H    . ASP A 1 6  ? -0.780 0.496  -3.434  1.00 0.28 ? 6  ASP A H    1  
ATOM 79   H HA   . ASP A 1 6  ? -2.620 0.719  -1.257  1.00 0.37 ? 6  ASP A HA   1  
ATOM 80   H HB2  . ASP A 1 6  ? -2.234 -1.340 -3.428  1.00 0.80 ? 6  ASP A HB2  1  
ATOM 81   H HB3  . ASP A 1 6  ? -3.432 -1.549 -2.157  1.00 1.07 ? 6  ASP A HB3  1  
ATOM 82   N N    . LEU A 1 7  ? -0.246 -1.527 -1.095  1.00 0.27 ? 7  LEU A N    1  
ATOM 83   C CA   . LEU A 1 7  ? 0.457  -2.434 -0.201  1.00 0.30 ? 7  LEU A CA   1  
ATOM 84   C C    . LEU A 1 7  ? 1.142  -1.686 0.936   1.00 0.25 ? 7  LEU A C    1  
ATOM 85   O O    . LEU A 1 7  ? 1.215  -2.195 2.049   1.00 0.26 ? 7  LEU A O    1  
ATOM 86   C CB   . LEU A 1 7  ? 1.473  -3.274 -0.977  1.00 0.38 ? 7  LEU A CB   1  
ATOM 87   C CG   . LEU A 1 7  ? 0.921  -4.572 -1.579  1.00 0.52 ? 7  LEU A CG   1  
ATOM 88   C CD1  . LEU A 1 7  ? 0.616  -5.580 -0.482  1.00 0.62 ? 7  LEU A CD1  1  
ATOM 89   C CD2  . LEU A 1 7  ? -0.330 -4.304 -2.398  1.00 0.56 ? 7  LEU A CD2  1  
ATOM 90   H H    . LEU A 1 7  ? 0.113  -1.374 -1.995  1.00 0.27 ? 7  LEU A H    1  
ATOM 91   H HA   . LEU A 1 7  ? -0.278 -3.098 0.228   1.00 0.38 ? 7  LEU A HA   1  
ATOM 92   H HB2  . LEU A 1 7  ? 1.869  -2.669 -1.780  1.00 0.37 ? 7  LEU A HB2  1  
ATOM 93   H HB3  . LEU A 1 7  ? 2.281  -3.529 -0.310  1.00 0.40 ? 7  LEU A HB3  1  
ATOM 94   H HG   . LEU A 1 7  ? 1.665  -4.998 -2.233  1.00 0.59 ? 7  LEU A HG   1  
ATOM 95   H HD11 . LEU A 1 7  ? 0.229  -6.484 -0.924  1.00 0.98 ? 7  LEU A HD11 1  
ATOM 96   H HD12 . LEU A 1 7  ? -0.118 -5.165 0.194   1.00 1.34 ? 7  LEU A HD12 1  
ATOM 97   H HD13 . LEU A 1 7  ? 1.521  -5.804 0.063   1.00 1.26 ? 7  LEU A HD13 1  
ATOM 98   H HD21 . LEU A 1 7  ? -0.086 -3.652 -3.224  1.00 1.10 ? 7  LEU A HD21 1  
ATOM 99   H HD22 . LEU A 1 7  ? -1.074 -3.829 -1.773  1.00 1.28 ? 7  LEU A HD22 1  
ATOM 100  H HD23 . LEU A 1 7  ? -0.718 -5.236 -2.778  1.00 1.11 ? 7  LEU A HD23 1  
ATOM 101  N N    . LEU A 1 8  ? 1.620  -0.477 0.668   1.00 0.27 ? 8  LEU A N    1  
ATOM 102  C CA   . LEU A 1 8  ? 2.267  0.334  1.704   1.00 0.32 ? 8  LEU A CA   1  
ATOM 103  C C    . LEU A 1 8  ? 1.316  0.545  2.866   1.00 0.26 ? 8  LEU A C    1  
ATOM 104  O O    . LEU A 1 8  ? 1.696  0.442  4.030   1.00 0.32 ? 8  LEU A O    1  
ATOM 105  C CB   . LEU A 1 8  ? 2.680  1.694  1.151   1.00 0.46 ? 8  LEU A CB   1  
ATOM 106  C CG   . LEU A 1 8  ? 3.383  1.652  -0.194  1.00 0.61 ? 8  LEU A CG   1  
ATOM 107  C CD1  . LEU A 1 8  ? 3.664  3.060  -0.696  1.00 1.00 ? 8  LEU A CD1  1  
ATOM 108  C CD2  . LEU A 1 8  ? 4.670  0.848  -0.106  1.00 0.93 ? 8  LEU A CD2  1  
ATOM 109  H H    . LEU A 1 8  ? 1.550  -0.125 -0.248  1.00 0.28 ? 8  LEU A H    1  
ATOM 110  H HA   . LEU A 1 8  ? 3.144  -0.195 2.050   1.00 0.37 ? 8  LEU A HA   1  
ATOM 111  H HB2  . LEU A 1 8  ? 1.793  2.303  1.053   1.00 0.83 ? 8  LEU A HB2  1  
ATOM 112  H HB3  . LEU A 1 8  ? 3.341  2.162  1.863   1.00 0.72 ? 8  LEU A HB3  1  
ATOM 113  H HG   . LEU A 1 8  ? 2.727  1.160  -0.902  1.00 0.62 ? 8  LEU A HG   1  
ATOM 114  H HD11 . LEU A 1 8  ? 4.344  3.553  -0.017  1.00 1.39 ? 8  LEU A HD11 1  
ATOM 115  H HD12 . LEU A 1 8  ? 2.741  3.616  -0.745  1.00 1.35 ? 8  LEU A HD12 1  
ATOM 116  H HD13 . LEU A 1 8  ? 4.110  3.011  -1.679  1.00 1.70 ? 8  LEU A HD13 1  
ATOM 117  H HD21 . LEU A 1 8  ? 5.316  1.283  0.643   1.00 1.45 ? 8  LEU A HD21 1  
ATOM 118  H HD22 . LEU A 1 8  ? 5.171  0.862  -1.063  1.00 1.50 ? 8  LEU A HD22 1  
ATOM 119  H HD23 . LEU A 1 8  ? 4.441  -0.171 0.165   1.00 1.40 ? 8  LEU A HD23 1  
ATOM 120  N N    . LYS A 1 9  ? 0.064  0.797  2.531   1.00 0.25 ? 9  LYS A N    1  
ATOM 121  C CA   . LYS A 1 9  ? -0.955 1.057  3.530   1.00 0.29 ? 9  LYS A CA   1  
ATOM 122  C C    . LYS A 1 9  ? -1.450 -0.259 4.091   1.00 0.23 ? 9  LYS A C    1  
ATOM 123  O O    . LYS A 1 9  ? -1.988 -0.323 5.197   1.00 0.29 ? 9  LYS A O    1  
ATOM 124  C CB   . LYS A 1 9  ? -2.114 1.855  2.926   1.00 0.43 ? 9  LYS A CB   1  
ATOM 125  C CG   . LYS A 1 9  ? -1.725 3.257  2.488   1.00 0.70 ? 9  LYS A CG   1  
ATOM 126  C CD   . LYS A 1 9  ? -2.911 4.012  1.911   1.00 1.33 ? 9  LYS A CD   1  
ATOM 127  C CE   . LYS A 1 9  ? -2.570 5.467  1.628   1.00 1.67 ? 9  LYS A CE   1  
ATOM 128  N NZ   . LYS A 1 9  ? -1.505 5.606  0.600   1.00 2.34 ? 9  LYS A NZ   1  
ATOM 129  H H    . LYS A 1 9  ? -0.189 0.770  1.584   1.00 0.28 ? 9  LYS A H    1  
ATOM 130  H HA   . LYS A 1 9  ? -0.505 1.631  4.325   1.00 0.34 ? 9  LYS A HA   1  
ATOM 131  H HB2  . LYS A 1 9  ? -2.490 1.323  2.063   1.00 0.72 ? 9  LYS A HB2  1  
ATOM 132  H HB3  . LYS A 1 9  ? -2.902 1.935  3.660   1.00 0.70 ? 9  LYS A HB3  1  
ATOM 133  H HG2  . LYS A 1 9  ? -1.346 3.798  3.341   1.00 1.23 ? 9  LYS A HG2  1  
ATOM 134  H HG3  . LYS A 1 9  ? -0.954 3.185  1.734   1.00 1.38 ? 9  LYS A HG3  1  
ATOM 135  H HD2  . LYS A 1 9  ? -3.210 3.537  0.989   1.00 1.99 ? 9  LYS A HD2  1  
ATOM 136  H HD3  . LYS A 1 9  ? -3.727 3.972  2.618   1.00 2.00 ? 9  LYS A HD3  1  
ATOM 137  H HE2  . LYS A 1 9  ? -3.460 5.969  1.280   1.00 2.13 ? 9  LYS A HE2  1  
ATOM 138  H HE3  . LYS A 1 9  ? -2.234 5.929  2.545   1.00 2.02 ? 9  LYS A HE3  1  
ATOM 139  H HZ1  . LYS A 1 9  ? -1.214 6.606  0.518   1.00 2.81 ? 9  LYS A HZ1  1  
ATOM 140  H HZ2  . LYS A 1 9  ? -1.858 5.287  -0.324  1.00 2.83 ? 9  LYS A HZ2  1  
ATOM 141  H HZ3  . LYS A 1 9  ? -0.678 5.036  0.859   1.00 2.57 ? 9  LYS A HZ3  1  
ATOM 142  N N    . ASN A 1 10 ? -1.226 -1.317 3.326   1.00 0.23 ? 10 ASN A N    1  
ATOM 143  C CA   . ASN A 1 10 ? -1.615 -2.656 3.749   1.00 0.29 ? 10 ASN A CA   1  
ATOM 144  C C    . ASN A 1 10 ? -0.667 -3.155 4.828   1.00 0.26 ? 10 ASN A C    1  
ATOM 145  O O    . ASN A 1 10 ? -1.044 -3.950 5.690   1.00 0.39 ? 10 ASN A O    1  
ATOM 146  C CB   . ASN A 1 10 ? -1.599 -3.626 2.565   1.00 0.38 ? 10 ASN A CB   1  
ATOM 147  C CG   . ASN A 1 10 ? -2.278 -4.945 2.888   1.00 1.09 ? 10 ASN A CG   1  
ATOM 148  O OD1  . ASN A 1 10 ? -3.196 -5.001 3.706   1.00 1.63 ? 10 ASN A OD1  1  
ATOM 149  N ND2  . ASN A 1 10 ? -1.838 -6.016 2.240   1.00 2.03 ? 10 ASN A ND2  1  
ATOM 150  H H    . ASN A 1 10 ? -0.781 -1.190 2.451   1.00 0.26 ? 10 ASN A H    1  
ATOM 151  H HA   . ASN A 1 10 ? -2.615 -2.604 4.153   1.00 0.35 ? 10 ASN A HA   1  
ATOM 152  H HB2  . ASN A 1 10 ? -2.102 -3.173 1.727   1.00 0.82 ? 10 ASN A HB2  1  
ATOM 153  H HB3  . ASN A 1 10 ? -0.575 -3.832 2.295   1.00 0.97 ? 10 ASN A HB3  1  
ATOM 154  H HD21 . ASN A 1 10 ? -1.107 -5.904 1.598   1.00 2.37 ? 10 ASN A HD21 1  
ATOM 155  H HD22 . ASN A 1 10 ? -2.271 -6.877 2.426   1.00 2.64 ? 10 ASN A HD22 1  
ATOM 156  N N    . TYR A 1 11 ? 0.574  -2.688 4.770   1.00 0.22 ? 11 TYR A N    1  
ATOM 157  C CA   . TYR A 1 11 ? 1.578  -3.069 5.750   1.00 0.32 ? 11 TYR A CA   1  
ATOM 158  C C    . TYR A 1 11 ? 1.562  -2.135 6.951   1.00 0.32 ? 11 TYR A C    1  
ATOM 159  O O    . TYR A 1 11 ? 1.889  -2.538 8.068   1.00 0.43 ? 11 TYR A O    1  
ATOM 160  C CB   . TYR A 1 11 ? 2.965  -3.088 5.113   1.00 0.47 ? 11 TYR A CB   1  
ATOM 161  C CG   . TYR A 1 11 ? 3.222  -4.296 4.240   1.00 0.66 ? 11 TYR A CG   1  
ATOM 162  C CD1  . TYR A 1 11 ? 3.563  -5.520 4.799   1.00 1.18 ? 11 TYR A CD1  1  
ATOM 163  C CD2  . TYR A 1 11 ? 3.126  -4.211 2.860   1.00 1.62 ? 11 TYR A CD2  1  
ATOM 164  C CE1  . TYR A 1 11 ? 3.803  -6.623 4.004   1.00 1.27 ? 11 TYR A CE1  1  
ATOM 165  C CE2  . TYR A 1 11 ? 3.362  -5.308 2.058   1.00 1.80 ? 11 TYR A CE2  1  
ATOM 166  C CZ   . TYR A 1 11 ? 3.699  -6.513 2.634   1.00 1.13 ? 11 TYR A CZ   1  
ATOM 167  O OH   . TYR A 1 11 ? 3.939  -7.609 1.838   1.00 1.38 ? 11 TYR A OH   1  
ATOM 168  H H    . TYR A 1 11 ? 0.823  -2.076 4.037   1.00 0.22 ? 11 TYR A H    1  
ATOM 169  H HA   . TYR A 1 11 ? 1.338  -4.060 6.088   1.00 0.41 ? 11 TYR A HA   1  
ATOM 170  H HB2  . TYR A 1 11 ? 3.082  -2.207 4.499   1.00 0.50 ? 11 TYR A HB2  1  
ATOM 171  H HB3  . TYR A 1 11 ? 3.706  -3.075 5.890   1.00 0.54 ? 11 TYR A HB3  1  
ATOM 172  H HD1  . TYR A 1 11 ? 3.644  -5.604 5.871   1.00 1.99 ? 11 TYR A HD1  1  
ATOM 173  H HD2  . TYR A 1 11 ? 2.861  -3.266 2.409   1.00 2.43 ? 11 TYR A HD2  1  
ATOM 174  H HE1  . TYR A 1 11 ? 4.067  -7.567 4.454   1.00 2.04 ? 11 TYR A HE1  1  
ATOM 175  H HE2  . TYR A 1 11 ? 3.278  -5.219 0.984   1.00 2.70 ? 11 TYR A HE2  1  
ATOM 176  H HH   . TYR A 1 11 ? 4.441  -7.333 1.060   1.00 1.62 ? 11 TYR A HH   1  
ATOM 177  N N    . MET A 1 12 ? 1.178  -0.893 6.717   1.00 0.30 ? 12 MET A N    1  
ATOM 178  C CA   . MET A 1 12 ? 1.098  0.097  7.785   1.00 0.41 ? 12 MET A CA   1  
ATOM 179  C C    . MET A 1 12 ? -0.052 -0.220 8.730   1.00 0.43 ? 12 MET A C    1  
ATOM 180  O O    . MET A 1 12 ? 0.116  -0.225 9.947   1.00 0.72 ? 12 MET A O    1  
ATOM 181  C CB   . MET A 1 12 ? 0.926  1.503  7.209   1.00 0.49 ? 12 MET A CB   1  
ATOM 182  C CG   . MET A 1 12 ? 2.198  2.077  6.608   1.00 1.05 ? 12 MET A CG   1  
ATOM 183  S SD   . MET A 1 12 ? 3.478  2.372  7.845   1.00 2.19 ? 12 MET A SD   1  
ATOM 184  C CE   . MET A 1 12 ? 4.782  3.055  6.823   1.00 2.67 ? 12 MET A CE   1  
ATOM 185  H H    . MET A 1 12 ? 0.939  -0.637 5.803   1.00 0.29 ? 12 MET A H    1  
ATOM 186  H HA   . MET A 1 12 ? 2.023  0.057  8.340   1.00 0.51 ? 12 MET A HA   1  
ATOM 187  H HB2  . MET A 1 12 ? 0.171  1.472  6.438   1.00 0.98 ? 12 MET A HB2  1  
ATOM 188  H HB3  . MET A 1 12 ? 0.596  2.164  7.996   1.00 0.96 ? 12 MET A HB3  1  
ATOM 189  H HG2  . MET A 1 12 ? 2.580  1.382  5.876   1.00 1.46 ? 12 MET A HG2  1  
ATOM 190  H HG3  . MET A 1 12 ? 1.962  3.011  6.125   1.00 1.56 ? 12 MET A HG3  1  
ATOM 191  H HE1  . MET A 1 12 ? 4.429  3.954  6.339   1.00 2.75 ? 12 MET A HE1  1  
ATOM 192  H HE2  . MET A 1 12 ? 5.070  2.332  6.074   1.00 3.10 ? 12 MET A HE2  1  
ATOM 193  H HE3  . MET A 1 12 ? 5.637  3.293  7.441   1.00 3.13 ? 12 MET A HE3  1  
ATOM 194  N N    . GLN A 1 13 ? -1.219 -0.489 8.166   1.00 0.55 ? 13 GLN A N    1  
ATOM 195  C CA   . GLN A 1 13 ? -2.384 -0.820 8.964   1.00 0.68 ? 13 GLN A CA   1  
ATOM 196  C C    . GLN A 1 13 ? -2.676 -2.310 8.872   1.00 1.50 ? 13 GLN A C    1  
ATOM 197  O O    . GLN A 1 13 ? -2.034 -3.089 9.607   1.00 2.06 ? 13 GLN A O    1  
ATOM 198  C CB   . GLN A 1 13 ? -3.596 -0.006 8.508   1.00 1.81 ? 13 GLN A CB   1  
ATOM 199  C CG   . GLN A 1 13 ? -3.391 1.499  8.619   1.00 2.51 ? 13 GLN A CG   1  
ATOM 200  C CD   . GLN A 1 13 ? -4.621 2.299  8.236   1.00 3.58 ? 13 GLN A CD   1  
ATOM 201  O OE1  . GLN A 1 13 ? -4.855 3.385  8.769   1.00 4.21 ? 13 GLN A OE1  1  
ATOM 202  N NE2  . GLN A 1 13 ? -5.413 1.781  7.309   1.00 4.23 ? 13 GLN A NE2  1  
ATOM 203  O OXT  . GLN A 1 13 ? -3.546 -2.702 8.069   1.00 2.41 ? 13 GLN A OXT  1  
ATOM 204  H H    . GLN A 1 13 ? -1.297 -0.478 7.187   1.00 0.77 ? 13 GLN A H    1  
ATOM 205  H HA   . GLN A 1 13 ? -2.159 -0.572 9.991   1.00 0.93 ? 13 GLN A HA   1  
ATOM 206  H HB2  . GLN A 1 13 ? -3.806 -0.244 7.478   1.00 2.22 ? 13 GLN A HB2  1  
ATOM 207  H HB3  . GLN A 1 13 ? -4.447 -0.278 9.114   1.00 2.46 ? 13 GLN A HB3  1  
ATOM 208  H HG2  . GLN A 1 13 ? -3.132 1.736  9.639   1.00 2.90 ? 13 GLN A HG2  1  
ATOM 209  H HG3  . GLN A 1 13 ? -2.578 1.784  7.969   1.00 2.55 ? 13 GLN A HG3  1  
ATOM 210  H HE21 . GLN A 1 13 ? -5.167 0.914  6.919   1.00 4.12 ? 13 GLN A HE21 1  
ATOM 211  H HE22 . GLN A 1 13 ? -6.213 2.284  7.050   1.00 5.04 ? 13 GLN A HE22 1  
ATOM 212  N N    . GLU A 1 1  ? -1.456 6.541  -8.986  1.00 2.99 ? 1  GLU A N    2  
ATOM 213  C CA   . GLU A 1 1  ? -0.866 5.565  -8.044  1.00 2.81 ? 1  GLU A CA   2  
ATOM 214  C C    . GLU A 1 1  ? -1.181 4.153  -8.510  1.00 2.28 ? 1  GLU A C    2  
ATOM 215  O O    . GLU A 1 1  ? -2.033 3.961  -9.378  1.00 2.31 ? 1  GLU A O    2  
ATOM 216  C CB   . GLU A 1 1  ? -1.397 5.776  -6.618  1.00 3.76 ? 1  GLU A CB   2  
ATOM 217  C CG   . GLU A 1 1  ? -0.969 7.091  -5.975  1.00 4.49 ? 1  GLU A CG   2  
ATOM 218  C CD   . GLU A 1 1  ? -1.604 8.302  -6.626  1.00 5.49 ? 1  GLU A CD   2  
ATOM 219  O OE1  . GLU A 1 1  ? -1.059 8.792  -7.634  1.00 5.92 ? 1  GLU A OE1  2  
ATOM 220  O OE2  . GLU A 1 1  ? -2.664 8.757  -6.148  1.00 6.11 ? 1  GLU A OE2  2  
ATOM 221  H H1   . GLU A 1 1  ? -1.057 6.406  -9.936  1.00 3.34 ? 1  GLU A H1   2  
ATOM 222  H H2   . GLU A 1 1  ? -1.256 7.515  -8.670  1.00 3.19 ? 1  GLU A H2   2  
ATOM 223  H H3   . GLU A 1 1  ? -2.488 6.411  -9.034  1.00 3.20 ? 1  GLU A H3   2  
ATOM 224  H HA   . GLU A 1 1  ? 0.205  5.701  -8.048  1.00 2.95 ? 1  GLU A HA   2  
ATOM 225  H HB2  . GLU A 1 1  ? -2.477 5.750  -6.645  1.00 4.04 ? 1  GLU A HB2  2  
ATOM 226  H HB3  . GLU A 1 1  ? -1.043 4.965  -5.998  1.00 4.15 ? 1  GLU A HB3  2  
ATOM 227  H HG2  . GLU A 1 1  ? -1.249 7.074  -4.935  1.00 4.61 ? 1  GLU A HG2  2  
ATOM 228  H HG3  . GLU A 1 1  ? 0.105  7.182  -6.055  1.00 4.61 ? 1  GLU A HG3  2  
ATOM 229  N N    . ASP A 1 2  ? -0.501 3.169  -7.936  1.00 1.88 ? 2  ASP A N    2  
ATOM 230  C CA   . ASP A 1 2  ? -0.669 1.789  -8.350  1.00 1.47 ? 2  ASP A CA   2  
ATOM 231  C C    . ASP A 1 2  ? -0.655 0.890  -7.113  1.00 0.94 ? 2  ASP A C    2  
ATOM 232  O O    . ASP A 1 2  ? -0.481 1.407  -6.007  1.00 0.97 ? 2  ASP A O    2  
ATOM 233  C CB   . ASP A 1 2  ? 0.452  1.409  -9.327  1.00 1.70 ? 2  ASP A CB   2  
ATOM 234  C CG   . ASP A 1 2  ? 1.780  1.170  -8.641  1.00 2.34 ? 2  ASP A CG   2  
ATOM 235  O OD1  . ASP A 1 2  ? 2.545  2.143  -8.465  1.00 3.05 ? 2  ASP A OD1  2  
ATOM 236  O OD2  . ASP A 1 2  ? 2.065  0.012  -8.282  1.00 2.80 ? 2  ASP A OD2  2  
ATOM 237  H H    . ASP A 1 2  ? 0.129  3.372  -7.208  1.00 1.92 ? 2  ASP A H    2  
ATOM 238  H HA   . ASP A 1 2  ? -1.623 1.698  -8.843  1.00 1.60 ? 2  ASP A HA   2  
ATOM 239  H HB2  . ASP A 1 2  ? 0.176  0.511  -9.853  1.00 2.22 ? 2  ASP A HB2  2  
ATOM 240  H HB3  . ASP A 1 2  ? 0.579  2.210  -10.041 1.00 1.83 ? 2  ASP A HB3  2  
ATOM 241  N N    . PRO A 1 3  ? -0.851 -0.444 -7.256  1.00 0.76 ? 3  PRO A N    2  
ATOM 242  C CA   . PRO A 1 3  ? -0.823 -1.378 -6.118  1.00 0.71 ? 3  PRO A CA   2  
ATOM 243  C C    . PRO A 1 3  ? 0.335  -1.138 -5.147  1.00 0.55 ? 3  PRO A C    2  
ATOM 244  O O    . PRO A 1 3  ? 0.195  -1.366 -3.945  1.00 0.77 ? 3  PRO A O    2  
ATOM 245  C CB   . PRO A 1 3  ? -0.678 -2.735 -6.798  1.00 1.10 ? 3  PRO A CB   2  
ATOM 246  C CG   . PRO A 1 3  ? -1.404 -2.575 -8.084  1.00 1.21 ? 3  PRO A CG   2  
ATOM 247  C CD   . PRO A 1 3  ? -1.153 -1.155 -8.522  1.00 1.11 ? 3  PRO A CD   2  
ATOM 248  H HA   . PRO A 1 3  ? -1.755 -1.351 -5.571  1.00 0.99 ? 3  PRO A HA   2  
ATOM 249  H HB2  . PRO A 1 3  ? 0.369  -2.953 -6.956  1.00 1.23 ? 3  PRO A HB2  2  
ATOM 250  H HB3  . PRO A 1 3  ? -1.126 -3.503 -6.183  1.00 1.44 ? 3  PRO A HB3  2  
ATOM 251  H HG2  . PRO A 1 3  ? -1.016 -3.268 -8.815  1.00 1.61 ? 3  PRO A HG2  2  
ATOM 252  H HG3  . PRO A 1 3  ? -2.460 -2.738 -7.933  1.00 1.40 ? 3  PRO A HG3  2  
ATOM 253  H HD2  . PRO A 1 3  ? -0.312 -1.119 -9.194  1.00 1.49 ? 3  PRO A HD2  2  
ATOM 254  H HD3  . PRO A 1 3  ? -2.034 -0.745 -8.993  1.00 1.31 ? 3  PRO A HD3  2  
ATOM 255  N N    . ALA A 1 4  ? 1.466  -0.655 -5.658  1.00 0.46 ? 4  ALA A N    2  
ATOM 256  C CA   . ALA A 1 4  ? 2.636  -0.399 -4.825  1.00 0.52 ? 4  ALA A CA   2  
ATOM 257  C C    . ALA A 1 4  ? 2.322  0.582  -3.697  1.00 0.41 ? 4  ALA A C    2  
ATOM 258  O O    . ALA A 1 4  ? 2.914  0.515  -2.617  1.00 0.59 ? 4  ALA A O    2  
ATOM 259  C CB   . ALA A 1 4  ? 3.791  0.121  -5.666  1.00 0.75 ? 4  ALA A CB   2  
ATOM 260  H H    . ALA A 1 4  ? 1.514  -0.460 -6.626  1.00 0.62 ? 4  ALA A H    2  
ATOM 261  H HA   . ALA A 1 4  ? 2.935  -1.334 -4.392  1.00 0.64 ? 4  ALA A HA   2  
ATOM 262  H HB1  . ALA A 1 4  ? 4.007  -0.584 -6.455  1.00 1.31 ? 4  ALA A HB1  2  
ATOM 263  H HB2  . ALA A 1 4  ? 4.664  0.240  -5.041  1.00 1.34 ? 4  ALA A HB2  2  
ATOM 264  H HB3  . ALA A 1 4  ? 3.523  1.074  -6.097  1.00 1.17 ? 4  ALA A HB3  2  
ATOM 265  N N    . VAL A 1 5  ? 1.375  1.476  -3.947  1.00 0.29 ? 5  VAL A N    2  
ATOM 266  C CA   . VAL A 1 5  ? 0.987  2.478  -2.966  1.00 0.38 ? 5  VAL A CA   2  
ATOM 267  C C    . VAL A 1 5  ? -0.062 1.912  -2.007  1.00 0.40 ? 5  VAL A C    2  
ATOM 268  O O    . VAL A 1 5  ? -0.219 2.385  -0.883  1.00 0.59 ? 5  VAL A O    2  
ATOM 269  C CB   . VAL A 1 5  ? 0.438  3.749  -3.652  1.00 0.53 ? 5  VAL A CB   2  
ATOM 270  C CG1  . VAL A 1 5  ? 0.178  4.853  -2.638  1.00 0.76 ? 5  VAL A CG1  2  
ATOM 271  C CG2  . VAL A 1 5  ? 1.401  4.228  -4.729  1.00 0.56 ? 5  VAL A CG2  2  
ATOM 272  H H    . VAL A 1 5  ? 0.920  1.458  -4.820  1.00 0.33 ? 5  VAL A H    2  
ATOM 273  H HA   . VAL A 1 5  ? 1.867  2.749  -2.400  1.00 0.47 ? 5  VAL A HA   2  
ATOM 274  H HB   . VAL A 1 5  ? -0.498 3.498  -4.128  1.00 0.54 ? 5  VAL A HB   2  
ATOM 275  H HG11 . VAL A 1 5  ? -0.541 4.510  -1.908  1.00 1.32 ? 5  VAL A HG11 2  
ATOM 276  H HG12 . VAL A 1 5  ? -0.213 5.722  -3.146  1.00 0.93 ? 5  VAL A HG12 2  
ATOM 277  H HG13 . VAL A 1 5  ? 1.101  5.110  -2.141  1.00 1.39 ? 5  VAL A HG13 2  
ATOM 278  H HG21 . VAL A 1 5  ? 0.996  5.104  -5.209  1.00 1.14 ? 5  VAL A HG21 2  
ATOM 279  H HG22 . VAL A 1 5  ? 1.540  3.446  -5.462  1.00 1.16 ? 5  VAL A HG22 2  
ATOM 280  H HG23 . VAL A 1 5  ? 2.353  4.470  -4.278  1.00 1.20 ? 5  VAL A HG23 2  
ATOM 281  N N    . ASP A 1 6  ? -0.765 0.881  -2.452  1.00 0.29 ? 6  ASP A N    2  
ATOM 282  C CA   . ASP A 1 6  ? -1.786 0.242  -1.627  1.00 0.33 ? 6  ASP A CA   2  
ATOM 283  C C    . ASP A 1 6  ? -1.147 -0.783 -0.700  1.00 0.30 ? 6  ASP A C    2  
ATOM 284  O O    . ASP A 1 6  ? -1.527 -0.905 0.463   1.00 0.35 ? 6  ASP A O    2  
ATOM 285  C CB   . ASP A 1 6  ? -2.845 -0.433 -2.501  1.00 0.42 ? 6  ASP A CB   2  
ATOM 286  C CG   . ASP A 1 6  ? -4.030 -0.936 -1.697  1.00 1.27 ? 6  ASP A CG   2  
ATOM 287  O OD1  . ASP A 1 6  ? -4.993 -0.162 -1.505  1.00 2.21 ? 6  ASP A OD1  2  
ATOM 288  O OD2  . ASP A 1 6  ? -4.014 -2.106 -1.260  1.00 1.82 ? 6  ASP A OD2  2  
ATOM 289  H H    . ASP A 1 6  ? -0.593 0.537  -3.353  1.00 0.28 ? 6  ASP A H    2  
ATOM 290  H HA   . ASP A 1 6  ? -2.255 1.006  -1.027  1.00 0.37 ? 6  ASP A HA   2  
ATOM 291  H HB2  . ASP A 1 6  ? -3.205 0.276  -3.231  1.00 0.80 ? 6  ASP A HB2  2  
ATOM 292  H HB3  . ASP A 1 6  ? -2.399 -1.273 -3.011  1.00 1.07 ? 6  ASP A HB3  2  
ATOM 293  N N    . LEU A 1 7  ? -0.163 -1.509 -1.219  1.00 0.27 ? 7  LEU A N    2  
ATOM 294  C CA   . LEU A 1 7  ? 0.548  -2.516 -0.441  1.00 0.30 ? 7  LEU A CA   2  
ATOM 295  C C    . LEU A 1 7  ? 1.115  -1.930 0.845   1.00 0.25 ? 7  LEU A C    2  
ATOM 296  O O    . LEU A 1 7  ? 0.966  -2.517 1.914   1.00 0.26 ? 7  LEU A O    2  
ATOM 297  C CB   . LEU A 1 7  ? 1.669  -3.142 -1.275  1.00 0.38 ? 7  LEU A CB   2  
ATOM 298  C CG   . LEU A 1 7  ? 1.298  -4.433 -2.017  1.00 0.52 ? 7  LEU A CG   2  
ATOM 299  C CD1  . LEU A 1 7  ? 1.122  -5.582 -1.037  1.00 0.62 ? 7  LEU A CD1  2  
ATOM 300  C CD2  . LEU A 1 7  ? 0.033  -4.246 -2.839  1.00 0.56 ? 7  LEU A CD2  2  
ATOM 301  H H    . LEU A 1 7  ? 0.082  -1.373 -2.163  1.00 0.27 ? 7  LEU A H    2  
ATOM 302  H HA   . LEU A 1 7  ? -0.160 -3.287 -0.181  1.00 0.38 ? 7  LEU A HA   2  
ATOM 303  H HB2  . LEU A 1 7  ? 1.992  -2.413 -2.006  1.00 0.37 ? 7  LEU A HB2  2  
ATOM 304  H HB3  . LEU A 1 7  ? 2.498  -3.358 -0.619  1.00 0.40 ? 7  LEU A HB3  2  
ATOM 305  H HG   . LEU A 1 7  ? 2.099  -4.690 -2.693  1.00 0.59 ? 7  LEU A HG   2  
ATOM 306  H HD11 . LEU A 1 7  ? 2.048  -5.747 -0.507  1.00 0.98 ? 7  LEU A HD11 2  
ATOM 307  H HD12 . LEU A 1 7  ? 0.852  -6.476 -1.577  1.00 1.34 ? 7  LEU A HD12 2  
ATOM 308  H HD13 . LEU A 1 7  ? 0.343  -5.338 -0.331  1.00 1.26 ? 7  LEU A HD13 2  
ATOM 309  H HD21 . LEU A 1 7  ? 0.187  -3.459 -3.565  1.00 1.10 ? 7  LEU A HD21 2  
ATOM 310  H HD22 . LEU A 1 7  ? -0.785 -3.975 -2.187  1.00 1.28 ? 7  LEU A HD22 2  
ATOM 311  H HD23 . LEU A 1 7  ? -0.203 -5.167 -3.351  1.00 1.11 ? 7  LEU A HD23 2  
ATOM 312  N N    . LEU A 1 8  ? 1.728  -0.757 0.750   1.00 0.27 ? 8  LEU A N    2  
ATOM 313  C CA   . LEU A 1 8  ? 2.317  -0.117 1.919   1.00 0.32 ? 8  LEU A CA   2  
ATOM 314  C C    . LEU A 1 8  ? 1.243  0.231  2.948   1.00 0.26 ? 8  LEU A C    2  
ATOM 315  O O    . LEU A 1 8  ? 1.510  0.255  4.145   1.00 0.32 ? 8  LEU A O    2  
ATOM 316  C CB   . LEU A 1 8  ? 3.127  1.124  1.513   1.00 0.46 ? 8  LEU A CB   2  
ATOM 317  C CG   . LEU A 1 8  ? 2.361  2.231  0.780   1.00 0.61 ? 8  LEU A CG   2  
ATOM 318  C CD1  . LEU A 1 8  ? 1.738  3.212  1.765   1.00 1.00 ? 8  LEU A CD1  2  
ATOM 319  C CD2  . LEU A 1 8  ? 3.281  2.963  -0.184  1.00 0.93 ? 8  LEU A CD2  2  
ATOM 320  H H    . LEU A 1 8  ? 1.789  -0.315 -0.123  1.00 0.28 ? 8  LEU A H    2  
ATOM 321  H HA   . LEU A 1 8  ? 2.990  -0.834 2.367   1.00 0.37 ? 8  LEU A HA   2  
ATOM 322  H HB2  . LEU A 1 8  ? 3.554  1.551  2.408   1.00 0.83 ? 8  LEU A HB2  2  
ATOM 323  H HB3  . LEU A 1 8  ? 3.935  0.799  0.875   1.00 0.72 ? 8  LEU A HB3  2  
ATOM 324  H HG   . LEU A 1 8  ? 1.563  1.785  0.205   1.00 0.62 ? 8  LEU A HG   2  
ATOM 325  H HD11 . LEU A 1 8  ? 1.199  3.974  1.220   1.00 1.39 ? 8  LEU A HD11 2  
ATOM 326  H HD12 . LEU A 1 8  ? 2.516  3.675  2.354   1.00 1.35 ? 8  LEU A HD12 2  
ATOM 327  H HD13 . LEU A 1 8  ? 1.057  2.684  2.415   1.00 1.70 ? 8  LEU A HD13 2  
ATOM 328  H HD21 . LEU A 1 8  ? 3.644  2.270  -0.930  1.00 1.45 ? 8  LEU A HD21 2  
ATOM 329  H HD22 . LEU A 1 8  ? 4.117  3.375  0.362   1.00 1.50 ? 8  LEU A HD22 2  
ATOM 330  H HD23 . LEU A 1 8  ? 2.736  3.761  -0.666  1.00 1.40 ? 8  LEU A HD23 2  
ATOM 331  N N    . LYS A 1 9  ? 0.020  0.458  2.479   1.00 0.25 ? 9  LYS A N    2  
ATOM 332  C CA   . LYS A 1 9  ? -1.090 0.777  3.372   1.00 0.29 ? 9  LYS A CA   2  
ATOM 333  C C    . LYS A 1 9  ? -1.523 -0.473 4.119   1.00 0.23 ? 9  LYS A C    2  
ATOM 334  O O    . LYS A 1 9  ? -1.997 -0.408 5.252   1.00 0.29 ? 9  LYS A O    2  
ATOM 335  C CB   . LYS A 1 9  ? -2.275 1.346  2.590   1.00 0.43 ? 9  LYS A CB   2  
ATOM 336  C CG   . LYS A 1 9  ? -1.953 2.620  1.831   1.00 0.70 ? 9  LYS A CG   2  
ATOM 337  C CD   . LYS A 1 9  ? -3.187 3.172  1.136   1.00 1.33 ? 9  LYS A CD   2  
ATOM 338  C CE   . LYS A 1 9  ? -2.852 4.383  0.284   1.00 1.67 ? 9  LYS A CE   2  
ATOM 339  N NZ   . LYS A 1 9  ? -4.067 4.987  -0.321  1.00 2.34 ? 9  LYS A NZ   2  
ATOM 340  H H    . LYS A 1 9  ? -0.144 0.392  1.515   1.00 0.28 ? 9  LYS A H    2  
ATOM 341  H HA   . LYS A 1 9  ? -0.746 1.511  4.086   1.00 0.34 ? 9  LYS A HA   2  
ATOM 342  H HB2  . LYS A 1 9  ? -2.609 0.606  1.880   1.00 0.72 ? 9  LYS A HB2  2  
ATOM 343  H HB3  . LYS A 1 9  ? -3.078 1.557  3.282   1.00 0.70 ? 9  LYS A HB3  2  
ATOM 344  H HG2  . LYS A 1 9  ? -1.579 3.360  2.524   1.00 1.23 ? 9  LYS A HG2  2  
ATOM 345  H HG3  . LYS A 1 9  ? -1.198 2.402  1.088   1.00 1.38 ? 9  LYS A HG3  2  
ATOM 346  H HD2  . LYS A 1 9  ? -3.604 2.402  0.503   1.00 1.99 ? 9  LYS A HD2  2  
ATOM 347  H HD3  . LYS A 1 9  ? -3.911 3.457  1.885   1.00 2.00 ? 9  LYS A HD3  2  
ATOM 348  H HE2  . LYS A 1 9  ? -2.363 5.119  0.903   1.00 2.13 ? 9  LYS A HE2  2  
ATOM 349  H HE3  . LYS A 1 9  ? -2.182 4.076  -0.506  1.00 2.02 ? 9  LYS A HE3  2  
ATOM 350  H HZ1  . LYS A 1 9  ? -4.573 4.282  -0.891  1.00 2.81 ? 9  LYS A HZ1  2  
ATOM 351  H HZ2  . LYS A 1 9  ? -3.803 5.783  -0.935  1.00 2.83 ? 9  LYS A HZ2  2  
ATOM 352  H HZ3  . LYS A 1 9  ? -4.704 5.338  0.424   1.00 2.57 ? 9  LYS A HZ3  2  
ATOM 353  N N    . ASN A 1 10 ? -1.353 -1.616 3.467   1.00 0.23 ? 10 ASN A N    2  
ATOM 354  C CA   . ASN A 1 10 ? -1.638 -2.903 4.084   1.00 0.29 ? 10 ASN A CA   2  
ATOM 355  C C    . ASN A 1 10 ? -0.610 -3.209 5.167   1.00 0.26 ? 10 ASN A C    2  
ATOM 356  O O    . ASN A 1 10 ? -0.914 -3.875 6.154   1.00 0.39 ? 10 ASN A O    2  
ATOM 357  C CB   . ASN A 1 10 ? -1.636 -4.022 3.035   1.00 0.38 ? 10 ASN A CB   2  
ATOM 358  C CG   . ASN A 1 10 ? -2.873 -4.017 2.153   1.00 1.09 ? 10 ASN A CG   2  
ATOM 359  O OD1  . ASN A 1 10 ? -3.870 -4.673 2.457   1.00 1.63 ? 10 ASN A OD1  2  
ATOM 360  N ND2  . ASN A 1 10 ? -2.819 -3.280 1.055   1.00 2.03 ? 10 ASN A ND2  2  
ATOM 361  H H    . ASN A 1 10 ? -1.030 -1.588 2.538   1.00 0.26 ? 10 ASN A H    2  
ATOM 362  H HA   . ASN A 1 10 ? -2.617 -2.846 4.536   1.00 0.35 ? 10 ASN A HA   2  
ATOM 363  H HB2  . ASN A 1 10 ? -0.769 -3.905 2.402   1.00 0.82 ? 10 ASN A HB2  2  
ATOM 364  H HB3  . ASN A 1 10 ? -1.578 -4.975 3.538   1.00 0.97 ? 10 ASN A HB3  2  
ATOM 365  H HD21 . ASN A 1 10 ? -1.998 -2.779 0.870   1.00 2.37 ? 10 ASN A HD21 2  
ATOM 366  H HD22 . ASN A 1 10 ? -3.606 -3.261 0.464   1.00 2.64 ? 10 ASN A HD22 2  
ATOM 367  N N    . TYR A 1 11 ? 0.604  -2.704 4.980   1.00 0.22 ? 11 TYR A N    2  
ATOM 368  C CA   . TYR A 1 11 ? 1.684  -2.923 5.931   1.00 0.32 ? 11 TYR A CA   2  
ATOM 369  C C    . TYR A 1 11 ? 1.664  -1.887 7.049   1.00 0.32 ? 11 TYR A C    2  
ATOM 370  O O    . TYR A 1 11 ? 2.257  -2.089 8.109   1.00 0.43 ? 11 TYR A O    2  
ATOM 371  C CB   . TYR A 1 11 ? 3.030  -2.897 5.212   1.00 0.47 ? 11 TYR A CB   2  
ATOM 372  C CG   . TYR A 1 11 ? 3.329  -4.155 4.432   1.00 0.66 ? 11 TYR A CG   2  
ATOM 373  C CD1  . TYR A 1 11 ? 3.815  -5.288 5.073   1.00 1.18 ? 11 TYR A CD1  2  
ATOM 374  C CD2  . TYR A 1 11 ? 3.132  -4.215 3.061   1.00 1.62 ? 11 TYR A CD2  2  
ATOM 375  C CE1  . TYR A 1 11 ? 4.095  -6.442 4.368   1.00 1.27 ? 11 TYR A CE1  2  
ATOM 376  C CE2  . TYR A 1 11 ? 3.407  -5.366 2.349   1.00 1.80 ? 11 TYR A CE2  2  
ATOM 377  C CZ   . TYR A 1 11 ? 3.889  -6.476 3.007   1.00 1.13 ? 11 TYR A CZ   2  
ATOM 378  O OH   . TYR A 1 11 ? 4.170  -7.624 2.301   1.00 1.38 ? 11 TYR A OH   2  
ATOM 379  H H    . TYR A 1 11 ? 0.783  -2.167 4.176   1.00 0.22 ? 11 TYR A H    2  
ATOM 380  H HA   . TYR A 1 11 ? 1.540  -3.898 6.365   1.00 0.41 ? 11 TYR A HA   2  
ATOM 381  H HB2  . TYR A 1 11 ? 3.042  -2.068 4.517   1.00 0.50 ? 11 TYR A HB2  2  
ATOM 382  H HB3  . TYR A 1 11 ? 3.810  -2.759 5.937   1.00 0.54 ? 11 TYR A HB3  2  
ATOM 383  H HD1  . TYR A 1 11 ? 3.975  -5.259 6.140   1.00 1.99 ? 11 TYR A HD1  2  
ATOM 384  H HD2  . TYR A 1 11 ? 2.753  -3.343 2.548   1.00 2.43 ? 11 TYR A HD2  2  
ATOM 385  H HE1  . TYR A 1 11 ? 4.472  -7.312 4.884   1.00 2.04 ? 11 TYR A HE1  2  
ATOM 386  H HE2  . TYR A 1 11 ? 3.246  -5.391 1.281   1.00 2.70 ? 11 TYR A HE2  2  
ATOM 387  H HH   . TYR A 1 11 ? 3.833  -8.390 2.790   1.00 1.62 ? 11 TYR A HH   2  
ATOM 388  N N    . MET A 1 12 ? 0.980  -0.783 6.807   1.00 0.30 ? 12 MET A N    2  
ATOM 389  C CA   . MET A 1 12 ? 0.840  0.270  7.807   1.00 0.41 ? 12 MET A CA   2  
ATOM 390  C C    . MET A 1 12 ? -0.453 0.090  8.587   1.00 0.43 ? 12 MET A C    2  
ATOM 391  O O    . MET A 1 12 ? -0.836 0.947  9.383   1.00 0.72 ? 12 MET A O    2  
ATOM 392  C CB   . MET A 1 12 ? 0.856  1.652  7.150   1.00 0.49 ? 12 MET A CB   2  
ATOM 393  C CG   . MET A 1 12 ? 2.203  2.036  6.562   1.00 1.05 ? 12 MET A CG   2  
ATOM 394  S SD   . MET A 1 12 ? 2.179  3.661  5.780   1.00 2.19 ? 12 MET A SD   2  
ATOM 395  C CE   . MET A 1 12 ? 3.876  3.783  5.219   1.00 2.67 ? 12 MET A CE   2  
ATOM 396  H H    . MET A 1 12 ? 0.559  -0.669 5.930   1.00 0.29 ? 12 MET A H    2  
ATOM 397  H HA   . MET A 1 12 ? 1.675  0.193  8.489   1.00 0.51 ? 12 MET A HA   2  
ATOM 398  H HB2  . MET A 1 12 ? 0.125  1.667  6.356   1.00 0.98 ? 12 MET A HB2  2  
ATOM 399  H HB3  . MET A 1 12 ? 0.585  2.389  7.889   1.00 0.96 ? 12 MET A HB3  2  
ATOM 400  H HG2  . MET A 1 12 ? 2.937  2.047  7.354   1.00 1.46 ? 12 MET A HG2  2  
ATOM 401  H HG3  . MET A 1 12 ? 2.482  1.300  5.823   1.00 1.56 ? 12 MET A HG3  2  
ATOM 402  H HE1  . MET A 1 12 ? 4.540  3.721  6.067   1.00 2.75 ? 12 MET A HE1  2  
ATOM 403  H HE2  . MET A 1 12 ? 4.021  4.727  4.717   1.00 3.10 ? 12 MET A HE2  2  
ATOM 404  H HE3  . MET A 1 12 ? 4.088  2.974  4.536   1.00 3.13 ? 12 MET A HE3  2  
ATOM 405  N N    . GLN A 1 13 ? -1.127 -1.022 8.347   1.00 0.55 ? 13 GLN A N    2  
ATOM 406  C CA   . GLN A 1 13 ? -2.391 -1.300 8.999   1.00 0.68 ? 13 GLN A CA   2  
ATOM 407  C C    . GLN A 1 13 ? -2.205 -2.343 10.094  1.00 1.50 ? 13 GLN A C    2  
ATOM 408  O O    . GLN A 1 13 ? -1.877 -1.949 11.231  1.00 2.06 ? 13 GLN A O    2  
ATOM 409  C CB   . GLN A 1 13 ? -3.418 -1.774 7.968   1.00 1.81 ? 13 GLN A CB   2  
ATOM 410  C CG   . GLN A 1 13 ? -4.810 -1.979 8.540   1.00 2.51 ? 13 GLN A CG   2  
ATOM 411  C CD   . GLN A 1 13 ? -5.819 -2.353 7.476   1.00 3.58 ? 13 GLN A CD   2  
ATOM 412  O OE1  . GLN A 1 13 ? -6.454 -1.484 6.878   1.00 4.21 ? 13 GLN A OE1  2  
ATOM 413  N NE2  . GLN A 1 13 ? -5.966 -3.642 7.230   1.00 4.23 ? 13 GLN A NE2  2  
ATOM 414  O OXT  . GLN A 1 13 ? -2.382 -3.546 9.817   1.00 2.41 ? 13 GLN A OXT  2  
ATOM 415  H H    . GLN A 1 13 ? -0.757 -1.674 7.719   1.00 0.77 ? 13 GLN A H    2  
ATOM 416  H HA   . GLN A 1 13 ? -2.741 -0.384 9.447   1.00 0.93 ? 13 GLN A HA   2  
ATOM 417  H HB2  . GLN A 1 13 ? -3.482 -1.041 7.178   1.00 2.22 ? 13 GLN A HB2  2  
ATOM 418  H HB3  . GLN A 1 13 ? -3.084 -2.713 7.548   1.00 2.46 ? 13 GLN A HB3  2  
ATOM 419  H HG2  . GLN A 1 13 ? -4.773 -2.769 9.273   1.00 2.90 ? 13 GLN A HG2  2  
ATOM 420  H HG3  . GLN A 1 13 ? -5.130 -1.063 9.013   1.00 2.55 ? 13 GLN A HG3  2  
ATOM 421  H HE21 . GLN A 1 13 ? -5.420 -4.277 7.743   1.00 4.12 ? 13 GLN A HE21 2  
ATOM 422  H HE22 . GLN A 1 13 ? -6.620 -3.914 6.549   1.00 5.04 ? 13 GLN A HE22 2  
ATOM 423  N N    . GLU A 1 1  ? -2.484 7.387  -5.224  1.00 2.99 ? 1  GLU A N    3  
ATOM 424  C CA   . GLU A 1 1  ? -2.314 6.022  -4.674  1.00 2.81 ? 1  GLU A CA   3  
ATOM 425  C C    . GLU A 1 1  ? -2.401 4.994  -5.796  1.00 2.28 ? 1  GLU A C    3  
ATOM 426  O O    . GLU A 1 1  ? -3.283 5.077  -6.651  1.00 2.31 ? 1  GLU A O    3  
ATOM 427  C CB   . GLU A 1 1  ? -3.399 5.740  -3.632  1.00 3.76 ? 1  GLU A CB   3  
ATOM 428  C CG   . GLU A 1 1  ? -3.495 6.797  -2.545  1.00 4.49 ? 1  GLU A CG   3  
ATOM 429  C CD   . GLU A 1 1  ? -2.291 6.818  -1.630  1.00 5.49 ? 1  GLU A CD   3  
ATOM 430  O OE1  . GLU A 1 1  ? -1.212 7.276  -2.063  1.00 5.92 ? 1  GLU A OE1  3  
ATOM 431  O OE2  . GLU A 1 1  ? -2.426 6.393  -0.462  1.00 6.11 ? 1  GLU A OE2  3  
ATOM 432  H H1   . GLU A 1 1  ? -2.457 8.088  -4.461  1.00 3.34 ? 1  GLU A H1   3  
ATOM 433  H H2   . GLU A 1 1  ? -3.395 7.463  -5.719  1.00 3.19 ? 1  GLU A H2   3  
ATOM 434  H H3   . GLU A 1 1  ? -1.722 7.597  -5.897  1.00 3.20 ? 1  GLU A H3   3  
ATOM 435  H HA   . GLU A 1 1  ? -1.342 5.957  -4.207  1.00 2.95 ? 1  GLU A HA   3  
ATOM 436  H HB2  . GLU A 1 1  ? -4.354 5.680  -4.133  1.00 4.04 ? 1  GLU A HB2  3  
ATOM 437  H HB3  . GLU A 1 1  ? -3.190 4.791  -3.163  1.00 4.15 ? 1  GLU A HB3  3  
ATOM 438  H HG2  . GLU A 1 1  ? -3.591 7.765  -3.010  1.00 4.61 ? 1  GLU A HG2  3  
ATOM 439  H HG3  . GLU A 1 1  ? -4.374 6.599  -1.950  1.00 4.61 ? 1  GLU A HG3  3  
ATOM 440  N N    . ASP A 1 2  ? -1.489 4.027  -5.798  1.00 1.88 ? 2  ASP A N    3  
ATOM 441  C CA   . ASP A 1 2  ? -1.483 2.990  -6.815  1.00 1.47 ? 2  ASP A CA   3  
ATOM 442  C C    . ASP A 1 2  ? -1.548 1.636  -6.141  1.00 0.94 ? 2  ASP A C    3  
ATOM 443  O O    . ASP A 1 2  ? -1.382 1.560  -4.923  1.00 0.97 ? 2  ASP A O    3  
ATOM 444  C CB   . ASP A 1 2  ? -0.211 3.067  -7.671  1.00 1.70 ? 2  ASP A CB   3  
ATOM 445  C CG   . ASP A 1 2  ? -0.208 4.230  -8.636  1.00 2.34 ? 2  ASP A CG   3  
ATOM 446  O OD1  . ASP A 1 2  ? 0.246  5.323  -8.250  1.00 3.05 ? 2  ASP A OD1  3  
ATOM 447  O OD2  . ASP A 1 2  ? -0.634 4.050  -9.793  1.00 2.80 ? 2  ASP A OD2  3  
ATOM 448  H H    . ASP A 1 2  ? -0.812 3.990  -5.089  1.00 1.92 ? 2  ASP A H    3  
ATOM 449  H HA   . ASP A 1 2  ? -2.350 3.120  -7.443  1.00 1.60 ? 2  ASP A HA   3  
ATOM 450  H HB2  . ASP A 1 2  ? 0.643  3.169  -7.019  1.00 2.22 ? 2  ASP A HB2  3  
ATOM 451  H HB3  . ASP A 1 2  ? -0.112 2.154  -8.238  1.00 1.83 ? 2  ASP A HB3  3  
ATOM 452  N N    . PRO A 1 3  ? -1.789 0.552  -6.892  1.00 0.76 ? 3  PRO A N    3  
ATOM 453  C CA   . PRO A 1 3  ? -1.668 -0.805 -6.361  1.00 0.71 ? 3  PRO A CA   3  
ATOM 454  C C    . PRO A 1 3  ? -0.336 -1.001 -5.636  1.00 0.55 ? 3  PRO A C    3  
ATOM 455  O O    . PRO A 1 3  ? -0.259 -1.705 -4.632  1.00 0.77 ? 3  PRO A O    3  
ATOM 456  C CB   . PRO A 1 3  ? -1.749 -1.703 -7.607  1.00 1.10 ? 3  PRO A CB   3  
ATOM 457  C CG   . PRO A 1 3  ? -1.727 -0.777 -8.782  1.00 1.21 ? 3  PRO A CG   3  
ATOM 458  C CD   . PRO A 1 3  ? -2.237 0.544  -8.288  1.00 1.11 ? 3  PRO A CD   3  
ATOM 459  H HA   . PRO A 1 3  ? -2.480 -1.039 -5.688  1.00 0.99 ? 3  PRO A HA   3  
ATOM 460  H HB2  . PRO A 1 3  ? -0.902 -2.374 -7.620  1.00 1.23 ? 3  PRO A HB2  3  
ATOM 461  H HB3  . PRO A 1 3  ? -2.663 -2.277 -7.578  1.00 1.44 ? 3  PRO A HB3  3  
ATOM 462  H HG2  . PRO A 1 3  ? -0.716 -0.673 -9.148  1.00 1.61 ? 3  PRO A HG2  3  
ATOM 463  H HG3  . PRO A 1 3  ? -2.369 -1.158 -9.563  1.00 1.40 ? 3  PRO A HG3  3  
ATOM 464  H HD2  . PRO A 1 3  ? -1.795 1.356  -8.846  1.00 1.49 ? 3  PRO A HD2  3  
ATOM 465  H HD3  . PRO A 1 3  ? -3.314 0.583  -8.348  1.00 1.31 ? 3  PRO A HD3  3  
ATOM 466  N N    . ALA A 1 4  ? 0.703  -0.335 -6.136  1.00 0.46 ? 4  ALA A N    3  
ATOM 467  C CA   . ALA A 1 4  ? 2.024  -0.410 -5.528  1.00 0.52 ? 4  ALA A CA   3  
ATOM 468  C C    . ALA A 1 4  ? 2.051  0.256  -4.161  1.00 0.41 ? 4  ALA A C    3  
ATOM 469  O O    . ALA A 1 4  ? 2.744  -0.198 -3.253  1.00 0.59 ? 4  ALA A O    3  
ATOM 470  C CB   . ALA A 1 4  ? 3.068  0.212  -6.441  1.00 0.75 ? 4  ALA A CB   3  
ATOM 471  H H    . ALA A 1 4  ? 0.576  0.215  -6.937  1.00 0.62 ? 4  ALA A H    3  
ATOM 472  H HA   . ALA A 1 4  ? 2.261  -1.443 -5.403  1.00 0.64 ? 4  ALA A HA   3  
ATOM 473  H HB1  . ALA A 1 4  ? 3.045  -0.278 -7.402  1.00 1.31 ? 4  ALA A HB1  3  
ATOM 474  H HB2  . ALA A 1 4  ? 4.047  0.096  -5.999  1.00 1.34 ? 4  ALA A HB2  3  
ATOM 475  H HB3  . ALA A 1 4  ? 2.854  1.263  -6.568  1.00 1.17 ? 4  ALA A HB3  3  
ATOM 476  N N    . VAL A 1 5  ? 1.287  1.325  -4.020  1.00 0.29 ? 5  VAL A N    3  
ATOM 477  C CA   . VAL A 1 5  ? 1.204  2.038  -2.758  1.00 0.38 ? 5  VAL A CA   3  
ATOM 478  C C    . VAL A 1 5  ? 0.343  1.254  -1.779  1.00 0.40 ? 5  VAL A C    3  
ATOM 479  O O    . VAL A 1 5  ? 0.587  1.260  -0.575  1.00 0.59 ? 5  VAL A O    3  
ATOM 480  C CB   . VAL A 1 5  ? 0.626  3.456  -2.952  1.00 0.53 ? 5  VAL A CB   3  
ATOM 481  C CG1  . VAL A 1 5  ? 0.609  4.222  -1.639  1.00 0.76 ? 5  VAL A CG1  3  
ATOM 482  C CG2  . VAL A 1 5  ? 1.420  4.218  -4.003  1.00 0.56 ? 5  VAL A CG2  3  
ATOM 483  H H    . VAL A 1 5  ? 0.750  1.633  -4.777  1.00 0.33 ? 5  VAL A H    3  
ATOM 484  H HA   . VAL A 1 5  ? 2.205  2.128  -2.357  1.00 0.47 ? 5  VAL A HA   3  
ATOM 485  H HB   . VAL A 1 5  ? -0.394 3.363  -3.300  1.00 0.54 ? 5  VAL A HB   3  
ATOM 486  H HG11 . VAL A 1 5  ? 0.045  3.666  -0.906  1.00 1.32 ? 5  VAL A HG11 3  
ATOM 487  H HG12 . VAL A 1 5  ? 0.149  5.186  -1.793  1.00 0.93 ? 5  VAL A HG12 3  
ATOM 488  H HG13 . VAL A 1 5  ? 1.623  4.357  -1.289  1.00 1.39 ? 5  VAL A HG13 3  
ATOM 489  H HG21 . VAL A 1 5  ? 2.452  4.288  -3.692  1.00 1.14 ? 5  VAL A HG21 3  
ATOM 490  H HG22 . VAL A 1 5  ? 1.009  5.210  -4.116  1.00 1.16 ? 5  VAL A HG22 3  
ATOM 491  H HG23 . VAL A 1 5  ? 1.363  3.694  -4.945  1.00 1.20 ? 5  VAL A HG23 3  
ATOM 492  N N    . ASP A 1 6  ? -0.646 0.547  -2.319  1.00 0.29 ? 6  ASP A N    3  
ATOM 493  C CA   . ASP A 1 6  ? -1.553 -0.268 -1.511  1.00 0.33 ? 6  ASP A CA   3  
ATOM 494  C C    . ASP A 1 6  ? -0.776 -1.264 -0.658  1.00 0.30 ? 6  ASP A C    3  
ATOM 495  O O    . ASP A 1 6  ? -1.159 -1.553 0.475   1.00 0.35 ? 6  ASP A O    3  
ATOM 496  C CB   . ASP A 1 6  ? -2.546 -1.009 -2.411  1.00 0.42 ? 6  ASP A CB   3  
ATOM 497  C CG   . ASP A 1 6  ? -3.447 -1.956 -1.642  1.00 1.27 ? 6  ASP A CG   3  
ATOM 498  O OD1  . ASP A 1 6  ? -4.392 -1.482 -0.975  1.00 2.21 ? 6  ASP A OD1  3  
ATOM 499  O OD2  . ASP A 1 6  ? -3.229 -3.183 -1.724  1.00 1.82 ? 6  ASP A OD2  3  
ATOM 500  H H    . ASP A 1 6  ? -0.770 0.573  -3.293  1.00 0.28 ? 6  ASP A H    3  
ATOM 501  H HA   . ASP A 1 6  ? -2.100 0.394  -0.857  1.00 0.37 ? 6  ASP A HA   3  
ATOM 502  H HB2  . ASP A 1 6  ? -3.168 -0.286 -2.918  1.00 0.80 ? 6  ASP A HB2  3  
ATOM 503  H HB3  . ASP A 1 6  ? -1.996 -1.579 -3.144  1.00 1.07 ? 6  ASP A HB3  3  
ATOM 504  N N    . LEU A 1 7  ? 0.327  -1.768 -1.202  1.00 0.27 ? 7  LEU A N    3  
ATOM 505  C CA   . LEU A 1 7  ? 1.195  -2.684 -0.472  1.00 0.30 ? 7  LEU A CA   3  
ATOM 506  C C    . LEU A 1 7  ? 1.663  -2.078 0.846   1.00 0.25 ? 7  LEU A C    3  
ATOM 507  O O    . LEU A 1 7  ? 1.456  -2.661 1.908   1.00 0.26 ? 7  LEU A O    3  
ATOM 508  C CB   . LEU A 1 7  ? 2.407  -3.072 -1.324  1.00 0.38 ? 7  LEU A CB   3  
ATOM 509  C CG   . LEU A 1 7  ? 2.220  -4.297 -2.223  1.00 0.52 ? 7  LEU A CG   3  
ATOM 510  C CD1  . LEU A 1 7  ? 2.048  -5.552 -1.382  1.00 0.62 ? 7  LEU A CD1  3  
ATOM 511  C CD2  . LEU A 1 7  ? 1.031  -4.118 -3.149  1.00 0.56 ? 7  LEU A CD2  3  
ATOM 512  H H    . LEU A 1 7  ? 0.557  -1.526 -2.125  1.00 0.27 ? 7  LEU A H    3  
ATOM 513  H HA   . LEU A 1 7  ? 0.623  -3.574 -0.256  1.00 0.38 ? 7  LEU A HA   3  
ATOM 514  H HB2  . LEU A 1 7  ? 2.661  -2.229 -1.951  1.00 0.37 ? 7  LEU A HB2  3  
ATOM 515  H HB3  . LEU A 1 7  ? 3.237  -3.265 -0.660  1.00 0.40 ? 7  LEU A HB3  3  
ATOM 516  H HG   . LEU A 1 7  ? 3.102  -4.422 -2.831  1.00 0.59 ? 7  LEU A HG   3  
ATOM 517  H HD11 . LEU A 1 7  ? 1.160  -5.460 -0.774  1.00 0.98 ? 7  LEU A HD11 3  
ATOM 518  H HD12 . LEU A 1 7  ? 2.910  -5.678 -0.744  1.00 1.34 ? 7  LEU A HD12 3  
ATOM 519  H HD13 . LEU A 1 7  ? 1.951  -6.409 -2.032  1.00 1.26 ? 7  LEU A HD13 3  
ATOM 520  H HD21 . LEU A 1 7  ? 0.917  -4.997 -3.763  1.00 1.10 ? 7  LEU A HD21 3  
ATOM 521  H HD22 . LEU A 1 7  ? 1.192  -3.256 -3.778  1.00 1.28 ? 7  LEU A HD22 3  
ATOM 522  H HD23 . LEU A 1 7  ? 0.136  -3.970 -2.560  1.00 1.11 ? 7  LEU A HD23 3  
ATOM 523  N N    . LEU A 1 8  ? 2.269  -0.897 0.784   1.00 0.27 ? 8  LEU A N    3  
ATOM 524  C CA   . LEU A 1 8  ? 2.807  -0.266 1.983   1.00 0.32 ? 8  LEU A CA   3  
ATOM 525  C C    . LEU A 1 8  ? 1.681  0.239  2.886   1.00 0.26 ? 8  LEU A C    3  
ATOM 526  O O    . LEU A 1 8  ? 1.862  0.396  4.092   1.00 0.32 ? 8  LEU A O    3  
ATOM 527  C CB   . LEU A 1 8  ? 3.790  0.861  1.618   1.00 0.46 ? 8  LEU A CB   3  
ATOM 528  C CG   . LEU A 1 8  ? 3.240  1.994  0.742   1.00 0.61 ? 8  LEU A CG   3  
ATOM 529  C CD1  . LEU A 1 8  ? 2.576  3.070  1.589   1.00 1.00 ? 8  LEU A CD1  3  
ATOM 530  C CD2  . LEU A 1 8  ? 4.352  2.595  -0.105  1.00 0.93 ? 8  LEU A CD2  3  
ATOM 531  H H    . LEU A 1 8  ? 2.347  -0.440 -0.081  1.00 0.28 ? 8  LEU A H    3  
ATOM 532  H HA   . LEU A 1 8  ? 3.350  -1.028 2.525   1.00 0.37 ? 8  LEU A HA   3  
ATOM 533  H HB2  . LEU A 1 8  ? 4.155  1.296  2.535   1.00 0.83 ? 8  LEU A HB2  3  
ATOM 534  H HB3  . LEU A 1 8  ? 4.627  0.416  1.100   1.00 0.72 ? 8  LEU A HB3  3  
ATOM 535  H HG   . LEU A 1 8  ? 2.493  1.592  0.075   1.00 0.62 ? 8  LEU A HG   3  
ATOM 536  H HD11 . LEU A 1 8  ? 1.766  2.632  2.155   1.00 1.39 ? 8  LEU A HD11 3  
ATOM 537  H HD12 . LEU A 1 8  ? 2.189  3.847  0.947   1.00 1.35 ? 8  LEU A HD12 3  
ATOM 538  H HD13 . LEU A 1 8  ? 3.302  3.493  2.269   1.00 1.70 ? 8  LEU A HD13 3  
ATOM 539  H HD21 . LEU A 1 8  ? 4.769  1.832  -0.745  1.00 1.45 ? 8  LEU A HD21 3  
ATOM 540  H HD22 . LEU A 1 8  ? 5.124  2.987  0.541   1.00 1.50 ? 8  LEU A HD22 3  
ATOM 541  H HD23 . LEU A 1 8  ? 3.949  3.393  -0.711  1.00 1.40 ? 8  LEU A HD23 3  
ATOM 542  N N    . LYS A 1 9  ? 0.508  0.454  2.301   1.00 0.25 ? 9  LYS A N    3  
ATOM 543  C CA   . LYS A 1 9  ? -0.656 0.890  3.064   1.00 0.29 ? 9  LYS A CA   3  
ATOM 544  C C    . LYS A 1 9  ? -1.211 -0.284 3.853   1.00 0.23 ? 9  LYS A C    3  
ATOM 545  O O    . LYS A 1 9  ? -1.711 -0.127 4.967   1.00 0.29 ? 9  LYS A O    3  
ATOM 546  C CB   . LYS A 1 9  ? -1.742 1.447  2.137   1.00 0.43 ? 9  LYS A CB   3  
ATOM 547  C CG   . LYS A 1 9  ? -1.303 2.654  1.325   1.00 0.70 ? 9  LYS A CG   3  
ATOM 548  C CD   . LYS A 1 9  ? -2.393 3.112  0.366   1.00 1.33 ? 9  LYS A CD   3  
ATOM 549  C CE   . LYS A 1 9  ? -3.581 3.708  1.105   1.00 1.67 ? 9  LYS A CE   3  
ATOM 550  N NZ   . LYS A 1 9  ? -3.214 4.956  1.820   1.00 2.34 ? 9  LYS A NZ   3  
ATOM 551  H H    . LYS A 1 9  ? 0.422  0.298  1.337   1.00 0.28 ? 9  LYS A H    3  
ATOM 552  H HA   . LYS A 1 9  ? -0.340 1.661  3.751   1.00 0.34 ? 9  LYS A HA   3  
ATOM 553  H HB2  . LYS A 1 9  ? -2.045 0.670  1.451   1.00 0.72 ? 9  LYS A HB2  3  
ATOM 554  H HB3  . LYS A 1 9  ? -2.594 1.735  2.736   1.00 0.70 ? 9  LYS A HB3  3  
ATOM 555  H HG2  . LYS A 1 9  ? -1.067 3.463  1.999   1.00 1.23 ? 9  LYS A HG2  3  
ATOM 556  H HG3  . LYS A 1 9  ? -0.424 2.390  0.755   1.00 1.38 ? 9  LYS A HG3  3  
ATOM 557  H HD2  . LYS A 1 9  ? -1.986 3.861  -0.295  1.00 1.99 ? 9  LYS A HD2  3  
ATOM 558  H HD3  . LYS A 1 9  ? -2.730 2.264  -0.211  1.00 2.00 ? 9  LYS A HD3  3  
ATOM 559  H HE2  . LYS A 1 9  ? -4.359 3.928  0.390   1.00 2.13 ? 9  LYS A HE2  3  
ATOM 560  H HE3  . LYS A 1 9  ? -3.945 2.985  1.821   1.00 2.02 ? 9  LYS A HE3  3  
ATOM 561  H HZ1  . LYS A 1 9  ? -4.051 5.360  2.288   1.00 2.81 ? 9  LYS A HZ1  3  
ATOM 562  H HZ2  . LYS A 1 9  ? -2.836 5.656  1.144   1.00 2.83 ? 9  LYS A HZ2  3  
ATOM 563  H HZ3  . LYS A 1 9  ? -2.489 4.761  2.538   1.00 2.57 ? 9  LYS A HZ3  3  
ATOM 564  N N    . ASN A 1 10 ? -1.099 -1.463 3.254   1.00 0.23 ? 10 ASN A N    3  
ATOM 565  C CA   . ASN A 1 10 ? -1.524 -2.706 3.880   1.00 0.29 ? 10 ASN A CA   3  
ATOM 566  C C    . ASN A 1 10 ? -0.687 -2.971 5.128   1.00 0.26 ? 10 ASN A C    3  
ATOM 567  O O    . ASN A 1 10 ? -1.174 -3.528 6.109   1.00 0.39 ? 10 ASN A O    3  
ATOM 568  C CB   . ASN A 1 10 ? -1.368 -3.858 2.875   1.00 0.38 ? 10 ASN A CB   3  
ATOM 569  C CG   . ASN A 1 10 ? -2.144 -5.120 3.232   1.00 1.09 ? 10 ASN A CG   3  
ATOM 570  O OD1  . ASN A 1 10 ? -2.585 -5.850 2.340   1.00 1.63 ? 10 ASN A OD1  3  
ATOM 571  N ND2  . ASN A 1 10 ? -2.309 -5.405 4.514   1.00 2.03 ? 10 ASN A ND2  3  
ATOM 572  H H    . ASN A 1 10 ? -0.725 -1.497 2.345   1.00 0.26 ? 10 ASN A H    3  
ATOM 573  H HA   . ASN A 1 10 ? -2.561 -2.610 4.158   1.00 0.35 ? 10 ASN A HA   3  
ATOM 574  H HB2  . ASN A 1 10 ? -1.708 -3.521 1.907   1.00 0.82 ? 10 ASN A HB2  3  
ATOM 575  H HB3  . ASN A 1 10 ? -0.321 -4.115 2.806   1.00 0.97 ? 10 ASN A HB3  3  
ATOM 576  H HD21 . ASN A 1 10 ? -1.927 -4.792 5.182   1.00 2.37 ? 10 ASN A HD21 3  
ATOM 577  H HD22 . ASN A 1 10 ? -2.798 -6.222 4.748   1.00 2.64 ? 10 ASN A HD22 3  
ATOM 578  N N    . TYR A 1 11 ? 0.573  -2.555 5.088   1.00 0.22 ? 11 TYR A N    3  
ATOM 579  C CA   . TYR A 1 11 ? 1.464  -2.731 6.224   1.00 0.32 ? 11 TYR A CA   3  
ATOM 580  C C    . TYR A 1 11 ? 1.190  -1.691 7.305   1.00 0.32 ? 11 TYR A C    3  
ATOM 581  O O    . TYR A 1 11 ? 1.536  -1.886 8.470   1.00 0.43 ? 11 TYR A O    3  
ATOM 582  C CB   . TYR A 1 11 ? 2.922  -2.663 5.772   1.00 0.47 ? 11 TYR A CB   3  
ATOM 583  C CG   . TYR A 1 11 ? 3.401  -3.921 5.078   1.00 0.66 ? 11 TYR A CG   3  
ATOM 584  C CD1  . TYR A 1 11 ? 3.344  -4.044 3.698   1.00 1.18 ? 11 TYR A CD1  3  
ATOM 585  C CD2  . TYR A 1 11 ? 3.903  -4.988 5.810   1.00 1.62 ? 11 TYR A CD2  3  
ATOM 586  C CE1  . TYR A 1 11 ? 3.774  -5.194 3.064   1.00 1.27 ? 11 TYR A CE1  3  
ATOM 587  C CE2  . TYR A 1 11 ? 4.336  -6.142 5.184   1.00 1.80 ? 11 TYR A CE2  3  
ATOM 588  C CZ   . TYR A 1 11 ? 4.269  -6.239 3.812   1.00 1.13 ? 11 TYR A CZ   3  
ATOM 589  O OH   . TYR A 1 11 ? 4.700  -7.388 3.182   1.00 1.38 ? 11 TYR A OH   3  
ATOM 590  H H    . TYR A 1 11 ? 0.913  -2.115 4.275   1.00 0.22 ? 11 TYR A H    3  
ATOM 591  H HA   . TYR A 1 11 ? 1.273  -3.705 6.635   1.00 0.41 ? 11 TYR A HA   3  
ATOM 592  H HB2  . TYR A 1 11 ? 3.041  -1.841 5.083   1.00 0.50 ? 11 TYR A HB2  3  
ATOM 593  H HB3  . TYR A 1 11 ? 3.546  -2.498 6.629   1.00 0.54 ? 11 TYR A HB3  3  
ATOM 594  H HD1  . TYR A 1 11 ? 2.956  -3.223 3.115   1.00 1.99 ? 11 TYR A HD1  3  
ATOM 595  H HD2  . TYR A 1 11 ? 3.955  -4.909 6.885   1.00 2.43 ? 11 TYR A HD2  3  
ATOM 596  H HE1  . TYR A 1 11 ? 3.721  -5.268 1.989   1.00 2.04 ? 11 TYR A HE1  3  
ATOM 597  H HE2  . TYR A 1 11 ? 4.724  -6.962 5.772   1.00 2.70 ? 11 TYR A HE2  3  
ATOM 598  H HH   . TYR A 1 11 ? 4.464  -8.156 3.721   1.00 1.62 ? 11 TYR A HH   3  
ATOM 599  N N    . MET A 1 12 ? 0.557  -0.596 6.916   1.00 0.30 ? 12 MET A N    3  
ATOM 600  C CA   . MET A 1 12 ? 0.183  0.450  7.862   1.00 0.41 ? 12 MET A CA   3  
ATOM 601  C C    . MET A 1 12 ? -1.134 0.099  8.541   1.00 0.43 ? 12 MET A C    3  
ATOM 602  O O    . MET A 1 12 ? -1.220 0.032  9.768   1.00 0.72 ? 12 MET A O    3  
ATOM 603  C CB   . MET A 1 12 ? 0.043  1.805  7.158   1.00 0.49 ? 12 MET A CB   3  
ATOM 604  C CG   . MET A 1 12 ? 1.341  2.343  6.578   1.00 1.05 ? 12 MET A CG   3  
ATOM 605  S SD   . MET A 1 12 ? 1.126  3.947  5.777   1.00 2.19 ? 12 MET A SD   3  
ATOM 606  C CE   . MET A 1 12 ? 0.631  4.961  7.171   1.00 2.67 ? 12 MET A CE   3  
ATOM 607  H H    . MET A 1 12 ? 0.331  -0.492 5.969   1.00 0.29 ? 12 MET A H    3  
ATOM 608  H HA   . MET A 1 12 ? 0.957  0.517  8.611   1.00 0.51 ? 12 MET A HA   3  
ATOM 609  H HB2  . MET A 1 12 ? -0.669 1.704  6.352   1.00 0.98 ? 12 MET A HB2  3  
ATOM 610  H HB3  . MET A 1 12 ? -0.334 2.525  7.868   1.00 0.96 ? 12 MET A HB3  3  
ATOM 611  H HG2  . MET A 1 12 ? 2.061  2.448  7.375   1.00 1.46 ? 12 MET A HG2  3  
ATOM 612  H HG3  . MET A 1 12 ? 1.714  1.640  5.847   1.00 1.56 ? 12 MET A HG3  3  
ATOM 613  H HE1  . MET A 1 12 ? 0.505  5.984  6.845   1.00 2.75 ? 12 MET A HE1  3  
ATOM 614  H HE2  . MET A 1 12 ? 1.394  4.919  7.935   1.00 3.10 ? 12 MET A HE2  3  
ATOM 615  H HE3  . MET A 1 12 ? -0.302 4.594  7.571   1.00 3.13 ? 12 MET A HE3  3  
ATOM 616  N N    . GLN A 1 13 ? -2.154 -0.136 7.727   1.00 0.55 ? 13 GLN A N    3  
ATOM 617  C CA   . GLN A 1 13 ? -3.488 -0.435 8.223   1.00 0.68 ? 13 GLN A CA   3  
ATOM 618  C C    . GLN A 1 13 ? -3.697 -1.940 8.323   1.00 1.50 ? 13 GLN A C    3  
ATOM 619  O O    . GLN A 1 13 ? -3.374 -2.515 9.381   1.00 2.06 ? 13 GLN A O    3  
ATOM 620  C CB   . GLN A 1 13 ? -4.538 0.182  7.303   1.00 1.81 ? 13 GLN A CB   3  
ATOM 621  C CG   . GLN A 1 13 ? -4.536 1.702  7.310   1.00 2.51 ? 13 GLN A CG   3  
ATOM 622  C CD   . GLN A 1 13 ? -5.385 2.289  6.199   1.00 3.58 ? 13 GLN A CD   3  
ATOM 623  O OE1  . GLN A 1 13 ? -6.356 1.679  5.749   1.00 4.21 ? 13 GLN A OE1  3  
ATOM 624  N NE2  . GLN A 1 13 ? -5.030 3.482  5.755   1.00 4.23 ? 13 GLN A NE2  3  
ATOM 625  O OXT  . GLN A 1 13 ? -4.178 -2.548 7.345   1.00 2.41 ? 13 GLN A OXT  3  
ATOM 626  H H    . GLN A 1 13 ? -2.002 -0.118 6.755   1.00 0.77 ? 13 GLN A H    3  
ATOM 627  H HA   . GLN A 1 13 ? -3.582 -0.002 9.208   1.00 0.93 ? 13 GLN A HA   3  
ATOM 628  H HB2  . GLN A 1 13 ? -4.353 -0.149 6.292   1.00 2.22 ? 13 GLN A HB2  3  
ATOM 629  H HB3  . GLN A 1 13 ? -5.515 -0.155 7.612   1.00 2.46 ? 13 GLN A HB3  3  
ATOM 630  H HG2  . GLN A 1 13 ? -4.924 2.044  8.257   1.00 2.90 ? 13 GLN A HG2  3  
ATOM 631  H HG3  . GLN A 1 13 ? -3.520 2.047  7.190   1.00 2.55 ? 13 GLN A HG3  3  
ATOM 632  H HE21 . GLN A 1 13 ? -4.249 3.916  6.163   1.00 4.12 ? 13 GLN A HE21 3  
ATOM 633  H HE22 . GLN A 1 13 ? -5.561 3.887  5.036   1.00 5.04 ? 13 GLN A HE22 3  
ATOM 634  N N    . GLU A 1 1  ? -1.588 6.836  -8.972  1.00 2.99 ? 1  GLU A N    4  
ATOM 635  C CA   . GLU A 1 1  ? -0.627 6.041  -8.172  1.00 2.81 ? 1  GLU A CA   4  
ATOM 636  C C    . GLU A 1 1  ? -0.585 4.606  -8.670  1.00 2.28 ? 1  GLU A C    4  
ATOM 637  O O    . GLU A 1 1  ? -1.201 4.276  -9.681  1.00 2.31 ? 1  GLU A O    4  
ATOM 638  C CB   . GLU A 1 1  ? -1.007 6.072  -6.689  1.00 3.76 ? 1  GLU A CB   4  
ATOM 639  C CG   . GLU A 1 1  ? -0.704 7.397  -6.013  1.00 4.49 ? 1  GLU A CG   4  
ATOM 640  C CD   . GLU A 1 1  ? 0.737  7.821  -6.199  1.00 5.49 ? 1  GLU A CD   4  
ATOM 641  O OE1  . GLU A 1 1  ? 1.001  8.667  -7.076  1.00 5.92 ? 1  GLU A OE1  4  
ATOM 642  O OE2  . GLU A 1 1  ? 1.619  7.294  -5.489  1.00 6.11 ? 1  GLU A OE2  4  
ATOM 643  H H1   . GLU A 1 1  ? -2.543 6.431  -8.891  1.00 3.34 ? 1  GLU A H1   4  
ATOM 644  H H2   . GLU A 1 1  ? -1.312 6.831  -9.973  1.00 3.19 ? 1  GLU A H2   4  
ATOM 645  H H3   . GLU A 1 1  ? -1.613 7.819  -8.635  1.00 3.20 ? 1  GLU A H3   4  
ATOM 646  H HA   . GLU A 1 1  ? 0.354  6.479  -8.293  1.00 2.95 ? 1  GLU A HA   4  
ATOM 647  H HB2  . GLU A 1 1  ? -2.065 5.877  -6.598  1.00 4.04 ? 1  GLU A HB2  4  
ATOM 648  H HB3  . GLU A 1 1  ? -0.461 5.296  -6.175  1.00 4.15 ? 1  GLU A HB3  4  
ATOM 649  H HG2  . GLU A 1 1  ? -1.346 8.157  -6.435  1.00 4.61 ? 1  GLU A HG2  4  
ATOM 650  H HG3  . GLU A 1 1  ? -0.904 7.304  -4.956  1.00 4.61 ? 1  GLU A HG3  4  
ATOM 651  N N    . ASP A 1 2  ? 0.150  3.759  -7.967  1.00 1.88 ? 2  ASP A N    4  
ATOM 652  C CA   . ASP A 1 2  ? 0.302  2.375  -8.352  1.00 1.47 ? 2  ASP A CA   4  
ATOM 653  C C    . ASP A 1 2  ? -0.191 1.517  -7.201  1.00 0.94 ? 2  ASP A C    4  
ATOM 654  O O    . ASP A 1 2  ? -0.163 1.972  -6.055  1.00 0.97 ? 2  ASP A O    4  
ATOM 655  C CB   . ASP A 1 2  ? 1.784  2.105  -8.641  1.00 1.70 ? 2  ASP A CB   4  
ATOM 656  C CG   . ASP A 1 2  ? 2.060  0.707  -9.151  1.00 2.34 ? 2  ASP A CG   4  
ATOM 657  O OD1  . ASP A 1 2  ? 2.167  0.530  -10.381 1.00 3.05 ? 2  ASP A OD1  4  
ATOM 658  O OD2  . ASP A 1 2  ? 2.197  -0.215 -8.325  1.00 2.80 ? 2  ASP A OD2  4  
ATOM 659  H H    . ASP A 1 2  ? 0.603  4.061  -7.147  1.00 1.92 ? 2  ASP A H    4  
ATOM 660  H HA   . ASP A 1 2  ? -0.291 2.188  -9.233  1.00 1.60 ? 2  ASP A HA   4  
ATOM 661  H HB2  . ASP A 1 2  ? 2.127  2.807  -9.385  1.00 2.22 ? 2  ASP A HB2  4  
ATOM 662  H HB3  . ASP A 1 2  ? 2.347  2.253  -7.732  1.00 1.83 ? 2  ASP A HB3  4  
ATOM 663  N N    . PRO A 1 3  ? -0.689 0.296  -7.473  1.00 0.76 ? 3  PRO A N    4  
ATOM 664  C CA   . PRO A 1 3  ? -1.044 -0.672 -6.425  1.00 0.71 ? 3  PRO A CA   4  
ATOM 665  C C    . PRO A 1 3  ? 0.052  -0.817 -5.367  1.00 0.55 ? 3  PRO A C    4  
ATOM 666  O O    . PRO A 1 3  ? -0.192 -1.316 -4.271  1.00 0.77 ? 3  PRO A O    4  
ATOM 667  C CB   . PRO A 1 3  ? -1.220 -1.974 -7.201  1.00 1.10 ? 3  PRO A CB   4  
ATOM 668  C CG   . PRO A 1 3  ? -1.681 -1.539 -8.547  1.00 1.21 ? 3  PRO A CG   4  
ATOM 669  C CD   . PRO A 1 3  ? -0.999 -0.226 -8.820  1.00 1.11 ? 3  PRO A CD   4  
ATOM 670  H HA   . PRO A 1 3  ? -1.972 -0.407 -5.942  1.00 0.99 ? 3  PRO A HA   4  
ATOM 671  H HB2  . PRO A 1 3  ? -0.278 -2.498 -7.252  1.00 1.23 ? 3  PRO A HB2  4  
ATOM 672  H HB3  . PRO A 1 3  ? -1.958 -2.591 -6.712  1.00 1.44 ? 3  PRO A HB3  4  
ATOM 673  H HG2  . PRO A 1 3  ? -1.396 -2.272 -9.287  1.00 1.61 ? 3  PRO A HG2  4  
ATOM 674  H HG3  . PRO A 1 3  ? -2.753 -1.409 -8.541  1.00 1.40 ? 3  PRO A HG3  4  
ATOM 675  H HD2  . PRO A 1 3  ? -0.093 -0.383 -9.389  1.00 1.49 ? 3  PRO A HD2  4  
ATOM 676  H HD3  . PRO A 1 3  ? -1.664 0.442  -9.348  1.00 1.31 ? 3  PRO A HD3  4  
ATOM 677  N N    . ALA A 1 4  ? 1.261  -0.376 -5.710  1.00 0.46 ? 4  ALA A N    4  
ATOM 678  C CA   . ALA A 1 4  ? 2.370  -0.336 -4.773  1.00 0.52 ? 4  ALA A CA   4  
ATOM 679  C C    . ALA A 1 4  ? 2.014  0.429  -3.503  1.00 0.41 ? 4  ALA A C    4  
ATOM 680  O O    . ALA A 1 4  ? 2.440  0.063  -2.405  1.00 0.59 ? 4  ALA A O    4  
ATOM 681  C CB   . ALA A 1 4  ? 3.594  0.276  -5.432  1.00 0.75 ? 4  ALA A CB   4  
ATOM 682  H H    . ALA A 1 4  ? 1.414  -0.084 -6.639  1.00 0.62 ? 4  ALA A H    4  
ATOM 683  H HA   . ALA A 1 4  ? 2.603  -1.340 -4.514  1.00 0.64 ? 4  ALA A HA   4  
ATOM 684  H HB1  . ALA A 1 4  ? 3.384  1.300  -5.698  1.00 1.31 ? 4  ALA A HB1  4  
ATOM 685  H HB2  . ALA A 1 4  ? 3.843  -0.286 -6.323  1.00 1.34 ? 4  ALA A HB2  4  
ATOM 686  H HB3  . ALA A 1 4  ? 4.424  0.246  -4.743  1.00 1.17 ? 4  ALA A HB3  4  
ATOM 687  N N    . VAL A 1 5  ? 1.220  1.481  -3.656  1.00 0.29 ? 5  VAL A N    4  
ATOM 688  C CA   . VAL A 1 5  ? 0.793  2.286  -2.524  1.00 0.38 ? 5  VAL A CA   4  
ATOM 689  C C    . VAL A 1 5  ? -0.157 1.487  -1.642  1.00 0.40 ? 5  VAL A C    4  
ATOM 690  O O    . VAL A 1 5  ? -0.115 1.578  -0.416  1.00 0.59 ? 5  VAL A O    4  
ATOM 691  C CB   . VAL A 1 5  ? 0.097  3.585  -2.980  1.00 0.53 ? 5  VAL A CB   4  
ATOM 692  C CG1  . VAL A 1 5  ? -0.244 4.466  -1.788  1.00 0.76 ? 5  VAL A CG1  4  
ATOM 693  C CG2  . VAL A 1 5  ? 0.965  4.339  -3.971  1.00 0.56 ? 5  VAL A CG2  4  
ATOM 694  H H    . VAL A 1 5  ? 0.911  1.719  -4.559  1.00 0.33 ? 5  VAL A H    4  
ATOM 695  H HA   . VAL A 1 5  ? 1.670  2.551  -1.951  1.00 0.47 ? 5  VAL A HA   4  
ATOM 696  H HB   . VAL A 1 5  ? -0.824 3.317  -3.475  1.00 0.54 ? 5  VAL A HB   4  
ATOM 697  H HG11 . VAL A 1 5  ? -0.743 5.359  -2.134  1.00 1.32 ? 5  VAL A HG11 4  
ATOM 698  H HG12 . VAL A 1 5  ? 0.664  4.739  -1.273  1.00 0.93 ? 5  VAL A HG12 4  
ATOM 699  H HG13 . VAL A 1 5  ? -0.894 3.927  -1.115  1.00 1.39 ? 5  VAL A HG13 4  
ATOM 700  H HG21 . VAL A 1 5  ? 0.470  5.253  -4.262  1.00 1.14 ? 5  VAL A HG21 4  
ATOM 701  H HG22 . VAL A 1 5  ? 1.130  3.727  -4.845  1.00 1.16 ? 5  VAL A HG22 4  
ATOM 702  H HG23 . VAL A 1 5  ? 1.914  4.572  -3.512  1.00 1.20 ? 5  VAL A HG23 4  
ATOM 703  N N    . ASP A 1 6  ? -0.990 0.675  -2.278  1.00 0.29 ? 6  ASP A N    4  
ATOM 704  C CA   . ASP A 1 6  ? -1.968 -0.134 -1.564  1.00 0.33 ? 6  ASP A CA   4  
ATOM 705  C C    . ASP A 1 6  ? -1.262 -1.153 -0.683  1.00 0.30 ? 6  ASP A C    4  
ATOM 706  O O    . ASP A 1 6  ? -1.685 -1.421 0.441   1.00 0.35 ? 6  ASP A O    4  
ATOM 707  C CB   . ASP A 1 6  ? -2.896 -0.852 -2.547  1.00 0.42 ? 6  ASP A CB   4  
ATOM 708  C CG   . ASP A 1 6  ? -3.695 0.108  -3.398  1.00 1.27 ? 6  ASP A CG   4  
ATOM 709  O OD1  . ASP A 1 6  ? -3.210 0.493  -4.482  1.00 2.21 ? 6  ASP A OD1  4  
ATOM 710  O OD2  . ASP A 1 6  ? -4.814 0.484  -2.990  1.00 1.82 ? 6  ASP A OD2  4  
ATOM 711  H H    . ASP A 1 6  ? -0.937 0.610  -3.257  1.00 0.28 ? 6  ASP A H    4  
ATOM 712  H HA   . ASP A 1 6  ? -2.553 0.522  -0.938  1.00 0.37 ? 6  ASP A HA   4  
ATOM 713  H HB2  . ASP A 1 6  ? -2.304 -1.473 -3.201  1.00 0.80 ? 6  ASP A HB2  4  
ATOM 714  H HB3  . ASP A 1 6  ? -3.584 -1.473 -1.995  1.00 1.07 ? 6  ASP A HB3  4  
ATOM 715  N N    . LEU A 1 7  ? -0.172 -1.704 -1.202  1.00 0.27 ? 7  LEU A N    4  
ATOM 716  C CA   . LEU A 1 7  ? 0.623  -2.679 -0.468  1.00 0.30 ? 7  LEU A CA   4  
ATOM 717  C C    . LEU A 1 7  ? 1.252  -2.062 0.774   1.00 0.25 ? 7  LEU A C    4  
ATOM 718  O O    . LEU A 1 7  ? 1.231  -2.667 1.845   1.00 0.26 ? 7  LEU A O    4  
ATOM 719  C CB   . LEU A 1 7  ? 1.709  -3.272 -1.368  1.00 0.38 ? 7  LEU A CB   4  
ATOM 720  C CG   . LEU A 1 7  ? 1.292  -4.504 -2.181  1.00 0.52 ? 7  LEU A CG   4  
ATOM 721  C CD1  . LEU A 1 7  ? 1.027  -5.685 -1.259  1.00 0.62 ? 7  LEU A CD1  4  
ATOM 722  C CD2  . LEU A 1 7  ? 0.066  -4.211 -3.031  1.00 0.56 ? 7  LEU A CD2  4  
ATOM 723  H H    . LEU A 1 7  ? 0.101  -1.458 -2.114  1.00 0.27 ? 7  LEU A H    4  
ATOM 724  H HA   . LEU A 1 7  ? -0.041 -3.471 -0.157  1.00 0.38 ? 7  LEU A HA   4  
ATOM 725  H HB2  . LEU A 1 7  ? 2.029  -2.506 -2.058  1.00 0.37 ? 7  LEU A HB2  4  
ATOM 726  H HB3  . LEU A 1 7  ? 2.548  -3.547 -0.747  1.00 0.40 ? 7  LEU A HB3  4  
ATOM 727  H HG   . LEU A 1 7  ? 2.100  -4.773 -2.845  1.00 0.59 ? 7  LEU A HG   4  
ATOM 728  H HD11 . LEU A 1 7  ? 0.741  -6.544 -1.850  1.00 0.98 ? 7  LEU A HD11 4  
ATOM 729  H HD12 . LEU A 1 7  ? 0.230  -5.438 -0.575  1.00 1.34 ? 7  LEU A HD12 4  
ATOM 730  H HD13 . LEU A 1 7  ? 1.922  -5.914 -0.701  1.00 1.26 ? 7  LEU A HD13 4  
ATOM 731  H HD21 . LEU A 1 7  ? 0.294  -3.428 -3.737  1.00 1.10 ? 7  LEU A HD21 4  
ATOM 732  H HD22 . LEU A 1 7  ? -0.747 -3.893 -2.392  1.00 1.28 ? 7  LEU A HD22 4  
ATOM 733  H HD23 . LEU A 1 7  ? -0.224 -5.104 -3.565  1.00 1.11 ? 7  LEU A HD23 4  
ATOM 734  N N    . LEU A 1 8  ? 1.798  -0.856 0.648   1.00 0.27 ? 8  LEU A N    4  
ATOM 735  C CA   . LEU A 1 8  ? 2.435  -0.211 1.790   1.00 0.32 ? 8  LEU A CA   4  
ATOM 736  C C    . LEU A 1 8  ? 1.388  0.219  2.812   1.00 0.26 ? 8  LEU A C    4  
ATOM 737  O O    . LEU A 1 8  ? 1.676  0.315  4.002   1.00 0.32 ? 8  LEU A O    4  
ATOM 738  C CB   . LEU A 1 8  ? 3.326  0.970  1.353   1.00 0.46 ? 8  LEU A CB   4  
ATOM 739  C CG   . LEU A 1 8  ? 2.627  2.166  0.690   1.00 0.61 ? 8  LEU A CG   4  
ATOM 740  C CD1  . LEU A 1 8  ? 2.078  3.133  1.733   1.00 1.00 ? 8  LEU A CD1  4  
ATOM 741  C CD2  . LEU A 1 8  ? 3.587  2.885  -0.241  1.00 0.93 ? 8  LEU A CD2  4  
ATOM 742  H H    . LEU A 1 8  ? 1.771  -0.398 -0.220  1.00 0.28 ? 8  LEU A H    4  
ATOM 743  H HA   . LEU A 1 8  ? 3.064  -0.954 2.257   1.00 0.37 ? 8  LEU A HA   4  
ATOM 744  H HB2  . LEU A 1 8  ? 3.846  1.333  2.226   1.00 0.83 ? 8  LEU A HB2  4  
ATOM 745  H HB3  . LEU A 1 8  ? 4.061  0.589  0.659   1.00 0.72 ? 8  LEU A HB3  4  
ATOM 746  H HG   . LEU A 1 8  ? 1.796  1.805  0.101   1.00 0.62 ? 8  LEU A HG   4  
ATOM 747  H HD11 . LEU A 1 8  ? 1.375  2.617  2.368   1.00 1.39 ? 8  LEU A HD11 4  
ATOM 748  H HD12 . LEU A 1 8  ? 1.581  3.952  1.235   1.00 1.35 ? 8  LEU A HD12 4  
ATOM 749  H HD13 . LEU A 1 8  ? 2.892  3.515  2.331   1.00 1.70 ? 8  LEU A HD13 4  
ATOM 750  H HD21 . LEU A 1 8  ? 4.443  3.229  0.321   1.00 1.45 ? 8  LEU A HD21 4  
ATOM 751  H HD22 . LEU A 1 8  ? 3.087  3.732  -0.691  1.00 1.50 ? 8  LEU A HD22 4  
ATOM 752  H HD23 . LEU A 1 8  ? 3.913  2.208  -1.016  1.00 1.40 ? 8  LEU A HD23 4  
ATOM 753  N N    . LYS A 1 9  ? 0.162  0.435  2.345   1.00 0.25 ? 9  LYS A N    4  
ATOM 754  C CA   . LYS A 1 9  ? -0.939 0.779  3.234   1.00 0.29 ? 9  LYS A CA   4  
ATOM 755  C C    . LYS A 1 9  ? -1.361 -0.449 4.025   1.00 0.23 ? 9  LYS A C    4  
ATOM 756  O O    . LYS A 1 9  ? -1.731 -0.353 5.197   1.00 0.29 ? 9  LYS A O    4  
ATOM 757  C CB   . LYS A 1 9  ? -2.132 1.334  2.453   1.00 0.43 ? 9  LYS A CB   4  
ATOM 758  C CG   . LYS A 1 9  ? -1.888 2.695  1.819   1.00 0.70 ? 9  LYS A CG   4  
ATOM 759  C CD   . LYS A 1 9  ? -1.501 3.732  2.860   1.00 1.33 ? 9  LYS A CD   4  
ATOM 760  C CE   . LYS A 1 9  ? -1.447 5.127  2.263   1.00 1.67 ? 9  LYS A CE   4  
ATOM 761  N NZ   . LYS A 1 9  ? -2.794 5.611  1.863   1.00 2.34 ? 9  LYS A NZ   4  
ATOM 762  H H    . LYS A 1 9  ? -0.005 0.348  1.384   1.00 0.28 ? 9  LYS A H    4  
ATOM 763  H HA   . LYS A 1 9  ? -0.586 1.532  3.925   1.00 0.34 ? 9  LYS A HA   4  
ATOM 764  H HB2  . LYS A 1 9  ? -2.385 0.639  1.667   1.00 0.72 ? 9  LYS A HB2  4  
ATOM 765  H HB3  . LYS A 1 9  ? -2.973 1.423  3.123   1.00 0.70 ? 9  LYS A HB3  4  
ATOM 766  H HG2  . LYS A 1 9  ? -1.088 2.607  1.098   1.00 1.23 ? 9  LYS A HG2  4  
ATOM 767  H HG3  . LYS A 1 9  ? -2.790 3.016  1.321   1.00 1.38 ? 9  LYS A HG3  4  
ATOM 768  H HD2  . LYS A 1 9  ? -2.232 3.720  3.653   1.00 1.99 ? 9  LYS A HD2  4  
ATOM 769  H HD3  . LYS A 1 9  ? -0.528 3.484  3.259   1.00 2.00 ? 9  LYS A HD3  4  
ATOM 770  H HE2  . LYS A 1 9  ? -1.035 5.804  2.994   1.00 2.13 ? 9  LYS A HE2  4  
ATOM 771  H HE3  . LYS A 1 9  ? -0.809 5.108  1.392   1.00 2.02 ? 9  LYS A HE3  4  
ATOM 772  H HZ1  . LYS A 1 9  ? -3.208 4.976  1.151   1.00 2.81 ? 9  LYS A HZ1  4  
ATOM 773  H HZ2  . LYS A 1 9  ? -2.731 6.570  1.462   1.00 2.83 ? 9  LYS A HZ2  4  
ATOM 774  H HZ3  . LYS A 1 9  ? -3.424 5.639  2.690   1.00 2.57 ? 9  LYS A HZ3  4  
ATOM 775  N N    . ASN A 1 10 ? -1.286 -1.608 3.377   1.00 0.23 ? 10 ASN A N    4  
ATOM 776  C CA   . ASN A 1 10 ? -1.540 -2.880 4.044   1.00 0.29 ? 10 ASN A CA   4  
ATOM 777  C C    . ASN A 1 10 ? -0.569 -3.066 5.197   1.00 0.26 ? 10 ASN A C    4  
ATOM 778  O O    . ASN A 1 10 ? -0.925 -3.599 6.243   1.00 0.39 ? 10 ASN A O    4  
ATOM 779  C CB   . ASN A 1 10 ? -1.402 -4.054 3.067   1.00 0.38 ? 10 ASN A CB   4  
ATOM 780  C CG   . ASN A 1 10 ? -2.489 -4.088 2.010   1.00 1.09 ? 10 ASN A CG   4  
ATOM 781  O OD1  . ASN A 1 10 ? -2.257 -4.529 0.883   1.00 1.63 ? 10 ASN A OD1  4  
ATOM 782  N ND2  . ASN A 1 10 ? -3.686 -3.639 2.360   1.00 2.03 ? 10 ASN A ND2  4  
ATOM 783  H H    . ASN A 1 10 ? -1.061 -1.604 2.421   1.00 0.26 ? 10 ASN A H    4  
ATOM 784  H HA   . ASN A 1 10 ? -2.547 -2.859 4.433   1.00 0.35 ? 10 ASN A HA   4  
ATOM 785  H HB2  . ASN A 1 10 ? -0.448 -3.982 2.567   1.00 0.82 ? 10 ASN A HB2  4  
ATOM 786  H HB3  . ASN A 1 10 ? -1.438 -4.979 3.624   1.00 0.97 ? 10 ASN A HB3  4  
ATOM 787  H HD21 . ASN A 1 10 ? -3.811 -3.308 3.274   1.00 2.37 ? 10 ASN A HD21 4  
ATOM 788  H HD22 . ASN A 1 10 ? -4.403 -3.659 1.690   1.00 2.64 ? 10 ASN A HD22 4  
ATOM 789  N N    . TYR A 1 11 ? 0.659  -2.597 5.002   1.00 0.22 ? 11 TYR A N    4  
ATOM 790  C CA   . TYR A 1 11 ? 1.690  -2.731 6.014   1.00 0.32 ? 11 TYR A CA   4  
ATOM 791  C C    . TYR A 1 11 ? 1.520  -1.686 7.109   1.00 0.32 ? 11 TYR A C    4  
ATOM 792  O O    . TYR A 1 11 ? 1.943  -1.889 8.245   1.00 0.43 ? 11 TYR A O    4  
ATOM 793  C CB   . TYR A 1 11 ? 3.071  -2.609 5.374   1.00 0.47 ? 11 TYR A CB   4  
ATOM 794  C CG   . TYR A 1 11 ? 3.343  -3.641 4.301   1.00 0.66 ? 11 TYR A CG   4  
ATOM 795  C CD1  . TYR A 1 11 ? 2.915  -4.956 4.443   1.00 1.18 ? 11 TYR A CD1  4  
ATOM 796  C CD2  . TYR A 1 11 ? 4.030  -3.298 3.145   1.00 1.62 ? 11 TYR A CD2  4  
ATOM 797  C CE1  . TYR A 1 11 ? 3.162  -5.897 3.462   1.00 1.27 ? 11 TYR A CE1  4  
ATOM 798  C CE2  . TYR A 1 11 ? 4.281  -4.233 2.160   1.00 1.80 ? 11 TYR A CE2  4  
ATOM 799  C CZ   . TYR A 1 11 ? 3.847  -5.531 2.324   1.00 1.13 ? 11 TYR A CZ   4  
ATOM 800  O OH   . TYR A 1 11 ? 4.094  -6.463 1.345   1.00 1.38 ? 11 TYR A OH   4  
ATOM 801  H H    . TYR A 1 11 ? 0.878  -2.152 4.155   1.00 0.22 ? 11 TYR A H    4  
ATOM 802  H HA   . TYR A 1 11 ? 1.591  -3.705 6.454   1.00 0.41 ? 11 TYR A HA   4  
ATOM 803  H HB2  . TYR A 1 11 ? 3.167  -1.634 4.924   1.00 0.50 ? 11 TYR A HB2  4  
ATOM 804  H HB3  . TYR A 1 11 ? 3.817  -2.720 6.136   1.00 0.54 ? 11 TYR A HB3  4  
ATOM 805  H HD1  . TYR A 1 11 ? 2.379  -5.240 5.336   1.00 1.99 ? 11 TYR A HD1  4  
ATOM 806  H HD2  . TYR A 1 11 ? 4.373  -2.283 3.021   1.00 2.43 ? 11 TYR A HD2  4  
ATOM 807  H HE1  . TYR A 1 11 ? 2.823  -6.914 3.593   1.00 2.04 ? 11 TYR A HE1  4  
ATOM 808  H HE2  . TYR A 1 11 ? 4.815  -3.945 1.269   1.00 2.70 ? 11 TYR A HE2  4  
ATOM 809  H HH   . TYR A 1 11 ? 5.003  -6.366 1.033   1.00 1.62 ? 11 TYR A HH   4  
ATOM 810  N N    . MET A 1 12 ? 0.888  -0.577 6.764   1.00 0.30 ? 12 MET A N    4  
ATOM 811  C CA   . MET A 1 12 ? 0.636  0.495  7.724   1.00 0.41 ? 12 MET A CA   4  
ATOM 812  C C    . MET A 1 12 ? -0.568 0.162  8.596   1.00 0.43 ? 12 MET A C    4  
ATOM 813  O O    . MET A 1 12 ? -0.781 0.782  9.640   1.00 0.72 ? 12 MET A O    4  
ATOM 814  C CB   . MET A 1 12 ? 0.402  1.827  7.007   1.00 0.49 ? 12 MET A CB   4  
ATOM 815  C CG   . MET A 1 12 ? 1.631  2.363  6.294   1.00 1.05 ? 12 MET A CG   4  
ATOM 816  S SD   . MET A 1 12 ? 1.324  3.933  5.459   1.00 2.19 ? 12 MET A SD   4  
ATOM 817  C CE   . MET A 1 12 ? 0.905  4.981  6.850   1.00 2.67 ? 12 MET A CE   4  
ATOM 818  H H    . MET A 1 12 ? 0.583  -0.476 5.839   1.00 0.29 ? 12 MET A H    4  
ATOM 819  H HA   . MET A 1 12 ? 1.506  0.583  8.354   1.00 0.51 ? 12 MET A HA   4  
ATOM 820  H HB2  . MET A 1 12 ? -0.382 1.696  6.276   1.00 0.98 ? 12 MET A HB2  4  
ATOM 821  H HB3  . MET A 1 12 ? 0.086  2.560  7.732   1.00 0.96 ? 12 MET A HB3  4  
ATOM 822  H HG2  . MET A 1 12 ? 2.417  2.506  7.020   1.00 1.46 ? 12 MET A HG2  4  
ATOM 823  H HG3  . MET A 1 12 ? 1.952  1.637  5.560   1.00 1.56 ? 12 MET A HG3  4  
ATOM 824  H HE1  . MET A 1 12 ? 0.003  4.618  7.318   1.00 2.75 ? 12 MET A HE1  4  
ATOM 825  H HE2  . MET A 1 12 ? 0.747  5.991  6.503   1.00 3.10 ? 12 MET A HE2  4  
ATOM 826  H HE3  . MET A 1 12 ? 1.713  4.970  7.566   1.00 3.13 ? 12 MET A HE3  4  
ATOM 827  N N    . GLN A 1 13 ? -1.355 -0.812 8.156   1.00 0.55 ? 13 GLN A N    4  
ATOM 828  C CA   . GLN A 1 13 ? -2.519 -1.258 8.905   1.00 0.68 ? 13 GLN A CA   4  
ATOM 829  C C    . GLN A 1 13 ? -2.084 -1.922 10.207  1.00 1.50 ? 13 GLN A C    4  
ATOM 830  O O    . GLN A 1 13 ? -1.483 -3.013 10.148  1.00 2.06 ? 13 GLN A O    4  
ATOM 831  C CB   . GLN A 1 13 ? -3.359 -2.229 8.070   1.00 1.81 ? 13 GLN A CB   4  
ATOM 832  C CG   . GLN A 1 13 ? -4.596 -2.738 8.791   1.00 2.51 ? 13 GLN A CG   4  
ATOM 833  C CD   . GLN A 1 13 ? -5.410 -3.702 7.950   1.00 3.58 ? 13 GLN A CD   4  
ATOM 834  O OE1  . GLN A 1 13 ? -6.312 -3.295 7.217   1.00 4.21 ? 13 GLN A OE1  4  
ATOM 835  N NE2  . GLN A 1 13 ? -5.101 -4.986 8.052   1.00 4.23 ? 13 GLN A NE2  4  
ATOM 836  O OXT  . GLN A 1 13 ? -2.350 -1.351 11.284  1.00 2.41 ? 13 GLN A OXT  4  
ATOM 837  H H    . GLN A 1 13 ? -1.141 -1.246 7.305   1.00 0.77 ? 13 GLN A H    4  
ATOM 838  H HA   . GLN A 1 13 ? -3.114 -0.390 9.141   1.00 0.93 ? 13 GLN A HA   4  
ATOM 839  H HB2  . GLN A 1 13 ? -3.677 -1.726 7.167   1.00 2.22 ? 13 GLN A HB2  4  
ATOM 840  H HB3  . GLN A 1 13 ? -2.749 -3.079 7.802   1.00 2.46 ? 13 GLN A HB3  4  
ATOM 841  H HG2  . GLN A 1 13 ? -4.285 -3.246 9.691   1.00 2.90 ? 13 GLN A HG2  4  
ATOM 842  H HG3  . GLN A 1 13 ? -5.220 -1.895 9.051   1.00 2.55 ? 13 GLN A HG3  4  
ATOM 843  H HE21 . GLN A 1 13 ? -4.372 -5.243 8.659   1.00 4.12 ? 13 GLN A HE21 4  
ATOM 844  H HE22 . GLN A 1 13 ? -5.612 -5.629 7.517   1.00 5.04 ? 13 GLN A HE22 4  
ATOM 845  N N    . GLU A 1 1  ? 1.174  5.777  -7.639  1.00 2.99 ? 1  GLU A N    5  
ATOM 846  C CA   . GLU A 1 1  ? 1.515  5.637  -9.071  1.00 2.81 ? 1  GLU A CA   5  
ATOM 847  C C    . GLU A 1 1  ? 1.221  4.226  -9.569  1.00 2.28 ? 1  GLU A C    5  
ATOM 848  O O    . GLU A 1 1  ? 0.960  4.023  -10.755 1.00 2.31 ? 1  GLU A O    5  
ATOM 849  C CB   . GLU A 1 1  ? 2.988  5.969  -9.302  1.00 3.76 ? 1  GLU A CB   5  
ATOM 850  C CG   . GLU A 1 1  ? 3.374  7.366  -8.849  1.00 4.49 ? 1  GLU A CG   5  
ATOM 851  C CD   . GLU A 1 1  ? 4.779  7.743  -9.268  1.00 5.49 ? 1  GLU A CD   5  
ATOM 852  O OE1  . GLU A 1 1  ? 4.926  8.464  -10.273 1.00 5.92 ? 1  GLU A OE1  5  
ATOM 853  O OE2  . GLU A 1 1  ? 5.742  7.313  -8.603  1.00 6.11 ? 1  GLU A OE2  5  
ATOM 854  H H1   . GLU A 1 1  ? 0.164  5.580  -7.493  1.00 3.34 ? 1  GLU A H1   5  
ATOM 855  H H2   . GLU A 1 1  ? 1.374  6.745  -7.317  1.00 3.19 ? 1  GLU A H2   5  
ATOM 856  H H3   . GLU A 1 1  ? 1.730  5.114  -7.069  1.00 3.20 ? 1  GLU A H3   5  
ATOM 857  H HA   . GLU A 1 1  ? 0.906  6.333  -9.629  1.00 2.95 ? 1  GLU A HA   5  
ATOM 858  H HB2  . GLU A 1 1  ? 3.595  5.257  -8.764  1.00 4.04 ? 1  GLU A HB2  5  
ATOM 859  H HB3  . GLU A 1 1  ? 3.202  5.885  -10.358 1.00 4.15 ? 1  GLU A HB3  5  
ATOM 860  H HG2  . GLU A 1 1  ? 2.684  8.075  -9.281  1.00 4.61 ? 1  GLU A HG2  5  
ATOM 861  H HG3  . GLU A 1 1  ? 3.310  7.411  -7.772  1.00 4.61 ? 1  GLU A HG3  5  
ATOM 862  N N    . ASP A 1 2  ? 1.269  3.249  -8.668  1.00 1.88 ? 2  ASP A N    5  
ATOM 863  C CA   . ASP A 1 2  ? 1.020  1.866  -9.028  1.00 1.47 ? 2  ASP A CA   5  
ATOM 864  C C    . ASP A 1 2  ? 0.406  1.141  -7.829  1.00 0.94 ? 2  ASP A C    5  
ATOM 865  O O    . ASP A 1 2  ? 0.298  1.749  -6.760  1.00 0.97 ? 2  ASP A O    5  
ATOM 866  C CB   . ASP A 1 2  ? 2.329  1.197  -9.478  1.00 1.70 ? 2  ASP A CB   5  
ATOM 867  C CG   . ASP A 1 2  ? 3.285  0.940  -8.334  1.00 2.34 ? 2  ASP A CG   5  
ATOM 868  O OD1  . ASP A 1 2  ? 4.019  1.871  -7.943  1.00 3.05 ? 2  ASP A OD1  5  
ATOM 869  O OD2  . ASP A 1 2  ? 3.311  -0.196 -7.827  1.00 2.80 ? 2  ASP A OD2  5  
ATOM 870  H H    . ASP A 1 2  ? 1.480  3.456  -7.730  1.00 1.92 ? 2  ASP A H    5  
ATOM 871  H HA   . ASP A 1 2  ? 0.314  1.856  -9.846  1.00 1.60 ? 2  ASP A HA   5  
ATOM 872  H HB2  . ASP A 1 2  ? 2.101  0.254  -9.948  1.00 2.22 ? 2  ASP A HB2  5  
ATOM 873  H HB3  . ASP A 1 2  ? 2.821  1.838  -10.195 1.00 1.83 ? 2  ASP A HB3  5  
ATOM 874  N N    . PRO A 1 3  ? -0.027 -0.133 -7.963  1.00 0.76 ? 3  PRO A N    5  
ATOM 875  C CA   . PRO A 1 3  ? -0.645 -0.885 -6.852  1.00 0.71 ? 3  PRO A CA   5  
ATOM 876  C C    . PRO A 1 3  ? 0.138  -0.816 -5.532  1.00 0.55 ? 3  PRO A C    5  
ATOM 877  O O    . PRO A 1 3  ? -0.434 -1.033 -4.461  1.00 0.77 ? 3  PRO A O    5  
ATOM 878  C CB   . PRO A 1 3  ? -0.670 -2.318 -7.381  1.00 1.10 ? 3  PRO A CB   5  
ATOM 879  C CG   . PRO A 1 3  ? -0.790 -2.164 -8.855  1.00 1.21 ? 3  PRO A CG   5  
ATOM 880  C CD   . PRO A 1 3  ? 0.008  -0.937 -9.204  1.00 1.11 ? 3  PRO A CD   5  
ATOM 881  H HA   . PRO A 1 3  ? -1.656 -0.555 -6.675  1.00 0.99 ? 3  PRO A HA   5  
ATOM 882  H HB2  . PRO A 1 3  ? 0.245  -2.823 -7.105  1.00 1.23 ? 3  PRO A HB2  5  
ATOM 883  H HB3  . PRO A 1 3  ? -1.517 -2.843 -6.968  1.00 1.44 ? 3  PRO A HB3  5  
ATOM 884  H HG2  . PRO A 1 3  ? -0.379 -3.032 -9.349  1.00 1.61 ? 3  PRO A HG2  5  
ATOM 885  H HG3  . PRO A 1 3  ? -1.826 -2.028 -9.127  1.00 1.40 ? 3  PRO A HG3  5  
ATOM 886  H HD2  . PRO A 1 3  ? 1.019  -1.210 -9.459  1.00 1.49 ? 3  PRO A HD2  5  
ATOM 887  H HD3  . PRO A 1 3  ? -0.458 -0.405 -10.020 1.00 1.31 ? 3  PRO A HD3  5  
ATOM 888  N N    . ALA A 1 4  ? 1.433  -0.490 -5.609  1.00 0.46 ? 4  ALA A N    5  
ATOM 889  C CA   . ALA A 1 4  ? 2.293  -0.421 -4.427  1.00 0.52 ? 4  ALA A CA   5  
ATOM 890  C C    . ALA A 1 4  ? 1.708  0.465  -3.327  1.00 0.41 ? 4  ALA A C    5  
ATOM 891  O O    . ALA A 1 4  ? 1.959  0.234  -2.143  1.00 0.59 ? 4  ALA A O    5  
ATOM 892  C CB   . ALA A 1 4  ? 3.680  0.072  -4.803  1.00 0.75 ? 4  ALA A CB   5  
ATOM 893  H H    . ALA A 1 4  ? 1.821  -0.292 -6.492  1.00 0.62 ? 4  ALA A H    5  
ATOM 894  H HA   . ALA A 1 4  ? 2.392  -1.418 -4.047  1.00 0.64 ? 4  ALA A HA   5  
ATOM 895  H HB1  . ALA A 1 4  ? 4.309  0.076  -3.927  1.00 1.31 ? 4  ALA A HB1  5  
ATOM 896  H HB2  . ALA A 1 4  ? 3.609  1.072  -5.203  1.00 1.34 ? 4  ALA A HB2  5  
ATOM 897  H HB3  . ALA A 1 4  ? 4.104  -0.583 -5.550  1.00 1.17 ? 4  ALA A HB3  5  
ATOM 898  N N    . VAL A 1 5  ? 0.926  1.466  -3.718  1.00 0.29 ? 5  VAL A N    5  
ATOM 899  C CA   . VAL A 1 5  ? 0.304  2.366  -2.752  1.00 0.38 ? 5  VAL A CA   5  
ATOM 900  C C    . VAL A 1 5  ? -0.613 1.595  -1.801  1.00 0.40 ? 5  VAL A C    5  
ATOM 901  O O    . VAL A 1 5  ? -0.652 1.866  -0.605  1.00 0.59 ? 5  VAL A O    5  
ATOM 902  C CB   . VAL A 1 5  ? -0.498 3.489  -3.447  1.00 0.53 ? 5  VAL A CB   5  
ATOM 903  C CG1  . VAL A 1 5  ? -1.141 4.412  -2.422  1.00 0.76 ? 5  VAL A CG1  5  
ATOM 904  C CG2  . VAL A 1 5  ? 0.402  4.279  -4.382  1.00 0.56 ? 5  VAL A CG2  5  
ATOM 905  H H    . VAL A 1 5  ? 0.762  1.602  -4.676  1.00 0.33 ? 5  VAL A H    5  
ATOM 906  H HA   . VAL A 1 5  ? 1.094  2.824  -2.174  1.00 0.47 ? 5  VAL A HA   5  
ATOM 907  H HB   . VAL A 1 5  ? -1.283 3.034  -4.034  1.00 0.54 ? 5  VAL A HB   5  
ATOM 908  H HG11 . VAL A 1 5  ? -1.703 5.179  -2.933  1.00 1.32 ? 5  VAL A HG11 5  
ATOM 909  H HG12 . VAL A 1 5  ? -0.371 4.872  -1.819  1.00 0.93 ? 5  VAL A HG12 5  
ATOM 910  H HG13 . VAL A 1 5  ? -1.801 3.841  -1.786  1.00 1.39 ? 5  VAL A HG13 5  
ATOM 911  H HG21 . VAL A 1 5  ? 0.787  3.625  -5.150  1.00 1.14 ? 5  VAL A HG21 5  
ATOM 912  H HG22 . VAL A 1 5  ? 1.223  4.698  -3.822  1.00 1.16 ? 5  VAL A HG22 5  
ATOM 913  H HG23 . VAL A 1 5  ? -0.165 5.076  -4.839  1.00 1.20 ? 5  VAL A HG23 5  
ATOM 914  N N    . ASP A 1 6  ? -1.326 0.613  -2.336  1.00 0.29 ? 6  ASP A N    5  
ATOM 915  C CA   . ASP A 1 6  ? -2.219 -0.207 -1.525  1.00 0.33 ? 6  ASP A CA   5  
ATOM 916  C C    . ASP A 1 6  ? -1.409 -1.095 -0.592  1.00 0.30 ? 6  ASP A C    5  
ATOM 917  O O    . ASP A 1 6  ? -1.744 -1.254 0.580   1.00 0.35 ? 6  ASP A O    5  
ATOM 918  C CB   . ASP A 1 6  ? -3.113 -1.070 -2.417  1.00 0.42 ? 6  ASP A CB   5  
ATOM 919  C CG   . ASP A 1 6  ? -4.101 -1.903 -1.620  1.00 1.27 ? 6  ASP A CG   5  
ATOM 920  O OD1  . ASP A 1 6  ? -3.786 -3.067 -1.296  1.00 2.21 ? 6  ASP A OD1  5  
ATOM 921  O OD2  . ASP A 1 6  ? -5.205 -1.398 -1.321  1.00 1.82 ? 6  ASP A OD2  5  
ATOM 922  H H    . ASP A 1 6  ? -1.241 0.425  -3.296  1.00 0.28 ? 6  ASP A H    5  
ATOM 923  H HA   . ASP A 1 6  ? -2.836 0.452  -0.934  1.00 0.37 ? 6  ASP A HA   5  
ATOM 924  H HB2  . ASP A 1 6  ? -3.668 -0.429 -3.084  1.00 0.80 ? 6  ASP A HB2  5  
ATOM 925  H HB3  . ASP A 1 6  ? -2.494 -1.737 -2.996  1.00 1.07 ? 6  ASP A HB3  5  
ATOM 926  N N    . LEU A 1 7  ? -0.326 -1.649 -1.120  1.00 0.27 ? 7  LEU A N    5  
ATOM 927  C CA   . LEU A 1 7  ? 0.530  -2.546 -0.357  1.00 0.30 ? 7  LEU A CA   5  
ATOM 928  C C    . LEU A 1 7  ? 1.130  -1.843 0.854   1.00 0.25 ? 7  LEU A C    5  
ATOM 929  O O    . LEU A 1 7  ? 1.124  -2.389 1.957   1.00 0.26 ? 7  LEU A O    5  
ATOM 930  C CB   . LEU A 1 7  ? 1.649  -3.113 -1.238  1.00 0.38 ? 7  LEU A CB   5  
ATOM 931  C CG   . LEU A 1 7  ? 1.249  -4.261 -2.174  1.00 0.52 ? 7  LEU A CG   5  
ATOM 932  C CD1  . LEU A 1 7  ? 0.665  -5.420 -1.386  1.00 0.62 ? 7  LEU A CD1  5  
ATOM 933  C CD2  . LEU A 1 7  ? 0.265  -3.795 -3.234  1.00 0.56 ? 7  LEU A CD2  5  
ATOM 934  H H    . LEU A 1 7  ? -0.093 -1.449 -2.052  1.00 0.27 ? 7  LEU A H    5  
ATOM 935  H HA   . LEU A 1 7  ? -0.084 -3.361 -0.007  1.00 0.38 ? 7  LEU A HA   5  
ATOM 936  H HB2  . LEU A 1 7  ? 2.042  -2.310 -1.842  1.00 0.37 ? 7  LEU A HB2  5  
ATOM 937  H HB3  . LEU A 1 7  ? 2.437  -3.469 -0.591  1.00 0.40 ? 7  LEU A HB3  5  
ATOM 938  H HG   . LEU A 1 7  ? 2.130  -4.618 -2.680  1.00 0.59 ? 7  LEU A HG   5  
ATOM 939  H HD11 . LEU A 1 7  ? 0.490  -6.252 -2.050  1.00 0.98 ? 7  LEU A HD11 5  
ATOM 940  H HD12 . LEU A 1 7  ? -0.269 -5.116 -0.937  1.00 1.34 ? 7  LEU A HD12 5  
ATOM 941  H HD13 . LEU A 1 7  ? 1.358  -5.715 -0.612  1.00 1.26 ? 7  LEU A HD13 5  
ATOM 942  H HD21 . LEU A 1 7  ? -0.622 -3.407 -2.755  1.00 1.10 ? 7  LEU A HD21 5  
ATOM 943  H HD22 . LEU A 1 7  ? -0.003 -4.627 -3.867  1.00 1.28 ? 7  LEU A HD22 5  
ATOM 944  H HD23 . LEU A 1 7  ? 0.720  -3.019 -3.830  1.00 1.11 ? 7  LEU A HD23 5  
ATOM 945  N N    . LEU A 1 8  ? 1.629  -0.625 0.659   1.00 0.27 ? 8  LEU A N    5  
ATOM 946  C CA   . LEU A 1 8  ? 2.241  0.120  1.755   1.00 0.32 ? 8  LEU A CA   5  
ATOM 947  C C    . LEU A 1 8  ? 1.199  0.480  2.813   1.00 0.26 ? 8  LEU A C    5  
ATOM 948  O O    . LEU A 1 8  ? 1.528  0.668  3.985   1.00 0.32 ? 8  LEU A O    5  
ATOM 949  C CB   . LEU A 1 8  ? 2.975  1.372  1.237   1.00 0.46 ? 8  LEU A CB   5  
ATOM 950  C CG   . LEU A 1 8  ? 2.119  2.429  0.528   1.00 0.61 ? 8  LEU A CG   5  
ATOM 951  C CD1  . LEU A 1 8  ? 1.478  3.382  1.526   1.00 1.00 ? 8  LEU A CD1  5  
ATOM 952  C CD2  . LEU A 1 8  ? 2.961  3.196  -0.476  1.00 0.93 ? 8  LEU A CD2  5  
ATOM 953  H H    . LEU A 1 8  ? 1.591  -0.225 -0.239  1.00 0.28 ? 8  LEU A H    5  
ATOM 954  H HA   . LEU A 1 8  ? 2.967  -0.534 2.215   1.00 0.37 ? 8  LEU A HA   5  
ATOM 955  H HB2  . LEU A 1 8  ? 3.458  1.846  2.079   1.00 0.83 ? 8  LEU A HB2  5  
ATOM 956  H HB3  . LEU A 1 8  ? 3.741  1.047  0.549   1.00 0.72 ? 8  LEU A HB3  5  
ATOM 957  H HG   . LEU A 1 8  ? 1.325  1.933  -0.012  1.00 0.62 ? 8  LEU A HG   5  
ATOM 958  H HD11 . LEU A 1 8  ? 2.249  3.884  2.092   1.00 1.39 ? 8  LEU A HD11 5  
ATOM 959  H HD12 . LEU A 1 8  ? 0.843  2.825  2.200   1.00 1.35 ? 8  LEU A HD12 5  
ATOM 960  H HD13 . LEU A 1 8  ? 0.887  4.114  0.996   1.00 1.70 ? 8  LEU A HD13 5  
ATOM 961  H HD21 . LEU A 1 8  ? 3.800  3.648  0.031   1.00 1.45 ? 8  LEU A HD21 5  
ATOM 962  H HD22 . LEU A 1 8  ? 2.361  3.967  -0.935  1.00 1.50 ? 8  LEU A HD22 5  
ATOM 963  H HD23 . LEU A 1 8  ? 3.322  2.519  -1.236  1.00 1.40 ? 8  LEU A HD23 5  
ATOM 964  N N    . LYS A 1 9  ? -0.062 0.549  2.399   1.00 0.25 ? 9  LYS A N    5  
ATOM 965  C CA   . LYS A 1 9  ? -1.154 0.808  3.326   1.00 0.29 ? 9  LYS A CA   5  
ATOM 966  C C    . LYS A 1 9  ? -1.426 -0.435 4.158   1.00 0.23 ? 9  LYS A C    5  
ATOM 967  O O    . LYS A 1 9  ? -1.739 -0.347 5.343   1.00 0.29 ? 9  LYS A O    5  
ATOM 968  C CB   . LYS A 1 9  ? -2.426 1.217  2.581   1.00 0.43 ? 9  LYS A CB   5  
ATOM 969  C CG   . LYS A 1 9  ? -2.339 2.575  1.903   1.00 0.70 ? 9  LYS A CG   5  
ATOM 970  C CD   . LYS A 1 9  ? -3.590 2.874  1.088   1.00 1.33 ? 9  LYS A CD   5  
ATOM 971  C CE   . LYS A 1 9  ? -4.832 2.945  1.964   1.00 1.67 ? 9  LYS A CE   5  
ATOM 972  N NZ   . LYS A 1 9  ? -6.070 3.104  1.160   1.00 2.34 ? 9  LYS A NZ   5  
ATOM 973  H H    . LYS A 1 9  ? -0.262 0.409  1.451   1.00 0.28 ? 9  LYS A H    5  
ATOM 974  H HA   . LYS A 1 9  ? -0.852 1.610  3.983   1.00 0.34 ? 9  LYS A HA   5  
ATOM 975  H HB2  . LYS A 1 9  ? -2.638 0.475  1.826   1.00 0.72 ? 9  LYS A HB2  5  
ATOM 976  H HB3  . LYS A 1 9  ? -3.244 1.242  3.284   1.00 0.70 ? 9  LYS A HB3  5  
ATOM 977  H HG2  . LYS A 1 9  ? -2.222 3.338  2.657   1.00 1.23 ? 9  LYS A HG2  5  
ATOM 978  H HG3  . LYS A 1 9  ? -1.482 2.584  1.244   1.00 1.38 ? 9  LYS A HG3  5  
ATOM 979  H HD2  . LYS A 1 9  ? -3.463 3.824  0.589   1.00 1.99 ? 9  LYS A HD2  5  
ATOM 980  H HD3  . LYS A 1 9  ? -3.723 2.094  0.353   1.00 2.00 ? 9  LYS A HD3  5  
ATOM 981  H HE2  . LYS A 1 9  ? -4.904 2.036  2.540   1.00 2.13 ? 9  LYS A HE2  5  
ATOM 982  H HE3  . LYS A 1 9  ? -4.739 3.787  2.634   1.00 2.02 ? 9  LYS A HE3  5  
ATOM 983  H HZ1  . LYS A 1 9  ? -6.899 3.173  1.785   1.00 2.81 ? 9  LYS A HZ1  5  
ATOM 984  H HZ2  . LYS A 1 9  ? -6.196 2.285  0.530   1.00 2.83 ? 9  LYS A HZ2  5  
ATOM 985  H HZ3  . LYS A 1 9  ? -6.015 3.964  0.580   1.00 2.57 ? 9  LYS A HZ3  5  
ATOM 986  N N    . ASN A 1 10 ? -1.281 -1.594 3.532   1.00 0.23 ? 10 ASN A N    5  
ATOM 987  C CA   . ASN A 1 10 ? -1.500 -2.866 4.209   1.00 0.29 ? 10 ASN A CA   5  
ATOM 988  C C    . ASN A 1 10 ? -0.381 -3.140 5.205   1.00 0.26 ? 10 ASN A C    5  
ATOM 989  O O    . ASN A 1 10 ? -0.592 -3.802 6.223   1.00 0.39 ? 10 ASN A O    5  
ATOM 990  C CB   . ASN A 1 10 ? -1.591 -4.011 3.196   1.00 0.38 ? 10 ASN A CB   5  
ATOM 991  C CG   . ASN A 1 10 ? -2.722 -3.818 2.205   1.00 1.09 ? 10 ASN A CG   5  
ATOM 992  O OD1  . ASN A 1 10 ? -3.741 -3.204 2.522   1.00 1.63 ? 10 ASN A OD1  5  
ATOM 993  N ND2  . ASN A 1 10 ? -2.551 -4.345 1.001   1.00 2.03 ? 10 ASN A ND2  5  
ATOM 994  H H    . ASN A 1 10 ? -1.029 -1.596 2.582   1.00 0.26 ? 10 ASN A H    5  
ATOM 995  H HA   . ASN A 1 10 ? -2.433 -2.798 4.747   1.00 0.35 ? 10 ASN A HA   5  
ATOM 996  H HB2  . ASN A 1 10 ? -0.664 -4.074 2.647   1.00 0.82 ? 10 ASN A HB2  5  
ATOM 997  H HB3  . ASN A 1 10 ? -1.755 -4.941 3.724   1.00 0.97 ? 10 ASN A HB3  5  
ATOM 998  H HD21 . ASN A 1 10 ? -1.720 -4.834 0.824   1.00 2.37 ? 10 ASN A HD21 5  
ATOM 999  H HD22 . ASN A 1 10 ? -3.254 -4.204 0.328   1.00 2.64 ? 10 ASN A HD22 5  
ATOM 1000 N N    . TYR A 1 11 ? 0.805  -2.615 4.913   1.00 0.22 ? 11 TYR A N    5  
ATOM 1001 C CA   . TYR A 1 11 ? 1.957  -2.808 5.779   1.00 0.32 ? 11 TYR A CA   5  
ATOM 1002 C C    . TYR A 1 11 ? 1.818  -2.004 7.064   1.00 0.32 ? 11 TYR A C    5  
ATOM 1003 O O    . TYR A 1 11 ? 2.230  -2.445 8.137   1.00 0.43 ? 11 TYR A O    5  
ATOM 1004 C CB   . TYR A 1 11 ? 3.244  -2.411 5.056   1.00 0.47 ? 11 TYR A CB   5  
ATOM 1005 C CG   . TYR A 1 11 ? 3.557  -3.240 3.826   1.00 0.66 ? 11 TYR A CG   5  
ATOM 1006 C CD1  . TYR A 1 11 ? 3.220  -4.586 3.756   1.00 1.18 ? 11 TYR A CD1  5  
ATOM 1007 C CD2  . TYR A 1 11 ? 4.199  -2.669 2.734   1.00 1.62 ? 11 TYR A CD2  5  
ATOM 1008 C CE1  . TYR A 1 11 ? 3.514  -5.339 2.634   1.00 1.27 ? 11 TYR A CE1  5  
ATOM 1009 C CE2  . TYR A 1 11 ? 4.496  -3.414 1.611   1.00 1.80 ? 11 TYR A CE2  5  
ATOM 1010 C CZ   . TYR A 1 11 ? 4.149  -4.748 1.564   1.00 1.13 ? 11 TYR A CZ   5  
ATOM 1011 O OH   . TYR A 1 11 ? 4.445  -5.493 0.445   1.00 1.38 ? 11 TYR A OH   5  
ATOM 1012 H H    . TYR A 1 11 ? 0.912  -2.096 4.086   1.00 0.22 ? 11 TYR A H    5  
ATOM 1013 H HA   . TYR A 1 11 ? 2.004  -3.848 6.031   1.00 0.41 ? 11 TYR A HA   5  
ATOM 1014 H HB2  . TYR A 1 11 ? 3.166  -1.381 4.745   1.00 0.50 ? 11 TYR A HB2  5  
ATOM 1015 H HB3  . TYR A 1 11 ? 4.065  -2.510 5.739   1.00 0.54 ? 11 TYR A HB3  5  
ATOM 1016 H HD1  . TYR A 1 11 ? 2.720  -5.047 4.594   1.00 1.99 ? 11 TYR A HD1  5  
ATOM 1017 H HD2  . TYR A 1 11 ? 4.471  -1.626 2.774   1.00 2.43 ? 11 TYR A HD2  5  
ATOM 1018 H HE1  . TYR A 1 11 ? 3.245  -6.384 2.599   1.00 2.04 ? 11 TYR A HE1  5  
ATOM 1019 H HE2  . TYR A 1 11 ? 4.995  -2.951 0.772   1.00 2.70 ? 11 TYR A HE2  5  
ATOM 1020 H HH   . TYR A 1 11 ? 5.351  -5.304 0.165   1.00 1.62 ? 11 TYR A HH   5  
ATOM 1021 N N    . MET A 1 12 ? 1.232  -0.826 6.947   1.00 0.30 ? 12 MET A N    5  
ATOM 1022 C CA   . MET A 1 12 ? 1.039  0.048  8.100   1.00 0.41 ? 12 MET A CA   5  
ATOM 1023 C C    . MET A 1 12 ? -0.264 -0.292 8.816   1.00 0.43 ? 12 MET A C    5  
ATOM 1024 O O    . MET A 1 12 ? -0.320 -0.279 10.044  1.00 0.72 ? 12 MET A O    5  
ATOM 1025 C CB   . MET A 1 12 ? 1.067  1.525  7.672   1.00 0.49 ? 12 MET A CB   5  
ATOM 1026 C CG   . MET A 1 12 ? -0.071 1.940  6.752   1.00 1.05 ? 12 MET A CG   5  
ATOM 1027 S SD   . MET A 1 12 ? 0.204  3.547  5.975   1.00 2.19 ? 12 MET A SD   5  
ATOM 1028 C CE   . MET A 1 12 ? 0.314  4.617  7.407   1.00 2.67 ? 12 MET A CE   5  
ATOM 1029 H H    . MET A 1 12 ? 0.923  -0.541 6.066   1.00 0.29 ? 12 MET A H    5  
ATOM 1030 H HA   . MET A 1 12 ? 1.858  -0.131 8.781   1.00 0.51 ? 12 MET A HA   5  
ATOM 1031 H HB2  . MET A 1 12 ? 1.023  2.142  8.559   1.00 0.98 ? 12 MET A HB2  5  
ATOM 1032 H HB3  . MET A 1 12 ? 1.997  1.715  7.163   1.00 0.96 ? 12 MET A HB3  5  
ATOM 1033 H HG2  . MET A 1 12 ? -0.177 1.195  5.978   1.00 1.46 ? 12 MET A HG2  5  
ATOM 1034 H HG3  . MET A 1 12 ? -0.982 1.986  7.330   1.00 1.56 ? 12 MET A HG3  5  
ATOM 1035 H HE1  . MET A 1 12 ? -0.601 4.555  7.976   1.00 2.75 ? 12 MET A HE1  5  
ATOM 1036 H HE2  . MET A 1 12 ? 0.469  5.635  7.084   1.00 3.10 ? 12 MET A HE2  5  
ATOM 1037 H HE3  . MET A 1 12 ? 1.143  4.307  8.025   1.00 3.13 ? 12 MET A HE3  5  
ATOM 1038 N N    . GLN A 1 13 ? -1.292 -0.619 8.030   1.00 0.55 ? 13 GLN A N    5  
ATOM 1039 C CA   . GLN A 1 13 ? -2.596 -1.033 8.547   1.00 0.68 ? 13 GLN A CA   5  
ATOM 1040 C C    . GLN A 1 13 ? -3.164 0.007  9.512   1.00 1.50 ? 13 GLN A C    5  
ATOM 1041 O O    . GLN A 1 13 ? -2.982 -0.138 10.742  1.00 2.06 ? 13 GLN A O    5  
ATOM 1042 C CB   . GLN A 1 13 ? -2.487 -2.403 9.221   1.00 1.81 ? 13 GLN A CB   5  
ATOM 1043 C CG   . GLN A 1 13 ? -3.824 -3.015 9.611   1.00 2.51 ? 13 GLN A CG   5  
ATOM 1044 C CD   . GLN A 1 13 ? -3.664 -4.344 10.328  1.00 3.58 ? 13 GLN A CD   5  
ATOM 1045 O OE1  . GLN A 1 13 ? -4.511 -5.231 10.212  1.00 4.21 ? 13 GLN A OE1  5  
ATOM 1046 N NE2  . GLN A 1 13 ? -2.581 -4.489 11.077  1.00 4.23 ? 13 GLN A NE2  5  
ATOM 1047 O OXT  . GLN A 1 13 ? -3.781 0.981  9.032   1.00 2.41 ? 13 GLN A OXT  5  
ATOM 1048 H H    . GLN A 1 13 ? -1.168 -0.574 7.058   1.00 0.77 ? 13 GLN A H    5  
ATOM 1049 H HA   . GLN A 1 13 ? -3.267 -1.116 7.704   1.00 0.93 ? 13 GLN A HA   5  
ATOM 1050 H HB2  . GLN A 1 13 ? -1.992 -3.081 8.544   1.00 2.22 ? 13 GLN A HB2  5  
ATOM 1051 H HB3  . GLN A 1 13 ? -1.888 -2.300 10.113  1.00 2.46 ? 13 GLN A HB3  5  
ATOM 1052 H HG2  . GLN A 1 13 ? -4.341 -2.330 10.266  1.00 2.90 ? 13 GLN A HG2  5  
ATOM 1053 H HG3  . GLN A 1 13 ? -4.408 -3.171 8.718   1.00 2.55 ? 13 GLN A HG3  5  
ATOM 1054 H HE21 . GLN A 1 13 ? -1.950 -3.741 11.128  1.00 4.12 ? 13 GLN A HE21 5  
ATOM 1055 H HE22 . GLN A 1 13 ? -2.457 -5.337 11.554  1.00 5.04 ? 13 GLN A HE22 5  
ATOM 1056 N N    . GLU A 1 1  ? -3.851 4.730  -5.187  1.00 2.99 ? 1  GLU A N    6  
ATOM 1057 C CA   . GLU A 1 1  ? -3.049 5.346  -6.268  1.00 2.81 ? 1  GLU A CA   6  
ATOM 1058 C C    . GLU A 1 1  ? -2.530 4.278  -7.226  1.00 2.28 ? 1  GLU A C    6  
ATOM 1059 O O    . GLU A 1 1  ? -2.918 4.238  -8.393  1.00 2.31 ? 1  GLU A O    6  
ATOM 1060 C CB   . GLU A 1 1  ? -1.876 6.131  -5.679  1.00 3.76 ? 1  GLU A CB   6  
ATOM 1061 C CG   . GLU A 1 1  ? -1.099 6.918  -6.719  1.00 4.49 ? 1  GLU A CG   6  
ATOM 1062 C CD   . GLU A 1 1  ? 0.108  7.624  -6.141  1.00 5.49 ? 1  GLU A CD   6  
ATOM 1063 O OE1  . GLU A 1 1  ? -0.065 8.674  -5.488  1.00 5.92 ? 1  GLU A OE1  6  
ATOM 1064 O OE2  . GLU A 1 1  ? 1.236  7.136  -6.348  1.00 6.11 ? 1  GLU A OE2  6  
ATOM 1065 H H1   . GLU A 1 1  ? -4.686 4.257  -5.589  1.00 3.34 ? 1  GLU A H1   6  
ATOM 1066 H H2   . GLU A 1 1  ? -4.170 5.457  -4.515  1.00 3.19 ? 1  GLU A H2   6  
ATOM 1067 H H3   . GLU A 1 1  ? -3.285 4.027  -4.673  1.00 3.20 ? 1  GLU A H3   6  
ATOM 1068 H HA   . GLU A 1 1  ? -3.687 6.023  -6.816  1.00 2.95 ? 1  GLU A HA   6  
ATOM 1069 H HB2  . GLU A 1 1  ? -2.254 6.822  -4.940  1.00 4.04 ? 1  GLU A HB2  6  
ATOM 1070 H HB3  . GLU A 1 1  ? -1.199 5.439  -5.202  1.00 4.15 ? 1  GLU A HB3  6  
ATOM 1071 H HG2  . GLU A 1 1  ? -0.762 6.239  -7.486  1.00 4.61 ? 1  GLU A HG2  6  
ATOM 1072 H HG3  . GLU A 1 1  ? -1.753 7.657  -7.157  1.00 4.61 ? 1  GLU A HG3  6  
ATOM 1073 N N    . ASP A 1 2  ? -1.650 3.412  -6.732  1.00 1.88 ? 2  ASP A N    6  
ATOM 1074 C CA   . ASP A 1 2  ? -1.068 2.361  -7.539  1.00 1.47 ? 2  ASP A CA   6  
ATOM 1075 C C    . ASP A 1 2  ? -0.858 1.161  -6.640  1.00 0.94 ? 2  ASP A C    6  
ATOM 1076 O O    . ASP A 1 2  ? -0.774 1.350  -5.425  1.00 0.97 ? 2  ASP A O    6  
ATOM 1077 C CB   . ASP A 1 2  ? 0.267  2.849  -8.125  1.00 1.70 ? 2  ASP A CB   6  
ATOM 1078 C CG   . ASP A 1 2  ? 0.999  1.800  -8.939  1.00 2.34 ? 2  ASP A CG   6  
ATOM 1079 O OD1  . ASP A 1 2  ? 0.765  1.719  -10.162 1.00 3.05 ? 2  ASP A OD1  6  
ATOM 1080 O OD2  . ASP A 1 2  ? 1.822  1.058  -8.362  1.00 2.80 ? 2  ASP A OD2  6  
ATOM 1081 H H    . ASP A 1 2  ? -1.377 3.468  -5.786  1.00 1.92 ? 2  ASP A H    6  
ATOM 1082 H HA   . ASP A 1 2  ? -1.756 2.110  -8.335  1.00 1.60 ? 2  ASP A HA   6  
ATOM 1083 H HB2  . ASP A 1 2  ? 0.078  3.695  -8.766  1.00 2.22 ? 2  ASP A HB2  6  
ATOM 1084 H HB3  . ASP A 1 2  ? 0.911  3.160  -7.314  1.00 1.83 ? 2  ASP A HB3  6  
ATOM 1085 N N    . PRO A 1 3  ? -0.830 -0.074 -7.170  1.00 0.76 ? 3  PRO A N    6  
ATOM 1086 C CA   . PRO A 1 3  ? -0.484 -1.255 -6.379  1.00 0.71 ? 3  PRO A CA   6  
ATOM 1087 C C    . PRO A 1 3  ? 0.654  -0.984 -5.392  1.00 0.55 ? 3  PRO A C    6  
ATOM 1088 O O    . PRO A 1 3  ? 0.635  -1.465 -4.256  1.00 0.77 ? 3  PRO A O    6  
ATOM 1089 C CB   . PRO A 1 3  ? -0.052 -2.251 -7.447  1.00 1.10 ? 3  PRO A CB   6  
ATOM 1090 C CG   . PRO A 1 3  ? -0.898 -1.918 -8.630  1.00 1.21 ? 3  PRO A CG   6  
ATOM 1091 C CD   . PRO A 1 3  ? -1.174 -0.435 -8.559  1.00 1.11 ? 3  PRO A CD   6  
ATOM 1092 H HA   . PRO A 1 3  ? -1.342 -1.640 -5.844  1.00 0.99 ? 3  PRO A HA   6  
ATOM 1093 H HB2  . PRO A 1 3  ? 0.999  -2.122 -7.661  1.00 1.23 ? 3  PRO A HB2  6  
ATOM 1094 H HB3  . PRO A 1 3  ? -0.236 -3.258 -7.102  1.00 1.44 ? 3  PRO A HB3  6  
ATOM 1095 H HG2  . PRO A 1 3  ? -0.364 -2.155 -9.538  1.00 1.61 ? 3  PRO A HG2  6  
ATOM 1096 H HG3  . PRO A 1 3  ? -1.824 -2.472 -8.585  1.00 1.40 ? 3  PRO A HG3  6  
ATOM 1097 H HD2  . PRO A 1 3  ? -0.547 0.099  -9.259  1.00 1.49 ? 3  PRO A HD2  6  
ATOM 1098 H HD3  . PRO A 1 3  ? -2.216 -0.236 -8.762  1.00 1.31 ? 3  PRO A HD3  6  
ATOM 1099 N N    . ALA A 1 4  ? 1.617  -0.165 -5.814  1.00 0.46 ? 4  ALA A N    6  
ATOM 1100 C CA   . ALA A 1 4  ? 2.764  0.169  -4.982  1.00 0.52 ? 4  ALA A CA   6  
ATOM 1101 C C    . ALA A 1 4  ? 2.352  0.837  -3.679  1.00 0.41 ? 4  ALA A C    6  
ATOM 1102 O O    . ALA A 1 4  ? 2.962  0.607  -2.631  1.00 0.59 ? 4  ALA A O    6  
ATOM 1103 C CB   . ALA A 1 4  ? 3.743  1.046  -5.744  1.00 0.75 ? 4  ALA A CB   6  
ATOM 1104 H H    . ALA A 1 4  ? 1.552  0.225  -6.718  1.00 0.62 ? 4  ALA A H    6  
ATOM 1105 H HA   . ALA A 1 4  ? 3.250  -0.745 -4.745  1.00 0.64 ? 4  ALA A HA   6  
ATOM 1106 H HB1  . ALA A 1 4  ? 3.276  1.991  -5.972  1.00 1.31 ? 4  ALA A HB1  6  
ATOM 1107 H HB2  . ALA A 1 4  ? 4.026  0.555  -6.662  1.00 1.34 ? 4  ALA A HB2  6  
ATOM 1108 H HB3  . ALA A 1 4  ? 4.621  1.214  -5.141  1.00 1.17 ? 4  ALA A HB3  6  
ATOM 1109 N N    . VAL A 1 5  ? 1.316  1.651  -3.736  1.00 0.29 ? 5  VAL A N    6  
ATOM 1110 C CA   . VAL A 1 5  ? 0.828  2.334  -2.556  1.00 0.38 ? 5  VAL A CA   6  
ATOM 1111 C C    . VAL A 1 5  ? -0.066 1.401  -1.749  1.00 0.40 ? 5  VAL A C    6  
ATOM 1112 O O    . VAL A 1 5  ? -0.095 1.457  -0.524  1.00 0.59 ? 5  VAL A O    6  
ATOM 1113 C CB   . VAL A 1 5  ? 0.059  3.622  -2.924  1.00 0.53 ? 5  VAL A CB   6  
ATOM 1114 C CG1  . VAL A 1 5  ? -0.401 4.361  -1.676  1.00 0.76 ? 5  VAL A CG1  6  
ATOM 1115 C CG2  . VAL A 1 5  ? 0.925  4.525  -3.792  1.00 0.56 ? 5  VAL A CG2  6  
ATOM 1116 H H    . VAL A 1 5  ? 0.855  1.780  -4.595  1.00 0.33 ? 5  VAL A H    6  
ATOM 1117 H HA   . VAL A 1 5  ? 1.683  2.607  -1.954  1.00 0.47 ? 5  VAL A HA   6  
ATOM 1118 H HB   . VAL A 1 5  ? -0.815 3.345  -3.494  1.00 0.54 ? 5  VAL A HB   6  
ATOM 1119 H HG11 . VAL A 1 5  ? -1.058 3.727  -1.101  1.00 1.32 ? 5  VAL A HG11 6  
ATOM 1120 H HG12 . VAL A 1 5  ? -0.929 5.259  -1.962  1.00 0.93 ? 5  VAL A HG12 6  
ATOM 1121 H HG13 . VAL A 1 5  ? 0.459  4.626  -1.077  1.00 1.39 ? 5  VAL A HG13 6  
ATOM 1122 H HG21 . VAL A 1 5  ? 1.142  4.027  -4.726  1.00 1.14 ? 5  VAL A HG21 6  
ATOM 1123 H HG22 . VAL A 1 5  ? 1.849  4.738  -3.276  1.00 1.16 ? 5  VAL A HG22 6  
ATOM 1124 H HG23 . VAL A 1 5  ? 0.402  5.447  -3.987  1.00 1.20 ? 5  VAL A HG23 6  
ATOM 1125 N N    . ASP A 1 6  ? -0.754 0.507  -2.447  1.00 0.29 ? 6  ASP A N    6  
ATOM 1126 C CA   . ASP A 1 6  ? -1.683 -0.425 -1.806  1.00 0.33 ? 6  ASP A CA   6  
ATOM 1127 C C    . ASP A 1 6  ? -0.947 -1.334 -0.829  1.00 0.30 ? 6  ASP A C    6  
ATOM 1128 O O    . ASP A 1 6  ? -1.424 -1.596 0.278   1.00 0.35 ? 6  ASP A O    6  
ATOM 1129 C CB   . ASP A 1 6  ? -2.410 -1.266 -2.856  1.00 0.42 ? 6  ASP A CB   6  
ATOM 1130 C CG   . ASP A 1 6  ? -3.294 -2.331 -2.236  1.00 1.27 ? 6  ASP A CG   6  
ATOM 1131 O OD1  . ASP A 1 6  ? -2.920 -3.524 -2.283  1.00 2.21 ? 6  ASP A OD1  6  
ATOM 1132 O OD2  . ASP A 1 6  ? -4.366 -1.984 -1.705  1.00 1.82 ? 6  ASP A OD2  6  
ATOM 1133 H H    . ASP A 1 6  ? -0.622 0.459  -3.422  1.00 0.28 ? 6  ASP A H    6  
ATOM 1134 H HA   . ASP A 1 6  ? -2.408 0.158  -1.258  1.00 0.37 ? 6  ASP A HA   6  
ATOM 1135 H HB2  . ASP A 1 6  ? -3.029 -0.619 -3.461  1.00 0.80 ? 6  ASP A HB2  6  
ATOM 1136 H HB3  . ASP A 1 6  ? -1.681 -1.751 -3.487  1.00 1.07 ? 6  ASP A HB3  6  
ATOM 1137 N N    . LEU A 1 7  ? 0.223  -1.800 -1.242  1.00 0.27 ? 7  LEU A N    6  
ATOM 1138 C CA   . LEU A 1 7  ? 1.053  -2.651 -0.401  1.00 0.30 ? 7  LEU A CA   6  
ATOM 1139 C C    . LEU A 1 7  ? 1.413  -1.951 0.906   1.00 0.25 ? 7  LEU A C    6  
ATOM 1140 O O    . LEU A 1 7  ? 1.197  -2.499 1.989   1.00 0.26 ? 7  LEU A O    6  
ATOM 1141 C CB   . LEU A 1 7  ? 2.331  -3.056 -1.147  1.00 0.38 ? 7  LEU A CB   6  
ATOM 1142 C CG   . LEU A 1 7  ? 2.227  -4.317 -2.015  1.00 0.52 ? 7  LEU A CG   6  
ATOM 1143 C CD1  . LEU A 1 7  ? 2.027  -5.548 -1.147  1.00 0.62 ? 7  LEU A CD1  6  
ATOM 1144 C CD2  . LEU A 1 7  ? 1.099  -4.199 -3.024  1.00 0.56 ? 7  LEU A CD2  6  
ATOM 1145 H H    . LEU A 1 7  ? 0.535  -1.574 -2.147  1.00 0.27 ? 7  LEU A H    6  
ATOM 1146 H HA   . LEU A 1 7  ? 0.486  -3.541 -0.171  1.00 0.38 ? 7  LEU A HA   6  
ATOM 1147 H HB2  . LEU A 1 7  ? 2.624  -2.233 -1.781  1.00 0.37 ? 7  LEU A HB2  6  
ATOM 1148 H HB3  . LEU A 1 7  ? 3.111  -3.215 -0.415  1.00 0.40 ? 7  LEU A HB3  6  
ATOM 1149 H HG   . LEU A 1 7  ? 3.151  -4.443 -2.560  1.00 0.59 ? 7  LEU A HG   6  
ATOM 1150 H HD11 . LEU A 1 7  ? 1.121  -5.437 -0.569  1.00 0.98 ? 7  LEU A HD11 6  
ATOM 1151 H HD12 . LEU A 1 7  ? 2.869  -5.658 -0.480  1.00 1.34 ? 7  LEU A HD12 6  
ATOM 1152 H HD13 . LEU A 1 7  ? 1.947  -6.421 -1.777  1.00 1.26 ? 7  LEU A HD13 6  
ATOM 1153 H HD21 . LEU A 1 7  ? 1.021  -5.117 -3.589  1.00 1.10 ? 7  LEU A HD21 6  
ATOM 1154 H HD22 . LEU A 1 7  ? 1.302  -3.379 -3.697  1.00 1.28 ? 7  LEU A HD22 6  
ATOM 1155 H HD23 . LEU A 1 7  ? 0.169  -4.015 -2.506  1.00 1.11 ? 7  LEU A HD23 6  
ATOM 1156 N N    . LEU A 1 8  ? 1.921  -0.729 0.810   1.00 0.27 ? 8  LEU A N    6  
ATOM 1157 C CA   . LEU A 1 8  ? 2.375  -0.009 1.994   1.00 0.32 ? 8  LEU A CA   6  
ATOM 1158 C C    . LEU A 1 8  ? 1.201  0.392  2.885   1.00 0.26 ? 8  LEU A C    6  
ATOM 1159 O O    . LEU A 1 8  ? 1.372  0.600  4.080   1.00 0.32 ? 8  LEU A O    6  
ATOM 1160 C CB   . LEU A 1 8  ? 3.219  1.216  1.600   1.00 0.46 ? 8  LEU A CB   6  
ATOM 1161 C CG   . LEU A 1 8  ? 2.514  2.296  0.770   1.00 0.61 ? 8  LEU A CG   6  
ATOM 1162 C CD1  . LEU A 1 8  ? 1.816  3.311  1.665   1.00 1.00 ? 8  LEU A CD1  6  
ATOM 1163 C CD2  . LEU A 1 8  ? 3.509  2.989  -0.147  1.00 0.93 ? 8  LEU A CD2  6  
ATOM 1164 H H    . LEU A 1 8  ? 1.990  -0.303 -0.071  1.00 0.28 ? 8  LEU A H    6  
ATOM 1165 H HA   . LEU A 1 8  ? 3.002  -0.686 2.554   1.00 0.37 ? 8  LEU A HA   6  
ATOM 1166 H HB2  . LEU A 1 8  ? 3.579  1.675  2.508   1.00 0.83 ? 8  LEU A HB2  6  
ATOM 1167 H HB3  . LEU A 1 8  ? 4.069  0.865  1.037   1.00 0.72 ? 8  LEU A HB3  6  
ATOM 1168 H HG   . LEU A 1 8  ? 1.761  1.827  0.153   1.00 0.62 ? 8  LEU A HG   6  
ATOM 1169 H HD11 . LEU A 1 8  ? 1.310  4.043  1.053   1.00 1.39 ? 8  LEU A HD11 6  
ATOM 1170 H HD12 . LEU A 1 8  ? 2.548  3.806  2.287   1.00 1.35 ? 8  LEU A HD12 6  
ATOM 1171 H HD13 . LEU A 1 8  ? 1.095  2.804  2.292   1.00 1.70 ? 8  LEU A HD13 6  
ATOM 1172 H HD21 . LEU A 1 8  ? 3.004  3.759  -0.709  1.00 1.45 ? 8  LEU A HD21 6  
ATOM 1173 H HD22 . LEU A 1 8  ? 3.936  2.268  -0.828  1.00 1.50 ? 8  LEU A HD22 6  
ATOM 1174 H HD23 . LEU A 1 8  ? 4.295  3.434  0.445   1.00 1.40 ? 8  LEU A HD23 6  
ATOM 1175 N N    . LYS A 1 9  ? 0.008  0.468  2.310   1.00 0.25 ? 9  LYS A N    6  
ATOM 1176 C CA   . LYS A 1 9  ? -1.173 0.842  3.079   1.00 0.29 ? 9  LYS A CA   6  
ATOM 1177 C C    . LYS A 1 9  ? -1.580 -0.306 3.986   1.00 0.23 ? 9  LYS A C    6  
ATOM 1178 O O    . LYS A 1 9  ? -1.814 -0.118 5.178   1.00 0.29 ? 9  LYS A O    6  
ATOM 1179 C CB   . LYS A 1 9  ? -2.347 1.218  2.161   1.00 0.43 ? 9  LYS A CB   6  
ATOM 1180 C CG   . LYS A 1 9  ? -2.130 2.486  1.347   1.00 0.70 ? 9  LYS A CG   6  
ATOM 1181 C CD   . LYS A 1 9  ? -1.933 3.712  2.228   1.00 1.33 ? 9  LYS A CD   6  
ATOM 1182 C CE   . LYS A 1 9  ? -3.188 4.056  3.016   1.00 1.67 ? 9  LYS A CE   6  
ATOM 1183 N NZ   . LYS A 1 9  ? -2.968 5.210  3.932   1.00 2.34 ? 9  LYS A NZ   6  
ATOM 1184 H H    . LYS A 1 9  ? -0.080 0.247  1.360   1.00 0.28 ? 9  LYS A H    6  
ATOM 1185 H HA   . LYS A 1 9  ? -0.915 1.692  3.689   1.00 0.34 ? 9  LYS A HA   6  
ATOM 1186 H HB2  . LYS A 1 9  ? -2.522 0.404  1.474   1.00 0.72 ? 9  LYS A HB2  6  
ATOM 1187 H HB3  . LYS A 1 9  ? -3.229 1.355  2.769   1.00 0.70 ? 9  LYS A HB3  6  
ATOM 1188 H HG2  . LYS A 1 9  ? -1.251 2.358  0.732   1.00 1.23 ? 9  LYS A HG2  6  
ATOM 1189 H HG3  . LYS A 1 9  ? -2.991 2.645  0.713   1.00 1.38 ? 9  LYS A HG3  6  
ATOM 1190 H HD2  . LYS A 1 9  ? -1.129 3.518  2.922   1.00 1.99 ? 9  LYS A HD2  6  
ATOM 1191 H HD3  . LYS A 1 9  ? -1.673 4.551  1.602   1.00 2.00 ? 9  LYS A HD3  6  
ATOM 1192 H HE2  . LYS A 1 9  ? -3.977 4.304  2.324   1.00 2.13 ? 9  LYS A HE2  6  
ATOM 1193 H HE3  . LYS A 1 9  ? -3.481 3.198  3.601   1.00 2.02 ? 9  LYS A HE3  6  
ATOM 1194 H HZ1  . LYS A 1 9  ? -2.167 5.014  4.564   1.00 2.81 ? 9  LYS A HZ1  6  
ATOM 1195 H HZ2  . LYS A 1 9  ? -3.816 5.376  4.511   1.00 2.83 ? 9  LYS A HZ2  6  
ATOM 1196 H HZ3  . LYS A 1 9  ? -2.764 6.070  3.383   1.00 2.57 ? 9  LYS A HZ3  6  
ATOM 1197 N N    . ASN A 1 10 ? -1.624 -1.501 3.415   1.00 0.23 ? 10 ASN A N    6  
ATOM 1198 C CA   . ASN A 1 10 ? -2.028 -2.690 4.154   1.00 0.29 ? 10 ASN A CA   6  
ATOM 1199 C C    . ASN A 1 10 ? -1.016 -3.040 5.235   1.00 0.26 ? 10 ASN A C    6  
ATOM 1200 O O    . ASN A 1 10 ? -1.387 -3.445 6.340   1.00 0.39 ? 10 ASN A O    6  
ATOM 1201 C CB   . ASN A 1 10 ? -2.207 -3.884 3.211   1.00 0.38 ? 10 ASN A CB   6  
ATOM 1202 C CG   . ASN A 1 10 ? -3.505 -3.827 2.428   1.00 1.09 ? 10 ASN A CG   6  
ATOM 1203 O OD1  . ASN A 1 10 ? -4.534 -4.327 2.879   1.00 1.63 ? 10 ASN A OD1  6  
ATOM 1204 N ND2  . ASN A 1 10 ? -3.466 -3.233 1.245   1.00 2.03 ? 10 ASN A ND2  6  
ATOM 1205 H H    . ASN A 1 10 ? -1.378 -1.584 2.467   1.00 0.26 ? 10 ASN A H    6  
ATOM 1206 H HA   . ASN A 1 10 ? -2.972 -2.475 4.626   1.00 0.35 ? 10 ASN A HA   6  
ATOM 1207 H HB2  . ASN A 1 10 ? -1.388 -3.905 2.508   1.00 0.82 ? 10 ASN A HB2  6  
ATOM 1208 H HB3  . ASN A 1 10 ? -2.199 -4.796 3.790   1.00 0.97 ? 10 ASN A HB3  6  
ATOM 1209 H HD21 . ASN A 1 10 ? -2.608 -2.863 0.932   1.00 2.37 ? 10 ASN A HD21 6  
ATOM 1210 H HD22 . ASN A 1 10 ? -4.300 -3.172 0.728   1.00 2.64 ? 10 ASN A HD22 6  
ATOM 1211 N N    . TYR A 1 11 ? 0.262  -2.866 4.928   1.00 0.22 ? 11 TYR A N    6  
ATOM 1212 C CA   . TYR A 1 11 ? 1.315  -3.282 5.835   1.00 0.32 ? 11 TYR A CA   6  
ATOM 1213 C C    . TYR A 1 11 ? 1.594  -2.246 6.917   1.00 0.32 ? 11 TYR A C    6  
ATOM 1214 O O    . TYR A 1 11 ? 2.215  -2.557 7.934   1.00 0.43 ? 11 TYR A O    6  
ATOM 1215 C CB   . TYR A 1 11 ? 2.582  -3.622 5.057   1.00 0.47 ? 11 TYR A CB   6  
ATOM 1216 C CG   . TYR A 1 11 ? 2.518  -4.983 4.394   1.00 0.66 ? 11 TYR A CG   6  
ATOM 1217 C CD1  . TYR A 1 11 ? 2.409  -5.110 3.016   1.00 1.18 ? 11 TYR A CD1  6  
ATOM 1218 C CD2  . TYR A 1 11 ? 2.550  -6.144 5.158   1.00 1.62 ? 11 TYR A CD2  6  
ATOM 1219 C CE1  . TYR A 1 11 ? 2.331  -6.355 2.416   1.00 1.27 ? 11 TYR A CE1  6  
ATOM 1220 C CE2  . TYR A 1 11 ? 2.477  -7.391 4.567   1.00 1.80 ? 11 TYR A CE2  6  
ATOM 1221 C CZ   . TYR A 1 11 ? 2.368  -7.491 3.197   1.00 1.13 ? 11 TYR A CZ   6  
ATOM 1222 O OH   . TYR A 1 11 ? 2.285  -8.734 2.603   1.00 1.38 ? 11 TYR A OH   6  
ATOM 1223 H H    . TYR A 1 11 ? 0.502  -2.448 4.069   1.00 0.22 ? 11 TYR A H    6  
ATOM 1224 H HA   . TYR A 1 11 ? 0.971  -4.178 6.322   1.00 0.41 ? 11 TYR A HA   6  
ATOM 1225 H HB2  . TYR A 1 11 ? 2.732  -2.881 4.284   1.00 0.50 ? 11 TYR A HB2  6  
ATOM 1226 H HB3  . TYR A 1 11 ? 3.421  -3.611 5.726   1.00 0.54 ? 11 TYR A HB3  6  
ATOM 1227 H HD1  . TYR A 1 11 ? 2.384  -4.220 2.406   1.00 1.99 ? 11 TYR A HD1  6  
ATOM 1228 H HD2  . TYR A 1 11 ? 2.634  -6.063 6.232   1.00 2.43 ? 11 TYR A HD2  6  
ATOM 1229 H HE1  . TYR A 1 11 ? 2.246  -6.434 1.344   1.00 2.04 ? 11 TYR A HE1  6  
ATOM 1230 H HE2  . TYR A 1 11 ? 2.505  -8.280 5.178   1.00 2.70 ? 11 TYR A HE2  6  
ATOM 1231 H HH   . TYR A 1 11 ? 2.937  -8.789 1.892   1.00 1.62 ? 11 TYR A HH   6  
ATOM 1232 N N    . MET A 1 12 ? 1.137  -1.024 6.709   1.00 0.30 ? 12 MET A N    6  
ATOM 1233 C CA   . MET A 1 12 ? 1.273  0.010  7.727   1.00 0.41 ? 12 MET A CA   6  
ATOM 1234 C C    . MET A 1 12 ? 0.021  0.075  8.590   1.00 0.43 ? 12 MET A C    6  
ATOM 1235 O O    . MET A 1 12 ? 0.066  -0.215 9.788   1.00 0.72 ? 12 MET A O    6  
ATOM 1236 C CB   . MET A 1 12 ? 1.554  1.377  7.101   1.00 0.49 ? 12 MET A CB   6  
ATOM 1237 C CG   . MET A 1 12 ? 2.954  1.501  6.526   1.00 1.05 ? 12 MET A CG   6  
ATOM 1238 S SD   . MET A 1 12 ? 4.238  1.294  7.774   1.00 2.19 ? 12 MET A SD   6  
ATOM 1239 C CE   . MET A 1 12 ? 5.709  1.376  6.756   1.00 2.67 ? 12 MET A CE   6  
ATOM 1240 H H    . MET A 1 12 ? 0.695  -0.815 5.861   1.00 0.29 ? 12 MET A H    6  
ATOM 1241 H HA   . MET A 1 12 ? 2.108  -0.263 8.356   1.00 0.51 ? 12 MET A HA   6  
ATOM 1242 H HB2  . MET A 1 12 ? 0.844  1.550  6.306   1.00 0.98 ? 12 MET A HB2  6  
ATOM 1243 H HB3  . MET A 1 12 ? 1.430  2.140  7.858   1.00 0.96 ? 12 MET A HB3  6  
ATOM 1244 H HG2  . MET A 1 12 ? 3.085  0.745  5.766   1.00 1.46 ? 12 MET A HG2  6  
ATOM 1245 H HG3  . MET A 1 12 ? 3.059  2.479  6.080   1.00 1.56 ? 12 MET A HG3  6  
ATOM 1246 H HE1  . MET A 1 12 ? 5.753  2.336  6.267   1.00 2.75 ? 12 MET A HE1  6  
ATOM 1247 H HE2  . MET A 1 12 ? 5.673  0.593  6.013   1.00 3.10 ? 12 MET A HE2  6  
ATOM 1248 H HE3  . MET A 1 12 ? 6.582  1.244  7.376   1.00 3.13 ? 12 MET A HE3  6  
ATOM 1249 N N    . GLN A 1 13 ? -1.101 0.435  7.977   1.00 0.55 ? 13 GLN A N    6  
ATOM 1250 C CA   . GLN A 1 13 ? -2.364 0.551  8.692   1.00 0.68 ? 13 GLN A CA   6  
ATOM 1251 C C    . GLN A 1 13 ? -3.530 0.655  7.710   1.00 1.50 ? 13 GLN A C    6  
ATOM 1252 O O    . GLN A 1 13 ? -4.106 -0.393 7.363   1.00 2.06 ? 13 GLN A O    6  
ATOM 1253 C CB   . GLN A 1 13 ? -2.338 1.748  9.657   1.00 1.81 ? 13 GLN A CB   6  
ATOM 1254 C CG   . GLN A 1 13 ? -1.866 3.052  9.028   1.00 2.51 ? 13 GLN A CG   6  
ATOM 1255 C CD   . GLN A 1 13 ? -1.769 4.194  10.025  1.00 3.58 ? 13 GLN A CD   6  
ATOM 1256 O OE1  . GLN A 1 13 ? -0.938 5.089  9.874   1.00 4.21 ? 13 GLN A OE1  6  
ATOM 1257 N NE2  . GLN A 1 13 ? -2.612 4.178  11.047  1.00 4.23 ? 13 GLN A NE2  6  
ATOM 1258 O OXT  . GLN A 1 13 ? -3.867 1.781  7.281   1.00 2.41 ? 13 GLN A OXT  6  
ATOM 1259 H H    . GLN A 1 13 ? -1.084 0.612  7.009   1.00 0.77 ? 13 GLN A H    6  
ATOM 1260 H HA   . GLN A 1 13 ? -2.490 -0.355 9.269   1.00 0.93 ? 13 GLN A HA   6  
ATOM 1261 H HB2  . GLN A 1 13 ? -3.334 1.904  10.041  1.00 2.22 ? 13 GLN A HB2  6  
ATOM 1262 H HB3  . GLN A 1 13 ? -1.680 1.514  10.481  1.00 2.46 ? 13 GLN A HB3  6  
ATOM 1263 H HG2  . GLN A 1 13 ? -0.891 2.892  8.596   1.00 2.90 ? 13 GLN A HG2  6  
ATOM 1264 H HG3  . GLN A 1 13 ? -2.561 3.332  8.250   1.00 2.55 ? 13 GLN A HG3  6  
ATOM 1265 H HE21 . GLN A 1 13 ? -3.252 3.435  11.111  1.00 4.12 ? 13 GLN A HE21 6  
ATOM 1266 H HE22 . GLN A 1 13 ? -2.562 4.909  11.698  1.00 5.04 ? 13 GLN A HE22 6  
ATOM 1267 N N    . GLU A 1 1  ? 2.960  5.359  -8.487  1.00 2.99 ? 1  GLU A N    7  
ATOM 1268 C CA   . GLU A 1 1  ? 1.555  5.249  -8.941  1.00 2.81 ? 1  GLU A CA   7  
ATOM 1269 C C    . GLU A 1 1  ? 1.242  3.830  -9.422  1.00 2.28 ? 1  GLU A C    7  
ATOM 1270 O O    . GLU A 1 1  ? 0.788  3.622  -10.550 1.00 2.31 ? 1  GLU A O    7  
ATOM 1271 C CB   . GLU A 1 1  ? 1.282  6.259  -10.061 1.00 3.76 ? 1  GLU A CB   7  
ATOM 1272 C CG   . GLU A 1 1  ? 2.241  6.150  -11.237 1.00 4.49 ? 1  GLU A CG   7  
ATOM 1273 C CD   . GLU A 1 1  ? 1.871  7.072  -12.377 1.00 5.49 ? 1  GLU A CD   7  
ATOM 1274 O OE1  . GLU A 1 1  ? 2.319  8.237  -12.377 1.00 5.92 ? 1  GLU A OE1  7  
ATOM 1275 O OE2  . GLU A 1 1  ? 1.131  6.633  -13.281 1.00 6.11 ? 1  GLU A OE2  7  
ATOM 1276 H H1   . GLU A 1 1  ? 3.608  5.184  -9.279  1.00 3.34 ? 1  GLU A H1   7  
ATOM 1277 H H2   . GLU A 1 1  ? 3.152  4.664  -7.740  1.00 3.19 ? 1  GLU A H2   7  
ATOM 1278 H H3   . GLU A 1 1  ? 3.143  6.310  -8.109  1.00 3.20 ? 1  GLU A H3   7  
ATOM 1279 H HA   . GLU A 1 1  ? 0.913  5.475  -8.103  1.00 2.95 ? 1  GLU A HA   7  
ATOM 1280 H HB2  . GLU A 1 1  ? 0.278  6.108  -10.430 1.00 4.04 ? 1  GLU A HB2  7  
ATOM 1281 H HB3  . GLU A 1 1  ? 1.358  7.257  -9.654  1.00 4.15 ? 1  GLU A HB3  7  
ATOM 1282 H HG2  . GLU A 1 1  ? 3.235  6.400  -10.900 1.00 4.61 ? 1  GLU A HG2  7  
ATOM 1283 H HG3  . GLU A 1 1  ? 2.232  5.132  -11.598 1.00 4.61 ? 1  GLU A HG3  7  
ATOM 1284 N N    . ASP A 1 2  ? 1.482  2.856  -8.558  1.00 1.88 ? 2  ASP A N    7  
ATOM 1285 C CA   . ASP A 1 2  ? 1.223  1.463  -8.880  1.00 1.47 ? 2  ASP A CA   7  
ATOM 1286 C C    . ASP A 1 2  ? 0.420  0.834  -7.746  1.00 0.94 ? 2  ASP A C    7  
ATOM 1287 O O    . ASP A 1 2  ? 0.225  1.488  -6.722  1.00 0.97 ? 2  ASP A O    7  
ATOM 1288 C CB   . ASP A 1 2  ? 2.546  0.709  -9.096  1.00 1.70 ? 2  ASP A CB   7  
ATOM 1289 C CG   . ASP A 1 2  ? 3.236  1.092  -10.391 1.00 2.34 ? 2  ASP A CG   7  
ATOM 1290 O OD1  . ASP A 1 2  ? 4.166  1.922  -10.355 1.00 3.05 ? 2  ASP A OD1  7  
ATOM 1291 O OD2  . ASP A 1 2  ? 2.858  0.558  -11.455 1.00 2.80 ? 2  ASP A OD2  7  
ATOM 1292 H H    . ASP A 1 2  ? 1.831  3.075  -7.664  1.00 1.92 ? 2  ASP A H    7  
ATOM 1293 H HA   . ASP A 1 2  ? 0.639  1.429  -9.787  1.00 1.60 ? 2  ASP A HA   7  
ATOM 1294 H HB2  . ASP A 1 2  ? 3.214  0.933  -8.279  1.00 2.22 ? 2  ASP A HB2  7  
ATOM 1295 H HB3  . ASP A 1 2  ? 2.353  -0.350 -9.113  1.00 1.83 ? 2  ASP A HB3  7  
ATOM 1296 N N    . PRO A 1 3  ? -0.067 -0.415 -7.886  1.00 0.76 ? 3  PRO A N    7  
ATOM 1297 C CA   . PRO A 1 3  ? -0.791 -1.103 -6.802  1.00 0.71 ? 3  PRO A CA   7  
ATOM 1298 C C    . PRO A 1 3  ? -0.036 -1.067 -5.470  1.00 0.55 ? 3  PRO A C    7  
ATOM 1299 O O    . PRO A 1 3  ? -0.629 -1.214 -4.401  1.00 0.77 ? 3  PRO A O    7  
ATOM 1300 C CB   . PRO A 1 3  ? -0.907 -2.537 -7.316  1.00 1.10 ? 3  PRO A CB   7  
ATOM 1301 C CG   . PRO A 1 3  ? -0.916 -2.395 -8.797  1.00 1.21 ? 3  PRO A CG   7  
ATOM 1302 C CD   . PRO A 1 3  ? 0.001  -1.247 -9.106  1.00 1.11 ? 3  PRO A CD   7  
ATOM 1303 H HA   . PRO A 1 3  ? -1.778 -0.688 -6.661  1.00 0.99 ? 3  PRO A HA   7  
ATOM 1304 H HB2  . PRO A 1 3  ? -0.061 -3.116 -6.975  1.00 1.23 ? 3  PRO A HB2  7  
ATOM 1305 H HB3  . PRO A 1 3  ? -1.824 -2.980 -6.956  1.00 1.44 ? 3  PRO A HB3  7  
ATOM 1306 H HG2  . PRO A 1 3  ? -0.550 -3.301 -9.255  1.00 1.61 ? 3  PRO A HG2  7  
ATOM 1307 H HG3  . PRO A 1 3  ? -1.917 -2.178 -9.140  1.00 1.40 ? 3  PRO A HG3  7  
ATOM 1308 H HD2  . PRO A 1 3  ? 1.003  -1.605 -9.276  1.00 1.49 ? 3  PRO A HD2  7  
ATOM 1309 H HD3  . PRO A 1 3  ? -0.357 -0.698 -9.965  1.00 1.31 ? 3  PRO A HD3  7  
ATOM 1310 N N    . ALA A 1 4  ? 1.274  -0.840 -5.547  1.00 0.46 ? 4  ALA A N    7  
ATOM 1311 C CA   . ALA A 1 4  ? 2.128  -0.744 -4.370  1.00 0.52 ? 4  ALA A CA   7  
ATOM 1312 C C    . ALA A 1 4  ? 1.640  0.322  -3.388  1.00 0.41 ? 4  ALA A C    7  
ATOM 1313 O O    . ALA A 1 4  ? 1.915  0.241  -2.189  1.00 0.59 ? 4  ALA A O    7  
ATOM 1314 C CB   . ALA A 1 4  ? 3.559  -0.456 -4.788  1.00 0.75 ? 4  ALA A CB   7  
ATOM 1315 H H    . ALA A 1 4  ? 1.678  -0.733 -6.433  1.00 0.62 ? 4  ALA A H    7  
ATOM 1316 H HA   . ALA A 1 4  ? 2.113  -1.700 -3.879  1.00 0.64 ? 4  ALA A HA   7  
ATOM 1317 H HB1  . ALA A 1 4  ? 3.607  0.512  -5.263  1.00 1.31 ? 4  ALA A HB1  7  
ATOM 1318 H HB2  . ALA A 1 4  ? 3.894  -1.214 -5.480  1.00 1.34 ? 4  ALA A HB2  7  
ATOM 1319 H HB3  . ALA A 1 4  ? 4.195  -0.457 -3.915  1.00 1.17 ? 4  ALA A HB3  7  
ATOM 1320 N N    . VAL A 1 5  ? 0.900  1.310  -3.892  1.00 0.29 ? 5  VAL A N    7  
ATOM 1321 C CA   . VAL A 1 5  ? 0.357  2.369  -3.045  1.00 0.38 ? 5  VAL A CA   7  
ATOM 1322 C C    . VAL A 1 5  ? -0.657 1.796  -2.046  1.00 0.40 ? 5  VAL A C    7  
ATOM 1323 O O    . VAL A 1 5  ? -0.895 2.369  -0.981  1.00 0.59 ? 5  VAL A O    7  
ATOM 1324 C CB   . VAL A 1 5  ? -0.308 3.488  -3.887  1.00 0.53 ? 5  VAL A CB   7  
ATOM 1325 C CG1  . VAL A 1 5  ? -0.760 4.643  -3.005  1.00 0.76 ? 5  VAL A CG1  7  
ATOM 1326 C CG2  . VAL A 1 5  ? 0.641  3.993  -4.962  1.00 0.56 ? 5  VAL A CG2  7  
ATOM 1327 H H    . VAL A 1 5  ? 0.719  1.327  -4.859  1.00 0.33 ? 5  VAL A H    7  
ATOM 1328 H HA   . VAL A 1 5  ? 1.178  2.803  -2.494  1.00 0.47 ? 5  VAL A HA   7  
ATOM 1329 H HB   . VAL A 1 5  ? -1.178 3.075  -4.372  1.00 0.54 ? 5  VAL A HB   7  
ATOM 1330 H HG11 . VAL A 1 5  ? -1.242 5.394  -3.613  1.00 1.32 ? 5  VAL A HG11 7  
ATOM 1331 H HG12 . VAL A 1 5  ? 0.097  5.075  -2.510  1.00 0.93 ? 5  VAL A HG12 7  
ATOM 1332 H HG13 . VAL A 1 5  ? -1.457 4.277  -2.265  1.00 1.39 ? 5  VAL A HG13 7  
ATOM 1333 H HG21 . VAL A 1 5  ? 1.521  4.412  -4.500  1.00 1.14 ? 5  VAL A HG21 7  
ATOM 1334 H HG22 . VAL A 1 5  ? 0.146  4.753  -5.549  1.00 1.16 ? 5  VAL A HG22 7  
ATOM 1335 H HG23 . VAL A 1 5  ? 0.927  3.173  -5.603  1.00 1.20 ? 5  VAL A HG23 7  
ATOM 1336 N N    . ASP A 1 6  ? -1.243 0.655  -2.387  1.00 0.29 ? 6  ASP A N    7  
ATOM 1337 C CA   . ASP A 1 6  ? -2.156 -0.033 -1.479  1.00 0.33 ? 6  ASP A CA   7  
ATOM 1338 C C    . ASP A 1 6  ? -1.374 -0.908 -0.512  1.00 0.30 ? 6  ASP A C    7  
ATOM 1339 O O    . ASP A 1 6  ? -1.737 -1.046 0.654   1.00 0.35 ? 6  ASP A O    7  
ATOM 1340 C CB   . ASP A 1 6  ? -3.169 -0.888 -2.247  1.00 0.42 ? 6  ASP A CB   7  
ATOM 1341 C CG   . ASP A 1 6  ? -4.215 -0.058 -2.957  1.00 1.27 ? 6  ASP A CG   7  
ATOM 1342 O OD1  . ASP A 1 6  ? -5.153 0.428  -2.287  1.00 2.21 ? 6  ASP A OD1  7  
ATOM 1343 O OD2  . ASP A 1 6  ? -4.112 0.119  -4.189  1.00 1.82 ? 6  ASP A OD2  7  
ATOM 1344 H H    . ASP A 1 6  ? -1.053 0.261  -3.267  1.00 0.28 ? 6  ASP A H    7  
ATOM 1345 H HA   . ASP A 1 6  ? -2.688 0.719  -0.914  1.00 0.37 ? 6  ASP A HA   7  
ATOM 1346 H HB2  . ASP A 1 6  ? -2.644 -1.477 -2.984  1.00 0.80 ? 6  ASP A HB2  7  
ATOM 1347 H HB3  . ASP A 1 6  ? -3.668 -1.550 -1.555  1.00 1.07 ? 6  ASP A HB3  7  
ATOM 1348 N N    . LEU A 1 7  ? -0.283 -1.484 -1.002  1.00 0.27 ? 7  LEU A N    7  
ATOM 1349 C CA   . LEU A 1 7  ? 0.556  -2.352 -0.186  1.00 0.30 ? 7  LEU A CA   7  
ATOM 1350 C C    . LEU A 1 7  ? 1.185  -1.586 0.974   1.00 0.25 ? 7  LEU A C    7  
ATOM 1351 O O    . LEU A 1 7  ? 1.228  -2.085 2.097   1.00 0.26 ? 7  LEU A O    7  
ATOM 1352 C CB   . LEU A 1 7  ? 1.648  -3.014 -1.035  1.00 0.38 ? 7  LEU A CB   7  
ATOM 1353 C CG   . LEU A 1 7  ? 1.212  -4.245 -1.844  1.00 0.52 ? 7  LEU A CG   7  
ATOM 1354 C CD1  . LEU A 1 7  ? 0.701  -5.340 -0.921  1.00 0.62 ? 7  LEU A CD1  7  
ATOM 1355 C CD2  . LEU A 1 7  ? 0.154  -3.889 -2.876  1.00 0.56 ? 7  LEU A CD2  7  
ATOM 1356 H H    . LEU A 1 7  ? -0.042 -1.333 -1.940  1.00 0.27 ? 7  LEU A H    7  
ATOM 1357 H HA   . LEU A 1 7  ? -0.079 -3.122 0.221   1.00 0.38 ? 7  LEU A HA   7  
ATOM 1358 H HB2  . LEU A 1 7  ? 2.027  -2.275 -1.726  1.00 0.37 ? 7  LEU A HB2  7  
ATOM 1359 H HB3  . LEU A 1 7  ? 2.450  -3.311 -0.378  1.00 0.40 ? 7  LEU A HB3  7  
ATOM 1360 H HG   . LEU A 1 7  ? 2.069  -4.632 -2.369  1.00 0.59 ? 7  LEU A HG   7  
ATOM 1361 H HD11 . LEU A 1 7  ? 1.468  -5.599 -0.207  1.00 0.98 ? 7  LEU A HD11 7  
ATOM 1362 H HD12 . LEU A 1 7  ? 0.446  -6.212 -1.505  1.00 1.34 ? 7  LEU A HD12 7  
ATOM 1363 H HD13 . LEU A 1 7  ? -0.176 -4.992 -0.396  1.00 1.26 ? 7  LEU A HD13 7  
ATOM 1364 H HD21 . LEU A 1 7  ? -0.144 -4.779 -3.409  1.00 1.10 ? 7  LEU A HD21 7  
ATOM 1365 H HD22 . LEU A 1 7  ? 0.560  -3.172 -3.575  1.00 1.28 ? 7  LEU A HD22 7  
ATOM 1366 H HD23 . LEU A 1 7  ? -0.703 -3.460 -2.380  1.00 1.11 ? 7  LEU A HD23 7  
ATOM 1367 N N    . LEU A 1 8  ? 1.646  -0.366 0.712   1.00 0.27 ? 8  LEU A N    7  
ATOM 1368 C CA   . LEU A 1 8  ? 2.248  0.461  1.758   1.00 0.32 ? 8  LEU A CA   7  
ATOM 1369 C C    . LEU A 1 8  ? 1.226  0.804  2.841   1.00 0.26 ? 8  LEU A C    7  
ATOM 1370 O O    . LEU A 1 8  ? 1.585  1.182  3.953   1.00 0.32 ? 8  LEU A O    7  
ATOM 1371 C CB   . LEU A 1 8  ? 2.881  1.730  1.161   1.00 0.46 ? 8  LEU A CB   7  
ATOM 1372 C CG   . LEU A 1 8  ? 1.960  2.640  0.340   1.00 0.61 ? 8  LEU A CG   7  
ATOM 1373 C CD1  . LEU A 1 8  ? 1.129  3.543  1.240   1.00 1.00 ? 8  LEU A CD1  7  
ATOM 1374 C CD2  . LEU A 1 8  ? 2.778  3.473  -0.634  1.00 0.93 ? 8  LEU A CD2  7  
ATOM 1375 H H    . LEU A 1 8  ? 1.595  -0.019 -0.207  1.00 0.28 ? 8  LEU A H    7  
ATOM 1376 H HA   . LEU A 1 8  ? 3.029  -0.128 2.219   1.00 0.37 ? 8  LEU A HA   7  
ATOM 1377 H HB2  . LEU A 1 8  ? 3.286  2.314  1.972   1.00 0.83 ? 8  LEU A HB2  7  
ATOM 1378 H HB3  . LEU A 1 8  ? 3.698  1.424  0.526   1.00 0.72 ? 8  LEU A HB3  7  
ATOM 1379 H HG   . LEU A 1 8  ? 1.280  2.028  -0.236  1.00 0.62 ? 8  LEU A HG   7  
ATOM 1380 H HD11 . LEU A 1 8  ? 0.564  2.937  1.932   1.00 1.39 ? 8  LEU A HD11 7  
ATOM 1381 H HD12 . LEU A 1 8  ? 0.452  4.125  0.634   1.00 1.35 ? 8  LEU A HD12 7  
ATOM 1382 H HD13 . LEU A 1 8  ? 1.783  4.204  1.788   1.00 1.70 ? 8  LEU A HD13 7  
ATOM 1383 H HD21 . LEU A 1 8  ? 3.519  4.038  -0.089  1.00 1.45 ? 8  LEU A HD21 7  
ATOM 1384 H HD22 . LEU A 1 8  ? 2.125  4.152  -1.164  1.00 1.50 ? 8  LEU A HD22 7  
ATOM 1385 H HD23 . LEU A 1 8  ? 3.270  2.821  -1.340  1.00 1.40 ? 8  LEU A HD23 7  
ATOM 1386 N N    . LYS A 1 9  ? -0.048 0.661  2.507   1.00 0.25 ? 9  LYS A N    7  
ATOM 1387 C CA   . LYS A 1 9  ? -1.115 0.841  3.478   1.00 0.29 ? 9  LYS A CA   7  
ATOM 1388 C C    . LYS A 1 9  ? -1.322 -0.456 4.243   1.00 0.23 ? 9  LYS A C    7  
ATOM 1389 O O    . LYS A 1 9  ? -1.454 -0.455 5.465   1.00 0.29 ? 9  LYS A O    7  
ATOM 1390 C CB   . LYS A 1 9  ? -2.423 1.241  2.787   1.00 0.43 ? 9  LYS A CB   7  
ATOM 1391 C CG   . LYS A 1 9  ? -2.388 2.603  2.115   1.00 0.70 ? 9  LYS A CG   7  
ATOM 1392 C CD   . LYS A 1 9  ? -3.709 2.901  1.420   1.00 1.33 ? 9  LYS A CD   7  
ATOM 1393 C CE   . LYS A 1 9  ? -3.735 4.300  0.821   1.00 1.67 ? 9  LYS A CE   7  
ATOM 1394 N NZ   . LYS A 1 9  ? -2.671 4.491  -0.197  1.00 2.34 ? 9  LYS A NZ   7  
ATOM 1395 H H    . LYS A 1 9  ? -0.273 0.412  1.589   1.00 0.28 ? 9  LYS A H    7  
ATOM 1396 H HA   . LYS A 1 9  ? -0.820 1.618  4.167   1.00 0.34 ? 9  LYS A HA   7  
ATOM 1397 H HB2  . LYS A 1 9  ? -2.654 0.503  2.034   1.00 0.72 ? 9  LYS A HB2  7  
ATOM 1398 H HB3  . LYS A 1 9  ? -3.212 1.247  3.523   1.00 0.70 ? 9  LYS A HB3  7  
ATOM 1399 H HG2  . LYS A 1 9  ? -2.206 3.362  2.863   1.00 1.23 ? 9  LYS A HG2  7  
ATOM 1400 H HG3  . LYS A 1 9  ? -1.594 2.616  1.383   1.00 1.38 ? 9  LYS A HG3  7  
ATOM 1401 H HD2  . LYS A 1 9  ? -3.854 2.182  0.626   1.00 1.99 ? 9  LYS A HD2  7  
ATOM 1402 H HD3  . LYS A 1 9  ? -4.508 2.812  2.138   1.00 2.00 ? 9  LYS A HD3  7  
ATOM 1403 H HE2  . LYS A 1 9  ? -4.695 4.460  0.358   1.00 2.13 ? 9  LYS A HE2  7  
ATOM 1404 H HE3  . LYS A 1 9  ? -3.595 5.018  1.614   1.00 2.02 ? 9  LYS A HE3  7  
ATOM 1405 H HZ1  . LYS A 1 9  ? -1.738 4.515  0.259   1.00 2.81 ? 9  LYS A HZ1  7  
ATOM 1406 H HZ2  . LYS A 1 9  ? -2.821 5.384  -0.708  1.00 2.83 ? 9  LYS A HZ2  7  
ATOM 1407 H HZ3  . LYS A 1 9  ? -2.689 3.709  -0.883  1.00 2.57 ? 9  LYS A HZ3  7  
ATOM 1408 N N    . ASN A 1 10 ? -1.318 -1.560 3.503   1.00 0.23 ? 10 ASN A N    7  
ATOM 1409 C CA   . ASN A 1 10 ? -1.513 -2.895 4.069   1.00 0.29 ? 10 ASN A CA   7  
ATOM 1410 C C    . ASN A 1 10 ? -0.451 -3.207 5.116   1.00 0.26 ? 10 ASN A C    7  
ATOM 1411 O O    . ASN A 1 10 ? -0.741 -3.807 6.152   1.00 0.39 ? 10 ASN A O    7  
ATOM 1412 C CB   . ASN A 1 10 ? -1.461 -3.947 2.955   1.00 0.38 ? 10 ASN A CB   7  
ATOM 1413 C CG   . ASN A 1 10 ? -1.830 -5.342 3.436   1.00 1.09 ? 10 ASN A CG   7  
ATOM 1414 O OD1  . ASN A 1 10 ? -2.999 -5.724 3.419   1.00 1.63 ? 10 ASN A OD1  7  
ATOM 1415 N ND2  . ASN A 1 10 ? -0.839 -6.114 3.855   1.00 2.03 ? 10 ASN A ND2  7  
ATOM 1416 H H    . ASN A 1 10 ? -1.187 -1.475 2.534   1.00 0.26 ? 10 ASN A H    7  
ATOM 1417 H HA   . ASN A 1 10 ? -2.486 -2.922 4.535   1.00 0.35 ? 10 ASN A HA   7  
ATOM 1418 H HB2  . ASN A 1 10 ? -2.146 -3.667 2.170   1.00 0.82 ? 10 ASN A HB2  7  
ATOM 1419 H HB3  . ASN A 1 10 ? -0.458 -3.981 2.552   1.00 0.97 ? 10 ASN A HB3  7  
ATOM 1420 H HD21 . ASN A 1 10 ? 0.074  -5.756 3.836   1.00 2.37 ? 10 ASN A HD21 7  
ATOM 1421 H HD22 . ASN A 1 10 ? -1.058 -7.019 4.170   1.00 2.64 ? 10 ASN A HD22 7  
ATOM 1422 N N    . TYR A 1 11 ? 0.779  -2.793 4.843   1.00 0.22 ? 11 TYR A N    7  
ATOM 1423 C CA   . TYR A 1 11 ? 1.893  -3.066 5.739   1.00 0.32 ? 11 TYR A CA   7  
ATOM 1424 C C    . TYR A 1 11 ? 1.846  -2.192 6.986   1.00 0.32 ? 11 TYR A C    7  
ATOM 1425 O O    . TYR A 1 11 ? 2.501  -2.483 7.984   1.00 0.43 ? 11 TYR A O    7  
ATOM 1426 C CB   . TYR A 1 11 ? 3.220  -2.878 5.009   1.00 0.47 ? 11 TYR A CB   7  
ATOM 1427 C CG   . TYR A 1 11 ? 3.617  -4.070 4.170   1.00 0.66 ? 11 TYR A CG   7  
ATOM 1428 C CD1  . TYR A 1 11 ? 4.411  -5.078 4.699   1.00 1.18 ? 11 TYR A CD1  7  
ATOM 1429 C CD2  . TYR A 1 11 ? 3.195  -4.193 2.853   1.00 1.62 ? 11 TYR A CD2  7  
ATOM 1430 C CE1  . TYR A 1 11 ? 4.773  -6.175 3.941   1.00 1.27 ? 11 TYR A CE1  7  
ATOM 1431 C CE2  . TYR A 1 11 ? 3.553  -5.284 2.087   1.00 1.80 ? 11 TYR A CE2  7  
ATOM 1432 C CZ   . TYR A 1 11 ? 4.340  -6.273 2.636   1.00 1.13 ? 11 TYR A CZ   7  
ATOM 1433 O OH   . TYR A 1 11 ? 4.697  -7.363 1.880   1.00 1.38 ? 11 TYR A OH   7  
ATOM 1434 H H    . TYR A 1 11 ? 0.944  -2.295 4.009   1.00 0.22 ? 11 TYR A H    7  
ATOM 1435 H HA   . TYR A 1 11 ? 1.812  -4.095 6.045   1.00 0.41 ? 11 TYR A HA   7  
ATOM 1436 H HB2  . TYR A 1 11 ? 3.145  -2.021 4.356   1.00 0.50 ? 11 TYR A HB2  7  
ATOM 1437 H HB3  . TYR A 1 11 ? 3.997  -2.704 5.733   1.00 0.54 ? 11 TYR A HB3  7  
ATOM 1438 H HD1  . TYR A 1 11 ? 4.748  -4.999 5.722   1.00 1.99 ? 11 TYR A HD1  7  
ATOM 1439 H HD2  . TYR A 1 11 ? 2.578  -3.416 2.425   1.00 2.43 ? 11 TYR A HD2  7  
ATOM 1440 H HE1  . TYR A 1 11 ? 5.391  -6.947 4.370   1.00 2.04 ? 11 TYR A HE1  7  
ATOM 1441 H HE2  . TYR A 1 11 ? 3.212  -5.361 1.065   1.00 2.70 ? 11 TYR A HE2  7  
ATOM 1442 H HH   . TYR A 1 11 ? 4.477  -8.171 2.362   1.00 1.62 ? 11 TYR A HH   7  
ATOM 1443 N N    . MET A 1 12 ? 1.074  -1.124 6.932   1.00 0.30 ? 12 MET A N    7  
ATOM 1444 C CA   . MET A 1 12 ? 0.945  -0.232 8.078   1.00 0.41 ? 12 MET A CA   7  
ATOM 1445 C C    . MET A 1 12 ? -0.316 -0.541 8.876   1.00 0.43 ? 12 MET A C    7  
ATOM 1446 O O    . MET A 1 12 ? -0.266 -0.701 10.096  1.00 0.72 ? 12 MET A O    7  
ATOM 1447 C CB   . MET A 1 12 ? 0.941  1.231  7.629   1.00 0.49 ? 12 MET A CB   7  
ATOM 1448 C CG   . MET A 1 12 ? 2.255  1.680  7.015   1.00 1.05 ? 12 MET A CG   7  
ATOM 1449 S SD   . MET A 1 12 ? 3.655  1.477  8.135   1.00 2.19 ? 12 MET A SD   7  
ATOM 1450 C CE   . MET A 1 12 ? 4.996  2.050  7.097   1.00 2.67 ? 12 MET A CE   7  
ATOM 1451 H H    . MET A 1 12 ? 0.577  -0.934 6.109   1.00 0.29 ? 12 MET A H    7  
ATOM 1452 H HA   . MET A 1 12 ? 1.801  -0.396 8.714   1.00 0.51 ? 12 MET A HA   7  
ATOM 1453 H HB2  . MET A 1 12 ? 0.159  1.369  6.897   1.00 0.98 ? 12 MET A HB2  7  
ATOM 1454 H HB3  . MET A 1 12 ? 0.736  1.858  8.484   1.00 0.96 ? 12 MET A HB3  7  
ATOM 1455 H HG2  . MET A 1 12 ? 2.440  1.098  6.124   1.00 1.46 ? 12 MET A HG2  7  
ATOM 1456 H HG3  . MET A 1 12 ? 2.176  2.724  6.751   1.00 1.56 ? 12 MET A HG3  7  
ATOM 1457 H HE1  . MET A 1 12 ? 4.816  3.077  6.811   1.00 2.75 ? 12 MET A HE1  7  
ATOM 1458 H HE2  . MET A 1 12 ? 5.056  1.435  6.211   1.00 3.10 ? 12 MET A HE2  7  
ATOM 1459 H HE3  . MET A 1 12 ? 5.926  1.988  7.643   1.00 3.13 ? 12 MET A HE3  7  
ATOM 1460 N N    . GLN A 1 13 ? -1.439 -0.642 8.181   1.00 0.55 ? 13 GLN A N    7  
ATOM 1461 C CA   . GLN A 1 13 ? -2.722 -0.868 8.827   1.00 0.68 ? 13 GLN A CA   7  
ATOM 1462 C C    . GLN A 1 13 ? -3.575 -1.838 8.014   1.00 1.50 ? 13 GLN A C    7  
ATOM 1463 O O    . GLN A 1 13 ? -4.267 -1.403 7.072   1.00 2.06 ? 13 GLN A O    7  
ATOM 1464 C CB   . GLN A 1 13 ? -3.451 0.465  9.032   1.00 1.81 ? 13 GLN A CB   7  
ATOM 1465 C CG   . GLN A 1 13 ? -3.450 1.360  7.802   1.00 2.51 ? 13 GLN A CG   7  
ATOM 1466 C CD   . GLN A 1 13 ? -4.162 2.674  8.033   1.00 3.58 ? 13 GLN A CD   7  
ATOM 1467 O OE1  . GLN A 1 13 ? -4.181 3.199  9.147   1.00 4.21 ? 13 GLN A OE1  7  
ATOM 1468 N NE2  . GLN A 1 13 ? -4.751 3.215  6.982   1.00 4.23 ? 13 GLN A NE2  7  
ATOM 1469 O OXT  . GLN A 1 13 ? -3.543 -3.047 8.322   1.00 2.41 ? 13 GLN A OXT  7  
ATOM 1470 H H    . GLN A 1 13 ? -1.408 -0.570 7.199   1.00 0.77 ? 13 GLN A H    7  
ATOM 1471 H HA   . GLN A 1 13 ? -2.525 -1.308 9.793   1.00 0.93 ? 13 GLN A HA   7  
ATOM 1472 H HB2  . GLN A 1 13 ? -4.476 0.262  9.301   1.00 2.22 ? 13 GLN A HB2  7  
ATOM 1473 H HB3  . GLN A 1 13 ? -2.975 1.001  9.840   1.00 2.46 ? 13 GLN A HB3  7  
ATOM 1474 H HG2  . GLN A 1 13 ? -2.426 1.568  7.527   1.00 2.90 ? 13 GLN A HG2  7  
ATOM 1475 H HG3  . GLN A 1 13 ? -3.939 0.838  6.992   1.00 2.55 ? 13 GLN A HG3  7  
ATOM 1476 H HE21 . GLN A 1 13 ? -4.697 2.741  6.126   1.00 4.12 ? 13 GLN A HE21 7  
ATOM 1477 H HE22 . GLN A 1 13 ? -5.221 4.066  7.101   1.00 5.04 ? 13 GLN A HE22 7  
ATOM 1478 N N    . GLU A 1 1  ? 0.966  5.548  -7.819  1.00 2.99 ? 1  GLU A N    8  
ATOM 1479 C CA   . GLU A 1 1  ? 1.457  5.241  -9.182  1.00 2.81 ? 1  GLU A CA   8  
ATOM 1480 C C    . GLU A 1 1  ? 1.438  3.734  -9.430  1.00 2.28 ? 1  GLU A C    8  
ATOM 1481 O O    . GLU A 1 1  ? 0.942  3.269  -10.454 1.00 2.31 ? 1  GLU A O    8  
ATOM 1482 C CB   . GLU A 1 1  ? 2.871  5.792  -9.374  1.00 3.76 ? 1  GLU A CB   8  
ATOM 1483 C CG   . GLU A 1 1  ? 2.976  7.285  -9.102  1.00 4.49 ? 1  GLU A CG   8  
ATOM 1484 C CD   . GLU A 1 1  ? 4.373  7.826  -9.318  1.00 5.49 ? 1  GLU A CD   8  
ATOM 1485 O OE1  . GLU A 1 1  ? 5.317  7.315  -8.684  1.00 5.92 ? 1  GLU A OE1  8  
ATOM 1486 O OE2  . GLU A 1 1  ? 4.533  8.784  -10.103 1.00 6.11 ? 1  GLU A OE2  8  
ATOM 1487 H H1   . GLU A 1 1  ? 0.921  6.578  -7.676  1.00 3.34 ? 1  GLU A H1   8  
ATOM 1488 H H2   . GLU A 1 1  ? 1.605  5.145  -7.106  1.00 3.19 ? 1  GLU A H2   8  
ATOM 1489 H H3   . GLU A 1 1  ? 0.017  5.148  -7.682  1.00 3.20 ? 1  GLU A H3   8  
ATOM 1490 H HA   . GLU A 1 1  ? 0.794  5.714  -9.892  1.00 2.95 ? 1  GLU A HA   8  
ATOM 1491 H HB2  . GLU A 1 1  ? 3.541  5.277  -8.703  1.00 4.04 ? 1  GLU A HB2  8  
ATOM 1492 H HB3  . GLU A 1 1  ? 3.182  5.611  -10.391 1.00 4.15 ? 1  GLU A HB3  8  
ATOM 1493 H HG2  . GLU A 1 1  ? 2.302  7.806  -9.764  1.00 4.61 ? 1  GLU A HG2  8  
ATOM 1494 H HG3  . GLU A 1 1  ? 2.687  7.471  -8.079  1.00 4.61 ? 1  GLU A HG3  8  
ATOM 1495 N N    . ASP A 1 2  ? 1.970  2.968  -8.483  1.00 1.88 ? 2  ASP A N    8  
ATOM 1496 C CA   . ASP A 1 2  ? 1.935  1.519  -8.565  1.00 1.47 ? 2  ASP A CA   8  
ATOM 1497 C C    . ASP A 1 2  ? 0.876  0.995  -7.613  1.00 0.94 ? 2  ASP A C    8  
ATOM 1498 O O    . ASP A 1 2  ? 0.366  1.756  -6.788  1.00 0.97 ? 2  ASP A O    8  
ATOM 1499 C CB   . ASP A 1 2  ? 3.296  0.919  -8.181  1.00 1.70 ? 2  ASP A CB   8  
ATOM 1500 C CG   . ASP A 1 2  ? 4.360  1.110  -9.238  1.00 2.34 ? 2  ASP A CG   8  
ATOM 1501 O OD1  . ASP A 1 2  ? 4.509  0.221  -10.101 1.00 3.05 ? 2  ASP A OD1  8  
ATOM 1502 O OD2  . ASP A 1 2  ? 5.068  2.136  -9.197  1.00 2.80 ? 2  ASP A OD2  8  
ATOM 1503 H H    . ASP A 1 2  ? 2.386  3.385  -7.698  1.00 1.92 ? 2  ASP A H    8  
ATOM 1504 H HA   . ASP A 1 2  ? 1.685  1.237  -9.575  1.00 1.60 ? 2  ASP A HA   8  
ATOM 1505 H HB2  . ASP A 1 2  ? 3.641  1.388  -7.272  1.00 2.22 ? 2  ASP A HB2  8  
ATOM 1506 H HB3  . ASP A 1 2  ? 3.176  -0.139 -8.007  1.00 1.83 ? 2  ASP A HB3  8  
ATOM 1507 N N    . PRO A 1 3  ? 0.525  -0.298 -7.694  1.00 0.76 ? 3  PRO A N    8  
ATOM 1508 C CA   . PRO A 1 3  ? -0.295 -0.945 -6.667  1.00 0.71 ? 3  PRO A CA   8  
ATOM 1509 C C    . PRO A 1 3  ? 0.354  -0.812 -5.290  1.00 0.55 ? 3  PRO A C    8  
ATOM 1510 O O    . PRO A 1 3  ? -0.300 -0.975 -4.262  1.00 0.77 ? 3  PRO A O    8  
ATOM 1511 C CB   . PRO A 1 3  ? -0.341 -2.411 -7.101  1.00 1.10 ? 3  PRO A CB   8  
ATOM 1512 C CG   . PRO A 1 3  ? -0.071 -2.385 -8.564  1.00 1.21 ? 3  PRO A CG   8  
ATOM 1513 C CD   . PRO A 1 3  ? 0.853  -1.220 -8.797  1.00 1.11 ? 3  PRO A CD   8  
ATOM 1514 H HA   . PRO A 1 3  ? -1.296 -0.535 -6.637  1.00 0.99 ? 3  PRO A HA   8  
ATOM 1515 H HB2  . PRO A 1 3  ? 0.415  -2.970 -6.569  1.00 1.23 ? 3  PRO A HB2  8  
ATOM 1516 H HB3  . PRO A 1 3  ? -1.315 -2.823 -6.888  1.00 1.44 ? 3  PRO A HB3  8  
ATOM 1517 H HG2  . PRO A 1 3  ? 0.403  -3.306 -8.867  1.00 1.61 ? 3  PRO A HG2  8  
ATOM 1518 H HG3  . PRO A 1 3  ? -0.995 -2.243 -9.103  1.00 1.40 ? 3  PRO A HG3  8  
ATOM 1519 H HD2  . PRO A 1 3  ? 1.883  -1.538 -8.741  1.00 1.49 ? 3  PRO A HD2  8  
ATOM 1520 H HD3  . PRO A 1 3  ? 0.651  -0.762 -9.755  1.00 1.31 ? 3  PRO A HD3  8  
ATOM 1521 N N    . ALA A 1 4  ? 1.652  -0.495 -5.304  1.00 0.46 ? 4  ALA A N    8  
ATOM 1522 C CA   . ALA A 1 4  ? 2.443  -0.276 -4.097  1.00 0.52 ? 4  ALA A CA   8  
ATOM 1523 C C    . ALA A 1 4  ? 1.739  0.634  -3.095  1.00 0.41 ? 4  ALA A C    8  
ATOM 1524 O O    . ALA A 1 4  ? 1.877  0.450  -1.885  1.00 0.59 ? 4  ALA A O    8  
ATOM 1525 C CB   . ALA A 1 4  ? 3.799  0.306  -4.464  1.00 0.75 ? 4  ALA A CB   8  
ATOM 1526 H H    . ALA A 1 4  ? 2.101  -0.420 -6.172  1.00 0.62 ? 4  ALA A H    8  
ATOM 1527 H HA   . ALA A 1 4  ? 2.611  -1.231 -3.639  1.00 0.64 ? 4  ALA A HA   8  
ATOM 1528 H HB1  . ALA A 1 4  ? 4.281  -0.332 -5.190  1.00 1.31 ? 4  ALA A HB1  8  
ATOM 1529 H HB2  . ALA A 1 4  ? 4.414  0.372  -3.579  1.00 1.34 ? 4  ALA A HB2  8  
ATOM 1530 H HB3  . ALA A 1 4  ? 3.665  1.291  -4.885  1.00 1.17 ? 4  ALA A HB3  8  
ATOM 1531 N N    . VAL A 1 5  ? 0.985  1.607  -3.603  1.00 0.29 ? 5  VAL A N    8  
ATOM 1532 C CA   . VAL A 1 5  ? 0.249  2.537  -2.752  1.00 0.38 ? 5  VAL A CA   8  
ATOM 1533 C C    . VAL A 1 5  ? -0.683 1.785  -1.804  1.00 0.40 ? 5  VAL A C    8  
ATOM 1534 O O    . VAL A 1 5  ? -0.776 2.105  -0.622  1.00 0.59 ? 5  VAL A O    8  
ATOM 1535 C CB   . VAL A 1 5  ? -0.581 3.534  -3.594  1.00 0.53 ? 5  VAL A CB   8  
ATOM 1536 C CG1  . VAL A 1 5  ? -1.345 4.498  -2.697  1.00 0.76 ? 5  VAL A CG1  8  
ATOM 1537 C CG2  . VAL A 1 5  ? 0.316  4.297  -4.555  1.00 0.56 ? 5  VAL A CG2  8  
ATOM 1538 H H    . VAL A 1 5  ? 0.921  1.700  -4.577  1.00 0.33 ? 5  VAL A H    8  
ATOM 1539 H HA   . VAL A 1 5  ? 0.965  3.096  -2.170  1.00 0.47 ? 5  VAL A HA   8  
ATOM 1540 H HB   . VAL A 1 5  ? -1.297 2.973  -4.173  1.00 0.54 ? 5  VAL A HB   8  
ATOM 1541 H HG11 . VAL A 1 5  ? -1.910 5.185  -3.309  1.00 1.32 ? 5  VAL A HG11 8  
ATOM 1542 H HG12 . VAL A 1 5  ? -0.650 5.050  -2.084  1.00 0.93 ? 5  VAL A HG12 8  
ATOM 1543 H HG13 . VAL A 1 5  ? -2.020 3.941  -2.064  1.00 1.39 ? 5  VAL A HG13 8  
ATOM 1544 H HG21 . VAL A 1 5  ? -0.276 5.002  -5.119  1.00 1.14 ? 5  VAL A HG21 8  
ATOM 1545 H HG22 . VAL A 1 5  ? 0.791  3.602  -5.232  1.00 1.16 ? 5  VAL A HG22 8  
ATOM 1546 H HG23 . VAL A 1 5  ? 1.074  4.829  -3.997  1.00 1.20 ? 5  VAL A HG23 8  
ATOM 1547 N N    . ASP A 1 6  ? -1.346 0.764  -2.324  1.00 0.29 ? 6  ASP A N    8  
ATOM 1548 C CA   . ASP A 1 6  ? -2.285 -0.017 -1.532  1.00 0.33 ? 6  ASP A CA   8  
ATOM 1549 C C    . ASP A 1 6  ? -1.544 -1.047 -0.693  1.00 0.30 ? 6  ASP A C    8  
ATOM 1550 O O    . ASP A 1 6  ? -1.985 -1.405 0.402   1.00 0.35 ? 6  ASP A O    8  
ATOM 1551 C CB   . ASP A 1 6  ? -3.308 -0.708 -2.432  1.00 0.42 ? 6  ASP A CB   8  
ATOM 1552 C CG   . ASP A 1 6  ? -4.190 0.284  -3.164  1.00 1.27 ? 6  ASP A CG   8  
ATOM 1553 O OD1  . ASP A 1 6  ? -5.184 0.754  -2.567  1.00 2.21 ? 6  ASP A OD1  8  
ATOM 1554 O OD2  . ASP A 1 6  ? -3.892 0.601  -4.335  1.00 1.82 ? 6  ASP A OD2  8  
ATOM 1555 H H    . ASP A 1 6  ? -1.194 0.523  -3.265  1.00 0.28 ? 6  ASP A H    8  
ATOM 1556 H HA   . ASP A 1 6  ? -2.800 0.661  -0.868  1.00 0.37 ? 6  ASP A HA   8  
ATOM 1557 H HB2  . ASP A 1 6  ? -2.788 -1.307 -3.166  1.00 0.80 ? 6  ASP A HB2  8  
ATOM 1558 H HB3  . ASP A 1 6  ? -3.936 -1.347 -1.831  1.00 1.07 ? 6  ASP A HB3  8  
ATOM 1559 N N    . LEU A 1 7  ? -0.415 -1.516 -1.207  1.00 0.27 ? 7  LEU A N    8  
ATOM 1560 C CA   . LEU A 1 7  ? 0.418  -2.463 -0.482  1.00 0.30 ? 7  LEU A CA   8  
ATOM 1561 C C    . LEU A 1 7  ? 0.955  -1.841 0.799   1.00 0.25 ? 7  LEU A C    8  
ATOM 1562 O O    . LEU A 1 7  ? 0.823  -2.421 1.875   1.00 0.26 ? 7  LEU A O    8  
ATOM 1563 C CB   . LEU A 1 7  ? 1.577  -2.953 -1.353  1.00 0.38 ? 7  LEU A CB   8  
ATOM 1564 C CG   . LEU A 1 7  ? 1.274  -4.150 -2.263  1.00 0.52 ? 7  LEU A CG   8  
ATOM 1565 C CD1  . LEU A 1 7  ? 0.973  -5.392 -1.436  1.00 0.62 ? 7  LEU A CD1  8  
ATOM 1566 C CD2  . LEU A 1 7  ? 0.119  -3.852 -3.203  1.00 0.56 ? 7  LEU A CD2  8  
ATOM 1567 H H    . LEU A 1 7  ? -0.136 -1.222 -2.103  1.00 0.27 ? 7  LEU A H    8  
ATOM 1568 H HA   . LEU A 1 7  ? -0.202 -3.307 -0.221  1.00 0.38 ? 7  LEU A HA   8  
ATOM 1569 H HB2  . LEU A 1 7  ? 1.899  -2.131 -1.976  1.00 0.37 ? 7  LEU A HB2  8  
ATOM 1570 H HB3  . LEU A 1 7  ? 2.394  -3.225 -0.702  1.00 0.40 ? 7  LEU A HB3  8  
ATOM 1571 H HG   . LEU A 1 7  ? 2.145  -4.355 -2.865  1.00 0.59 ? 7  LEU A HG   8  
ATOM 1572 H HD11 . LEU A 1 7  ? 0.109  -5.213 -0.817  1.00 0.98 ? 7  LEU A HD11 8  
ATOM 1573 H HD12 . LEU A 1 7  ? 1.822  -5.624 -0.812  1.00 1.34 ? 7  LEU A HD12 8  
ATOM 1574 H HD13 . LEU A 1 7  ? 0.777  -6.223 -2.097  1.00 1.26 ? 7  LEU A HD13 8  
ATOM 1575 H HD21 . LEU A 1 7  ? -0.766 -3.630 -2.626  1.00 1.10 ? 7  LEU A HD21 8  
ATOM 1576 H HD22 . LEU A 1 7  ? -0.066 -4.713 -3.830  1.00 1.28 ? 7  LEU A HD22 8  
ATOM 1577 H HD23 . LEU A 1 7  ? 0.369  -3.003 -3.823  1.00 1.11 ? 7  LEU A HD23 8  
ATOM 1578 N N    . LEU A 1 8  ? 1.533  -0.646 0.690   1.00 0.27 ? 8  LEU A N    8  
ATOM 1579 C CA   . LEU A 1 8  ? 2.101  0.032  1.852   1.00 0.32 ? 8  LEU A CA   8  
ATOM 1580 C C    . LEU A 1 8  ? 1.019  0.323  2.888   1.00 0.26 ? 8  LEU A C    8  
ATOM 1581 O O    . LEU A 1 8  ? 1.301  0.432  4.080   1.00 0.32 ? 8  LEU A O    8  
ATOM 1582 C CB   . LEU A 1 8  ? 2.845  1.318  1.438   1.00 0.46 ? 8  LEU A CB   8  
ATOM 1583 C CG   . LEU A 1 8  ? 2.006  2.415  0.768   1.00 0.61 ? 8  LEU A CG   8  
ATOM 1584 C CD1  . LEU A 1 8  ? 1.334  3.308  1.802   1.00 1.00 ? 8  LEU A CD1  8  
ATOM 1585 C CD2  . LEU A 1 8  ? 2.871  3.248  -0.166  1.00 0.93 ? 8  LEU A CD2  8  
ATOM 1586 H H    . LEU A 1 8  ? 1.582  -0.211 -0.194  1.00 0.28 ? 8  LEU A H    8  
ATOM 1587 H HA   . LEU A 1 8  ? 2.815  -0.647 2.298   1.00 0.37 ? 8  LEU A HA   8  
ATOM 1588 H HB2  . LEU A 1 8  ? 3.297  1.740  2.324   1.00 0.83 ? 8  LEU A HB2  8  
ATOM 1589 H HB3  . LEU A 1 8  ? 3.637  1.039  0.758   1.00 0.72 ? 8  LEU A HB3  8  
ATOM 1590 H HG   . LEU A 1 8  ? 1.229  1.951  0.177   1.00 0.62 ? 8  LEU A HG   8  
ATOM 1591 H HD11 . LEU A 1 8  ? 0.688  2.712  2.429   1.00 1.39 ? 8  LEU A HD11 8  
ATOM 1592 H HD12 . LEU A 1 8  ? 0.749  4.064  1.298   1.00 1.35 ? 8  LEU A HD12 8  
ATOM 1593 H HD13 . LEU A 1 8  ? 2.087  3.782  2.412   1.00 1.70 ? 8  LEU A HD13 8  
ATOM 1594 H HD21 . LEU A 1 8  ? 2.271  4.025  -0.612  1.00 1.45 ? 8  LEU A HD21 8  
ATOM 1595 H HD22 . LEU A 1 8  ? 3.276  2.613  -0.941  1.00 1.50 ? 8  LEU A HD22 8  
ATOM 1596 H HD23 . LEU A 1 8  ? 3.680  3.692  0.395   1.00 1.40 ? 8  LEU A HD23 8  
ATOM 1597 N N    . LYS A 1 9  ? -0.224 0.412  2.428   1.00 0.25 ? 9  LYS A N    8  
ATOM 1598 C CA   . LYS A 1 9  ? -1.359 0.633  3.314   1.00 0.29 ? 9  LYS A CA   8  
ATOM 1599 C C    . LYS A 1 9  ? -1.606 -0.608 4.156   1.00 0.23 ? 9  LYS A C    8  
ATOM 1600 O O    . LYS A 1 9  ? -1.963 -0.519 5.330   1.00 0.29 ? 9  LYS A O    8  
ATOM 1601 C CB   . LYS A 1 9  ? -2.620 0.982  2.520   1.00 0.43 ? 9  LYS A CB   8  
ATOM 1602 C CG   . LYS A 1 9  ? -2.554 2.331  1.825   1.00 0.70 ? 9  LYS A CG   8  
ATOM 1603 C CD   . LYS A 1 9  ? -2.482 3.474  2.823   1.00 1.33 ? 9  LYS A CD   8  
ATOM 1604 C CE   . LYS A 1 9  ? -2.356 4.814  2.120   1.00 1.67 ? 9  LYS A CE   8  
ATOM 1605 N NZ   . LYS A 1 9  ? -2.375 5.947  3.080   1.00 2.34 ? 9  LYS A NZ   8  
ATOM 1606 H H    . LYS A 1 9  ? -0.380 0.317  1.468   1.00 0.28 ? 9  LYS A H    8  
ATOM 1607 H HA   . LYS A 1 9  ? -1.113 1.456  3.969   1.00 0.34 ? 9  LYS A HA   8  
ATOM 1608 H HB2  . LYS A 1 9  ? -2.779 0.224  1.769   1.00 0.72 ? 9  LYS A HB2  8  
ATOM 1609 H HB3  . LYS A 1 9  ? -3.465 0.991  3.193   1.00 0.70 ? 9  LYS A HB3  8  
ATOM 1610 H HG2  . LYS A 1 9  ? -1.673 2.359  1.199   1.00 1.23 ? 9  LYS A HG2  8  
ATOM 1611 H HG3  . LYS A 1 9  ? -3.435 2.452  1.214   1.00 1.38 ? 9  LYS A HG3  8  
ATOM 1612 H HD2  . LYS A 1 9  ? -3.381 3.475  3.421   1.00 1.99 ? 9  LYS A HD2  8  
ATOM 1613 H HD3  . LYS A 1 9  ? -1.623 3.329  3.460   1.00 2.00 ? 9  LYS A HD3  8  
ATOM 1614 H HE2  . LYS A 1 9  ? -1.424 4.833  1.576   1.00 2.13 ? 9  LYS A HE2  8  
ATOM 1615 H HE3  . LYS A 1 9  ? -3.178 4.923  1.430   1.00 2.02 ? 9  LYS A HE3  8  
ATOM 1616 H HZ1  . LYS A 1 9  ? -2.269 6.848  2.572   1.00 2.81 ? 9  LYS A HZ1  8  
ATOM 1617 H HZ2  . LYS A 1 9  ? -1.595 5.855  3.759   1.00 2.83 ? 9  LYS A HZ2  8  
ATOM 1618 H HZ3  . LYS A 1 9  ? -3.273 5.961  3.604   1.00 2.57 ? 9  LYS A HZ3  8  
ATOM 1619 N N    . ASN A 1 10 ? -1.400 -1.768 3.550   1.00 0.23 ? 10 ASN A N    8  
ATOM 1620 C CA   . ASN A 1 10 ? -1.546 -3.028 4.262   1.00 0.29 ? 10 ASN A CA   8  
ATOM 1621 C C    . ASN A 1 10 ? -0.406 -3.193 5.254   1.00 0.26 ? 10 ASN A C    8  
ATOM 1622 O O    . ASN A 1 10 ? -0.603 -3.677 6.366   1.00 0.39 ? 10 ASN A O    8  
ATOM 1623 C CB   . ASN A 1 10 ? -1.564 -4.209 3.287   1.00 0.38 ? 10 ASN A CB   8  
ATOM 1624 C CG   . ASN A 1 10 ? -1.890 -5.525 3.975   1.00 1.09 ? 10 ASN A CG   8  
ATOM 1625 O OD1  . ASN A 1 10 ? -2.561 -5.554 5.009   1.00 1.63 ? 10 ASN A OD1  8  
ATOM 1626 N ND2  . ASN A 1 10 ? -1.428 -6.625 3.403   1.00 2.03 ? 10 ASN A ND2  8  
ATOM 1627 H H    . ASN A 1 10 ? -1.142 -1.776 2.602   1.00 0.26 ? 10 ASN A H    8  
ATOM 1628 H HA   . ASN A 1 10 ? -2.478 -2.999 4.803   1.00 0.35 ? 10 ASN A HA   8  
ATOM 1629 H HB2  . ASN A 1 10 ? -2.303 -4.028 2.523   1.00 0.82 ? 10 ASN A HB2  8  
ATOM 1630 H HB3  . ASN A 1 10 ? -0.592 -4.299 2.825   1.00 0.97 ? 10 ASN A HB3  8  
ATOM 1631 H HD21 . ASN A 1 10 ? -0.907 -6.538 2.578   1.00 2.37 ? 10 ASN A HD21 8  
ATOM 1632 H HD22 . ASN A 1 10 ? -1.629 -7.488 3.827   1.00 2.64 ? 10 ASN A HD22 8  
ATOM 1633 N N    . TYR A 1 11 ? 0.783  -2.758 4.855   1.00 0.22 ? 11 TYR A N    8  
ATOM 1634 C CA   . TYR A 1 11 ? 1.968  -2.901 5.689   1.00 0.32 ? 11 TYR A CA   8  
ATOM 1635 C C    . TYR A 1 11 ? 1.961  -1.919 6.850   1.00 0.32 ? 11 TYR A C    8  
ATOM 1636 O O    . TYR A 1 11 ? 2.437  -2.232 7.941   1.00 0.43 ? 11 TYR A O    8  
ATOM 1637 C CB   . TYR A 1 11 ? 3.234  -2.723 4.853   1.00 0.47 ? 11 TYR A CB   8  
ATOM 1638 C CG   . TYR A 1 11 ? 3.569  -3.923 3.998   1.00 0.66 ? 11 TYR A CG   8  
ATOM 1639 C CD1  . TYR A 1 11 ? 3.156  -3.997 2.676   1.00 1.18 ? 11 TYR A CD1  8  
ATOM 1640 C CD2  . TYR A 1 11 ? 4.297  -4.985 4.517   1.00 1.62 ? 11 TYR A CD2  8  
ATOM 1641 C CE1  . TYR A 1 11 ? 3.458  -5.092 1.893   1.00 1.27 ? 11 TYR A CE1  8  
ATOM 1642 C CE2  . TYR A 1 11 ? 4.604  -6.085 3.742   1.00 1.80 ? 11 TYR A CE2  8  
ATOM 1643 C CZ   . TYR A 1 11 ? 4.182  -6.135 2.431   1.00 1.13 ? 11 TYR A CZ   8  
ATOM 1644 O OH   . TYR A 1 11 ? 4.488  -7.227 1.654   1.00 1.38 ? 11 TYR A OH   8  
ATOM 1645 H H    . TYR A 1 11 ? 0.867  -2.329 3.971   1.00 0.22 ? 11 TYR A H    8  
ATOM 1646 H HA   . TYR A 1 11 ? 1.958  -3.894 6.091   1.00 0.41 ? 11 TYR A HA   8  
ATOM 1647 H HB2  . TYR A 1 11 ? 3.106  -1.875 4.197   1.00 0.50 ? 11 TYR A HB2  8  
ATOM 1648 H HB3  . TYR A 1 11 ? 4.064  -2.539 5.510   1.00 0.54 ? 11 TYR A HB3  8  
ATOM 1649 H HD1  . TYR A 1 11 ? 2.590  -3.178 2.258   1.00 1.99 ? 11 TYR A HD1  8  
ATOM 1650 H HD2  . TYR A 1 11 ? 4.625  -4.944 5.545   1.00 2.43 ? 11 TYR A HD2  8  
ATOM 1651 H HE1  . TYR A 1 11 ? 3.125  -5.129 0.867   1.00 2.04 ? 11 TYR A HE1  8  
ATOM 1652 H HE2  . TYR A 1 11 ? 5.171  -6.902 4.163   1.00 2.70 ? 11 TYR A HE2  8  
ATOM 1653 H HH   . TYR A 1 11 ? 4.330  -8.034 2.162   1.00 1.62 ? 11 TYR A HH   8  
ATOM 1654 N N    . MET A 1 12 ? 1.423  -0.738 6.612   1.00 0.30 ? 12 MET A N    8  
ATOM 1655 C CA   . MET A 1 12 ? 1.344  0.284  7.650   1.00 0.41 ? 12 MET A CA   8  
ATOM 1656 C C    . MET A 1 12 ? 0.194  -0.013 8.601   1.00 0.43 ? 12 MET A C    8  
ATOM 1657 O O    . MET A 1 12 ? 0.259  0.319  9.784   1.00 0.72 ? 12 MET A O    8  
ATOM 1658 C CB   . MET A 1 12 ? 1.169  1.678  7.037   1.00 0.49 ? 12 MET A CB   8  
ATOM 1659 C CG   . MET A 1 12 ? -0.208 1.932  6.447   1.00 1.05 ? 12 MET A CG   8  
ATOM 1660 S SD   . MET A 1 12 ? -0.313 3.498  5.556   1.00 2.19 ? 12 MET A SD   8  
ATOM 1661 C CE   . MET A 1 12 ? -0.012 4.666  6.881   1.00 2.67 ? 12 MET A CE   8  
ATOM 1662 H H    . MET A 1 12 ? 1.081  -0.545 5.715   1.00 0.29 ? 12 MET A H    8  
ATOM 1663 H HA   . MET A 1 12 ? 2.269  0.260  8.205   1.00 0.51 ? 12 MET A HA   8  
ATOM 1664 H HB2  . MET A 1 12 ? 1.351  2.419  7.798   1.00 0.98 ? 12 MET A HB2  8  
ATOM 1665 H HB3  . MET A 1 12 ? 1.898  1.798  6.251   1.00 0.96 ? 12 MET A HB3  8  
ATOM 1666 H HG2  . MET A 1 12 ? -0.443 1.130  5.764   1.00 1.46 ? 12 MET A HG2  8  
ATOM 1667 H HG3  . MET A 1 12 ? -0.931 1.942  7.249   1.00 1.56 ? 12 MET A HG3  8  
ATOM 1668 H HE1  . MET A 1 12 ? 0.954  4.471  7.323   1.00 2.75 ? 12 MET A HE1  8  
ATOM 1669 H HE2  . MET A 1 12 ? -0.779 4.562  7.634   1.00 3.10 ? 12 MET A HE2  8  
ATOM 1670 H HE3  . MET A 1 12 ? -0.030 5.670  6.486   1.00 3.13 ? 12 MET A HE3  8  
ATOM 1671 N N    . GLN A 1 13 ? -0.843 -0.654 8.063   1.00 0.55 ? 13 GLN A N    8  
ATOM 1672 C CA   . GLN A 1 13 ? -2.047 -0.997 8.814   1.00 0.68 ? 13 GLN A CA   8  
ATOM 1673 C C    . GLN A 1 13 ? -2.782 0.264  9.261   1.00 1.50 ? 13 GLN A C    8  
ATOM 1674 O O    . GLN A 1 13 ? -3.717 0.683  8.549   1.00 2.06 ? 13 GLN A O    8  
ATOM 1675 C CB   . GLN A 1 13 ? -1.713 -1.890 10.014  1.00 1.81 ? 13 GLN A CB   8  
ATOM 1676 C CG   . GLN A 1 13 ? -2.930 -2.305 10.825  1.00 2.51 ? 13 GLN A CG   8  
ATOM 1677 C CD   . GLN A 1 13 ? -2.572 -3.144 12.034  1.00 3.58 ? 13 GLN A CD   8  
ATOM 1678 O OE1  . GLN A 1 13 ? -1.577 -3.872 12.035  1.00 4.21 ? 13 GLN A OE1  8  
ATOM 1679 N NE2  . GLN A 1 13 ? -3.382 -3.048 13.074  1.00 4.23 ? 13 GLN A NE2  8  
ATOM 1680 O OXT  . GLN A 1 13 ? -2.418 0.845  10.304  1.00 2.41 ? 13 GLN A OXT  8  
ATOM 1681 H H    . GLN A 1 13 ? -0.800 -0.898 7.115   1.00 0.77 ? 13 GLN A H    8  
ATOM 1682 H HA   . GLN A 1 13 ? -2.695 -1.547 8.146   1.00 0.93 ? 13 GLN A HA   8  
ATOM 1683 H HB2  . GLN A 1 13 ? -1.226 -2.783 9.655   1.00 2.22 ? 13 GLN A HB2  8  
ATOM 1684 H HB3  . GLN A 1 13 ? -1.035 -1.360 10.665  1.00 2.46 ? 13 GLN A HB3  8  
ATOM 1685 H HG2  . GLN A 1 13 ? -3.440 -1.417 11.163  1.00 2.90 ? 13 GLN A HG2  8  
ATOM 1686 H HG3  . GLN A 1 13 ? -3.589 -2.877 10.191  1.00 2.55 ? 13 GLN A HG3  8  
ATOM 1687 H HE21 . GLN A 1 13 ? -4.157 -2.448 13.003  1.00 4.12 ? 13 GLN A HE21 8  
ATOM 1688 H HE22 . GLN A 1 13 ? -3.184 -3.585 13.872  1.00 5.04 ? 13 GLN A HE22 8  
ATOM 1689 N N    . GLU A 1 1  ? -0.497 5.473  -8.746  1.00 2.99 ? 1  GLU A N    9  
ATOM 1690 C CA   . GLU A 1 1  ? -0.187 4.860  -10.058 1.00 2.81 ? 1  GLU A CA   9  
ATOM 1691 C C    . GLU A 1 1  ? -0.340 3.343  -9.994  1.00 2.28 ? 1  GLU A C    9  
ATOM 1692 O O    . GLU A 1 1  ? -1.098 2.756  -10.766 1.00 2.31 ? 1  GLU A O    9  
ATOM 1693 C CB   . GLU A 1 1  ? 1.238  5.218  -10.487 1.00 3.76 ? 1  GLU A CB   9  
ATOM 1694 C CG   . GLU A 1 1  ? 1.608  4.695  -11.866 1.00 4.49 ? 1  GLU A CG   9  
ATOM 1695 C CD   . GLU A 1 1  ? 3.062  4.940  -12.209 1.00 5.49 ? 1  GLU A CD   9  
ATOM 1696 O OE1  . GLU A 1 1  ? 3.421  6.101  -12.494 1.00 5.92 ? 1  GLU A OE1  9  
ATOM 1697 O OE2  . GLU A 1 1  ? 3.850  3.972  -12.203 1.00 6.11 ? 1  GLU A OE2  9  
ATOM 1698 H H1   . GLU A 1 1  ? -1.466 5.225  -8.456  1.00 3.34 ? 1  GLU A H1   9  
ATOM 1699 H H2   . GLU A 1 1  ? -0.422 6.507  -8.808  1.00 3.19 ? 1  GLU A H2   9  
ATOM 1700 H H3   . GLU A 1 1  ? 0.165  5.133  -8.022  1.00 3.20 ? 1  GLU A H3   9  
ATOM 1701 H HA   . GLU A 1 1  ? -0.883 5.246  -10.786 1.00 2.95 ? 1  GLU A HA   9  
ATOM 1702 H HB2  . GLU A 1 1  ? 1.339  6.293  -10.494 1.00 4.04 ? 1  GLU A HB2  9  
ATOM 1703 H HB3  . GLU A 1 1  ? 1.933  4.806  -9.773  1.00 4.15 ? 1  GLU A HB3  9  
ATOM 1704 H HG2  . GLU A 1 1  ? 1.422  3.632  -11.895 1.00 4.61 ? 1  GLU A HG2  9  
ATOM 1705 H HG3  . GLU A 1 1  ? 0.990  5.188  -12.602 1.00 4.61 ? 1  GLU A HG3  9  
ATOM 1706 N N    . ASP A 1 2  ? 0.371  2.714  -9.070  1.00 1.88 ? 2  ASP A N    9  
ATOM 1707 C CA   . ASP A 1 2  ? 0.373  1.271  -8.957  1.00 1.47 ? 2  ASP A CA   9  
ATOM 1708 C C    . ASP A 1 2  ? -0.185 0.884  -7.595  1.00 0.94 ? 2  ASP A C    9  
ATOM 1709 O O    . ASP A 1 2  ? -0.105 1.675  -6.649  1.00 0.97 ? 2  ASP A O    9  
ATOM 1710 C CB   . ASP A 1 2  ? 1.814  0.766  -9.115  1.00 1.70 ? 2  ASP A CB   9  
ATOM 1711 C CG   . ASP A 1 2  ? 1.930  -0.745 -9.104  1.00 2.34 ? 2  ASP A CG   9  
ATOM 1712 O OD1  . ASP A 1 2  ? 1.943  -1.349 -10.193 1.00 3.05 ? 2  ASP A OD1  9  
ATOM 1713 O OD2  . ASP A 1 2  ? 2.009  -1.335 -8.010  1.00 2.80 ? 2  ASP A OD2  9  
ATOM 1714 H H    . ASP A 1 2  ? 0.912  3.228  -8.431  1.00 1.92 ? 2  ASP A H    9  
ATOM 1715 H HA   . ASP A 1 2  ? -0.250 0.861  -9.738  1.00 1.60 ? 2  ASP A HA   9  
ATOM 1716 H HB2  . ASP A 1 2  ? 2.211  1.125  -10.052 1.00 2.22 ? 2  ASP A HB2  9  
ATOM 1717 H HB3  . ASP A 1 2  ? 2.413  1.158  -8.305  1.00 1.83 ? 2  ASP A HB3  9  
ATOM 1718 N N    . PRO A 1 3  ? -0.792 -0.314 -7.481  1.00 0.76 ? 3  PRO A N    9  
ATOM 1719 C CA   . PRO A 1 3  ? -1.167 -0.912 -6.193  1.00 0.71 ? 3  PRO A CA   9  
ATOM 1720 C C    . PRO A 1 3  ? -0.061 -0.808 -5.137  1.00 0.55 ? 3  PRO A C    9  
ATOM 1721 O O    . PRO A 1 3  ? -0.306 -1.033 -3.958  1.00 0.77 ? 3  PRO A O    9  
ATOM 1722 C CB   . PRO A 1 3  ? -1.429 -2.371 -6.552  1.00 1.10 ? 3  PRO A CB   9  
ATOM 1723 C CG   . PRO A 1 3  ? -1.922 -2.324 -7.956  1.00 1.21 ? 3  PRO A CG   9  
ATOM 1724 C CD   . PRO A 1 3  ? -1.210 -1.168 -8.615  1.00 1.11 ? 3  PRO A CD   9  
ATOM 1725 H HA   . PRO A 1 3  ? -2.072 -0.469 -5.802  1.00 0.99 ? 3  PRO A HA   9  
ATOM 1726 H HB2  . PRO A 1 3  ? -0.512 -2.936 -6.470  1.00 1.23 ? 3  PRO A HB2  9  
ATOM 1727 H HB3  . PRO A 1 3  ? -2.173 -2.782 -5.888  1.00 1.44 ? 3  PRO A HB3  9  
ATOM 1728 H HG2  . PRO A 1 3  ? -1.681 -3.248 -8.461  1.00 1.61 ? 3  PRO A HG2  9  
ATOM 1729 H HG3  . PRO A 1 3  ? -2.989 -2.159 -7.963  1.00 1.40 ? 3  PRO A HG3  9  
ATOM 1730 H HD2  . PRO A 1 3  ? -0.353 -1.521 -9.166  1.00 1.49 ? 3  PRO A HD2  9  
ATOM 1731 H HD3  . PRO A 1 3  ? -1.886 -0.635 -9.268  1.00 1.31 ? 3  PRO A HD3  9  
ATOM 1732 N N    . ALA A 1 4  ? 1.159  -0.511 -5.583  1.00 0.46 ? 4  ALA A N    9  
ATOM 1733 C CA   . ALA A 1 4  ? 2.292  -0.246 -4.703  1.00 0.52 ? 4  ALA A CA   9  
ATOM 1734 C C    . ALA A 1 4  ? 1.912  0.620  -3.498  1.00 0.41 ? 4  ALA A C    9  
ATOM 1735 O O    . ALA A 1 4  ? 2.306  0.328  -2.365  1.00 0.59 ? 4  ALA A O    9  
ATOM 1736 C CB   . ALA A 1 4  ? 3.413  0.422  -5.486  1.00 0.75 ? 4  ALA A CB   9  
ATOM 1737 H H    . ALA A 1 4  ? 1.309  -0.491 -6.557  1.00 0.62 ? 4  ALA A H    9  
ATOM 1738 H HA   . ALA A 1 4  ? 2.654  -1.187 -4.354  1.00 0.64 ? 4  ALA A HA   9  
ATOM 1739 H HB1  . ALA A 1 4  ? 4.279  0.535  -4.851  1.00 1.31 ? 4  ALA A HB1  9  
ATOM 1740 H HB2  . ALA A 1 4  ? 3.087  1.395  -5.824  1.00 1.34 ? 4  ALA A HB2  9  
ATOM 1741 H HB3  . ALA A 1 4  ? 3.669  -0.188 -6.340  1.00 1.17 ? 4  ALA A HB3  9  
ATOM 1742 N N    . VAL A 1 5  ? 1.139  1.674  -3.738  1.00 0.29 ? 5  VAL A N    9  
ATOM 1743 C CA   . VAL A 1 5  ? 0.762  2.597  -2.669  1.00 0.38 ? 5  VAL A CA   9  
ATOM 1744 C C    . VAL A 1 5  ? -0.311 1.982  -1.769  1.00 0.40 ? 5  VAL A C    9  
ATOM 1745 O O    . VAL A 1 5  ? -0.508 2.405  -0.632  1.00 0.59 ? 5  VAL A O    9  
ATOM 1746 C CB   . VAL A 1 5  ? 0.265  3.945  -3.234  1.00 0.53 ? 5  VAL A CB   9  
ATOM 1747 C CG1  . VAL A 1 5  ? 0.101  4.975  -2.125  1.00 0.76 ? 5  VAL A CG1  9  
ATOM 1748 C CG2  . VAL A 1 5  ? 1.220  4.462  -4.292  1.00 0.56 ? 5  VAL A CG2  9  
ATOM 1749 H H    . VAL A 1 5  ? 0.817  1.835  -4.651  1.00 0.33 ? 5  VAL A H    9  
ATOM 1750 H HA   . VAL A 1 5  ? 1.644  2.786  -2.076  1.00 0.47 ? 5  VAL A HA   9  
ATOM 1751 H HB   . VAL A 1 5  ? -0.699 3.787  -3.694  1.00 0.54 ? 5  VAL A HB   9  
ATOM 1752 H HG11 . VAL A 1 5  ? -0.308 5.885  -2.535  1.00 1.32 ? 5  VAL A HG11 9  
ATOM 1753 H HG12 . VAL A 1 5  ? 1.063  5.182  -1.681  1.00 0.93 ? 5  VAL A HG12 9  
ATOM 1754 H HG13 . VAL A 1 5  ? -0.566 4.590  -1.370  1.00 1.39 ? 5  VAL A HG13 9  
ATOM 1755 H HG21 . VAL A 1 5  ? 1.307  3.732  -5.082  1.00 1.14 ? 5  VAL A HG21 9  
ATOM 1756 H HG22 . VAL A 1 5  ? 2.190  4.633  -3.850  1.00 1.16 ? 5  VAL A HG22 9  
ATOM 1757 H HG23 . VAL A 1 5  ? 0.841  5.389  -4.699  1.00 1.20 ? 5  VAL A HG23 9  
ATOM 1758 N N    . ASP A 1 6  ? -0.997 0.975  -2.280  1.00 0.29 ? 6  ASP A N    9  
ATOM 1759 C CA   . ASP A 1 6  ? -1.987 0.252  -1.496  1.00 0.33 ? 6  ASP A CA   9  
ATOM 1760 C C    . ASP A 1 6  ? -1.289 -0.785 -0.627  1.00 0.30 ? 6  ASP A C    9  
ATOM 1761 O O    . ASP A 1 6  ? -1.629 -0.965 0.541   1.00 0.35 ? 6  ASP A O    9  
ATOM 1762 C CB   . ASP A 1 6  ? -3.012 -0.438 -2.404  1.00 0.42 ? 6  ASP A CB   9  
ATOM 1763 C CG   . ASP A 1 6  ? -3.789 0.534  -3.269  1.00 1.27 ? 6  ASP A CG   9  
ATOM 1764 O OD1  . ASP A 1 6  ? -3.384 0.764  -4.429  1.00 2.21 ? 6  ASP A OD1  9  
ATOM 1765 O OD2  . ASP A 1 6  ? -4.815 1.074  -2.801  1.00 1.82 ? 6  ASP A OD2  9  
ATOM 1766 H H    . ASP A 1 6  ? -0.830 0.703  -3.209  1.00 0.28 ? 6  ASP A H    9  
ATOM 1767 H HA   . ASP A 1 6  ? -2.492 0.958  -0.855  1.00 0.37 ? 6  ASP A HA   9  
ATOM 1768 H HB2  . ASP A 1 6  ? -2.496 -1.128 -3.055  1.00 0.80 ? 6  ASP A HB2  9  
ATOM 1769 H HB3  . ASP A 1 6  ? -3.713 -0.985 -1.791  1.00 1.07 ? 6  ASP A HB3  9  
ATOM 1770 N N    . LEU A 1 7  ? -0.295 -1.450 -1.205  1.00 0.27 ? 7  LEU A N    9  
ATOM 1771 C CA   . LEU A 1 7  ? 0.467  -2.476 -0.502  1.00 0.30 ? 7  LEU A CA   9  
ATOM 1772 C C    . LEU A 1 7  ? 1.181  -1.914 0.722   1.00 0.25 ? 7  LEU A C    9  
ATOM 1773 O O    . LEU A 1 7  ? 1.191  -2.545 1.774   1.00 0.26 ? 7  LEU A O    9  
ATOM 1774 C CB   . LEU A 1 7  ? 1.480  -3.131 -1.443  1.00 0.38 ? 7  LEU A CB   9  
ATOM 1775 C CG   . LEU A 1 7  ? 0.976  -4.355 -2.218  1.00 0.52 ? 7  LEU A CG   9  
ATOM 1776 C CD1  . LEU A 1 7  ? 0.700  -5.513 -1.270  1.00 0.62 ? 7  LEU A CD1  9  
ATOM 1777 C CD2  . LEU A 1 7  ? -0.273 -4.024 -3.020  1.00 0.56 ? 7  LEU A CD2  9  
ATOM 1778 H H    . LEU A 1 7  ? -0.075 -1.257 -2.146  1.00 0.27 ? 7  LEU A H    9  
ATOM 1779 H HA   . LEU A 1 7  ? -0.232 -3.228 -0.172  1.00 0.38 ? 7  LEU A HA   9  
ATOM 1780 H HB2  . LEU A 1 7  ? 1.802  -2.388 -2.159  1.00 0.37 ? 7  LEU A HB2  9  
ATOM 1781 H HB3  . LEU A 1 7  ? 2.336  -3.433 -0.858  1.00 0.40 ? 7  LEU A HB3  9  
ATOM 1782 H HG   . LEU A 1 7  ? 1.742  -4.668 -2.910  1.00 0.59 ? 7  LEU A HG   9  
ATOM 1783 H HD11 . LEU A 1 7  ? -0.068 -5.229 -0.567  1.00 0.98 ? 7  LEU A HD11 9  
ATOM 1784 H HD12 . LEU A 1 7  ? 1.603  -5.763 -0.733  1.00 1.34 ? 7  LEU A HD12 9  
ATOM 1785 H HD13 . LEU A 1 7  ? 0.369  -6.371 -1.835  1.00 1.26 ? 7  LEU A HD13 9  
ATOM 1786 H HD21 . LEU A 1 7  ? -1.050 -3.685 -2.352  1.00 1.10 ? 7  LEU A HD21 9  
ATOM 1787 H HD22 . LEU A 1 7  ? -0.609 -4.906 -3.541  1.00 1.28 ? 7  LEU A HD22 9  
ATOM 1788 H HD23 . LEU A 1 7  ? -0.047 -3.246 -3.735  1.00 1.11 ? 7  LEU A HD23 9  
ATOM 1789 N N    . LEU A 1 8  ? 1.759  -0.723 0.597   1.00 0.27 ? 8  LEU A N    9  
ATOM 1790 C CA   . LEU A 1 8  ? 2.461  -0.112 1.724   1.00 0.32 ? 8  LEU A CA   9  
ATOM 1791 C C    . LEU A 1 8  ? 1.481  0.245  2.840   1.00 0.26 ? 8  LEU A C    9  
ATOM 1792 O O    . LEU A 1 8  ? 1.862  0.365  4.002   1.00 0.32 ? 8  LEU A O    9  
ATOM 1793 C CB   . LEU A 1 8  ? 3.275  1.116  1.272   1.00 0.46 ? 8  LEU A CB   9  
ATOM 1794 C CG   . LEU A 1 8  ? 2.491  2.273  0.636   1.00 0.61 ? 8  LEU A CG   9  
ATOM 1795 C CD1  . LEU A 1 8  ? 1.885  3.177  1.696   1.00 1.00 ? 8  LEU A CD1  9  
ATOM 1796 C CD2  . LEU A 1 8  ? 3.398  3.077  -0.283  1.00 0.93 ? 8  LEU A CD2  9  
ATOM 1797 H H    . LEU A 1 8  ? 1.720  -0.254 -0.264  1.00 0.28 ? 8  LEU A H    9  
ATOM 1798 H HA   . LEU A 1 8  ? 3.148  -0.853 2.109   1.00 0.37 ? 8  LEU A HA   9  
ATOM 1799 H HB2  . LEU A 1 8  ? 3.795  1.503  2.134   1.00 0.83 ? 8  LEU A HB2  9  
ATOM 1800 H HB3  . LEU A 1 8  ? 4.012  0.779  0.558   1.00 0.72 ? 8  LEU A HB3  9  
ATOM 1801 H HG   . LEU A 1 8  ? 1.687  1.869  0.039   1.00 0.62 ? 8  LEU A HG   9  
ATOM 1802 H HD11 . LEU A 1 8  ? 1.328  3.970  1.217   1.00 1.39 ? 8  LEU A HD11 9  
ATOM 1803 H HD12 . LEU A 1 8  ? 2.672  3.605  2.299   1.00 1.35 ? 8  LEU A HD12 9  
ATOM 1804 H HD13 . LEU A 1 8  ? 1.222  2.601  2.324   1.00 1.70 ? 8  LEU A HD13 9  
ATOM 1805 H HD21 . LEU A 1 8  ? 2.853  3.921  -0.677  1.00 1.45 ? 8  LEU A HD21 9  
ATOM 1806 H HD22 . LEU A 1 8  ? 3.733  2.451  -1.097  1.00 1.50 ? 8  LEU A HD22 9  
ATOM 1807 H HD23 . LEU A 1 8  ? 4.253  3.430  0.275   1.00 1.40 ? 8  LEU A HD23 9  
ATOM 1808 N N    . LYS A 1 9  ? 0.211  0.382  2.483   1.00 0.25 ? 9  LYS A N    9  
ATOM 1809 C CA   . LYS A 1 9  ? -0.833 0.650  3.460   1.00 0.29 ? 9  LYS A CA   9  
ATOM 1810 C C    . LYS A 1 9  ? -1.227 -0.644 4.152   1.00 0.23 ? 9  LYS A C    9  
ATOM 1811 O O    . LYS A 1 9  ? -1.627 -0.642 5.312   1.00 0.29 ? 9  LYS A O    9  
ATOM 1812 C CB   . LYS A 1 9  ? -2.058 1.287  2.799   1.00 0.43 ? 9  LYS A CB   9  
ATOM 1813 C CG   . LYS A 1 9  ? -1.817 2.691  2.272   1.00 0.70 ? 9  LYS A CG   9  
ATOM 1814 C CD   . LYS A 1 9  ? -1.493 3.668  3.390   1.00 1.33 ? 9  LYS A CD   9  
ATOM 1815 C CE   . LYS A 1 9  ? -1.401 5.093  2.872   1.00 1.67 ? 9  LYS A CE   9  
ATOM 1816 N NZ   . LYS A 1 9  ? -1.074 6.058  3.952   1.00 2.34 ? 9  LYS A NZ   9  
ATOM 1817 H H    . LYS A 1 9  ? -0.031 0.282  1.542   1.00 0.28 ? 9  LYS A H    9  
ATOM 1818 H HA   . LYS A 1 9  ? -0.432 1.330  4.198   1.00 0.34 ? 9  LYS A HA   9  
ATOM 1819 H HB2  . LYS A 1 9  ? -2.369 0.665  1.973   1.00 0.72 ? 9  LYS A HB2  9  
ATOM 1820 H HB3  . LYS A 1 9  ? -2.859 1.331  3.523   1.00 0.70 ? 9  LYS A HB3  9  
ATOM 1821 H HG2  . LYS A 1 9  ? -0.988 2.668  1.579   1.00 1.23 ? 9  LYS A HG2  9  
ATOM 1822 H HG3  . LYS A 1 9  ? -2.706 3.028  1.757   1.00 1.38 ? 9  LYS A HG3  9  
ATOM 1823 H HD2  . LYS A 1 9  ? -2.271 3.616  4.137   1.00 1.99 ? 9  LYS A HD2  9  
ATOM 1824 H HD3  . LYS A 1 9  ? -0.548 3.392  3.834   1.00 2.00 ? 9  LYS A HD3  9  
ATOM 1825 H HE2  . LYS A 1 9  ? -0.629 5.139  2.118   1.00 2.13 ? 9  LYS A HE2  9  
ATOM 1826 H HE3  . LYS A 1 9  ? -2.349 5.364  2.432   1.00 2.02 ? 9  LYS A HE3  9  
ATOM 1827 H HZ1  . LYS A 1 9  ? -1.073 7.027  3.576   1.00 2.81 ? 9  LYS A HZ1  9  
ATOM 1828 H HZ2  . LYS A 1 9  ? -0.135 5.853  4.342   1.00 2.83 ? 9  LYS A HZ2  9  
ATOM 1829 H HZ3  . LYS A 1 9  ? -1.775 5.996  4.719   1.00 2.57 ? 9  LYS A HZ3  9  
ATOM 1830 N N    . ASN A 1 10 ? -1.087 -1.752 3.429   1.00 0.23 ? 10 ASN A N    9  
ATOM 1831 C CA   . ASN A 1 10 ? -1.335 -3.079 3.990   1.00 0.29 ? 10 ASN A CA   9  
ATOM 1832 C C    . ASN A 1 10 ? -0.388 -3.353 5.151   1.00 0.26 ? 10 ASN A C    9  
ATOM 1833 O O    . ASN A 1 10 ? -0.704 -4.120 6.064   1.00 0.39 ? 10 ASN A O    9  
ATOM 1834 C CB   . ASN A 1 10 ? -1.157 -4.172 2.927   1.00 0.38 ? 10 ASN A CB   9  
ATOM 1835 C CG   . ASN A 1 10 ? -2.341 -4.313 1.984   1.00 1.09 ? 10 ASN A CG   9  
ATOM 1836 O OD1  . ASN A 1 10 ? -2.623 -5.405 1.492   1.00 1.63 ? 10 ASN A OD1  9  
ATOM 1837 N ND2  . ASN A 1 10 ? -3.041 -3.224 1.716   1.00 2.03 ? 10 ASN A ND2  9  
ATOM 1838 H H    . ASN A 1 10 ? -0.812 -1.673 2.489   1.00 0.26 ? 10 ASN A H    9  
ATOM 1839 H HA   . ASN A 1 10 ? -2.350 -3.103 4.355   1.00 0.35 ? 10 ASN A HA   9  
ATOM 1840 H HB2  . ASN A 1 10 ? -0.284 -3.941 2.334   1.00 0.82 ? 10 ASN A HB2  9  
ATOM 1841 H HB3  . ASN A 1 10 ? -1.004 -5.118 3.422   1.00 0.97 ? 10 ASN A HB3  9  
ATOM 1842 H HD21 . ASN A 1 10 ? -2.768 -2.377 2.136   1.00 2.37 ? 10 ASN A HD21 9  
ATOM 1843 H HD22 . ASN A 1 10 ? -3.812 -3.303 1.116   1.00 2.64 ? 10 ASN A HD22 9  
ATOM 1844 N N    . TYR A 1 11 ? 0.778  -2.722 5.108   1.00 0.22 ? 11 TYR A N    9  
ATOM 1845 C CA   . TYR A 1 11 ? 1.762  -2.865 6.165   1.00 0.32 ? 11 TYR A CA   9  
ATOM 1846 C C    . TYR A 1 11 ? 1.464  -1.923 7.319   1.00 0.32 ? 11 TYR A C    9  
ATOM 1847 O O    . TYR A 1 11 ? 1.676  -2.258 8.484   1.00 0.43 ? 11 TYR A O    9  
ATOM 1848 C CB   . TYR A 1 11 ? 3.161  -2.584 5.621   1.00 0.47 ? 11 TYR A CB   9  
ATOM 1849 C CG   . TYR A 1 11 ? 3.713  -3.680 4.736   1.00 0.66 ? 11 TYR A CG   9  
ATOM 1850 C CD1  . TYR A 1 11 ? 3.514  -3.661 3.362   1.00 1.18 ? 11 TYR A CD1  9  
ATOM 1851 C CD2  . TYR A 1 11 ? 4.442  -4.729 5.277   1.00 1.62 ? 11 TYR A CD2  9  
ATOM 1852 C CE1  . TYR A 1 11 ? 4.025  -4.657 2.553   1.00 1.27 ? 11 TYR A CE1  9  
ATOM 1853 C CE2  . TYR A 1 11 ? 4.956  -5.729 4.475   1.00 1.80 ? 11 TYR A CE2  9  
ATOM 1854 C CZ   . TYR A 1 11 ? 4.745  -5.688 3.116   1.00 1.13 ? 11 TYR A CZ   9  
ATOM 1855 O OH   . TYR A 1 11 ? 5.260  -6.679 2.312   1.00 1.38 ? 11 TYR A OH   9  
ATOM 1856 H H    . TYR A 1 11 ? 0.985  -2.147 4.338   1.00 0.22 ? 11 TYR A H    9  
ATOM 1857 H HA   . TYR A 1 11 ? 1.719  -3.876 6.523   1.00 0.41 ? 11 TYR A HA   9  
ATOM 1858 H HB2  . TYR A 1 11 ? 3.135  -1.675 5.039   1.00 0.50 ? 11 TYR A HB2  9  
ATOM 1859 H HB3  . TYR A 1 11 ? 3.835  -2.453 6.447   1.00 0.54 ? 11 TYR A HB3  9  
ATOM 1860 H HD1  . TYR A 1 11 ? 2.947  -2.851 2.926   1.00 1.99 ? 11 TYR A HD1  9  
ATOM 1861 H HD2  . TYR A 1 11 ? 4.606  -4.759 6.344   1.00 2.43 ? 11 TYR A HD2  9  
ATOM 1862 H HE1  . TYR A 1 11 ? 3.859  -4.623 1.486   1.00 2.04 ? 11 TYR A HE1  9  
ATOM 1863 H HE2  . TYR A 1 11 ? 5.520  -6.538 4.915   1.00 2.70 ? 11 TYR A HE2  9  
ATOM 1864 H HH   . TYR A 1 11 ? 5.136  -7.534 2.744   1.00 1.62 ? 11 TYR A HH   9  
ATOM 1865 N N    . MET A 1 12 ? 0.959  -0.751 6.989   1.00 0.30 ? 12 MET A N    9  
ATOM 1866 C CA   . MET A 1 12 ? 0.731  0.290  7.984   1.00 0.41 ? 12 MET A CA   9  
ATOM 1867 C C    . MET A 1 12 ? -0.591 0.086  8.719   1.00 0.43 ? 12 MET A C    9  
ATOM 1868 O O    . MET A 1 12 ? -0.649 0.201  9.944   1.00 0.72 ? 12 MET A O    9  
ATOM 1869 C CB   . MET A 1 12 ? 0.762  1.671  7.327   1.00 0.49 ? 12 MET A CB   9  
ATOM 1870 C CG   . MET A 1 12 ? 2.096  2.007  6.680   1.00 1.05 ? 12 MET A CG   9  
ATOM 1871 S SD   . MET A 1 12 ? 3.471  1.944  7.846   1.00 2.19 ? 12 MET A SD   9  
ATOM 1872 C CE   . MET A 1 12 ? 4.841  2.370  6.773   1.00 2.67 ? 12 MET A CE   9  
ATOM 1873 H H    . MET A 1 12 ? 0.733  -0.583 6.052   1.00 0.29 ? 12 MET A H    9  
ATOM 1874 H HA   . MET A 1 12 ? 1.535  0.231  8.703   1.00 0.51 ? 12 MET A HA   9  
ATOM 1875 H HB2  . MET A 1 12 ? -0.003 1.712  6.566   1.00 0.98 ? 12 MET A HB2  9  
ATOM 1876 H HB3  . MET A 1 12 ? 0.553  2.417  8.079   1.00 0.96 ? 12 MET A HB3  9  
ATOM 1877 H HG2  . MET A 1 12 ? 2.285  1.299  5.886   1.00 1.46 ? 12 MET A HG2  9  
ATOM 1878 H HG3  . MET A 1 12 ? 2.040  3.003  6.266   1.00 1.56 ? 12 MET A HG3  9  
ATOM 1879 H HE1  . MET A 1 12 ? 5.758  2.371  7.344   1.00 2.75 ? 12 MET A HE1  9  
ATOM 1880 H HE2  . MET A 1 12 ? 4.678  3.352  6.353   1.00 3.10 ? 12 MET A HE2  9  
ATOM 1881 H HE3  . MET A 1 12 ? 4.913  1.646  5.975   1.00 3.13 ? 12 MET A HE3  9  
ATOM 1882 N N    . GLN A 1 13 ? -1.644 -0.213 7.976   1.00 0.55 ? 13 GLN A N    9  
ATOM 1883 C CA   . GLN A 1 13 ? -2.963 -0.397 8.561   1.00 0.68 ? 13 GLN A CA   9  
ATOM 1884 C C    . GLN A 1 13 ? -3.522 -1.761 8.174   1.00 1.50 ? 13 GLN A C    9  
ATOM 1885 O O    . GLN A 1 13 ? -3.231 -2.739 8.887   1.00 2.06 ? 13 GLN A O    9  
ATOM 1886 C CB   . GLN A 1 13 ? -3.905 0.725  8.108   1.00 1.81 ? 13 GLN A CB   9  
ATOM 1887 C CG   . GLN A 1 13 ? -5.309 0.631  8.688   1.00 2.51 ? 13 GLN A CG   9  
ATOM 1888 C CD   . GLN A 1 13 ? -5.354 0.805  10.195  1.00 3.58 ? 13 GLN A CD   9  
ATOM 1889 O OE1  . GLN A 1 13 ? -6.208 0.229  10.871  1.00 4.21 ? 13 GLN A OE1  9  
ATOM 1890 N NE2  . GLN A 1 13 ? -4.453 1.615  10.732  1.00 4.23 ? 13 GLN A NE2  9  
ATOM 1891 O OXT  . GLN A 1 13 ? -4.236 -1.856 7.156   1.00 2.41 ? 13 GLN A OXT  9  
ATOM 1892 H H    . GLN A 1 13 ? -1.534 -0.325 7.003   1.00 0.77 ? 13 GLN A H    9  
ATOM 1893 H HA   . GLN A 1 13 ? -2.857 -0.356 9.636   1.00 0.93 ? 13 GLN A HA   9  
ATOM 1894 H HB2  . GLN A 1 13 ? -3.483 1.672  8.405   1.00 2.22 ? 13 GLN A HB2  9  
ATOM 1895 H HB3  . GLN A 1 13 ? -3.981 0.700  7.032   1.00 2.46 ? 13 GLN A HB3  9  
ATOM 1896 H HG2  . GLN A 1 13 ? -5.921 1.397  8.238   1.00 2.90 ? 13 GLN A HG2  9  
ATOM 1897 H HG3  . GLN A 1 13 ? -5.718 -0.338 8.443   1.00 2.55 ? 13 GLN A HG3  9  
ATOM 1898 H HE21 . GLN A 1 13 ? -3.809 2.057  10.138  1.00 4.12 ? 13 GLN A HE21 9  
ATOM 1899 H HE22 . GLN A 1 13 ? -4.461 1.733  11.708  1.00 5.04 ? 13 GLN A HE22 9  
ATOM 1900 N N    . GLU A 1 1  ? -5.523 4.090  -4.958  1.00 2.99 ? 1  GLU A N    10 
ATOM 1901 C CA   . GLU A 1 1  ? -4.587 2.975  -4.691  1.00 2.81 ? 1  GLU A CA   10 
ATOM 1902 C C    . GLU A 1 1  ? -3.652 2.787  -5.875  1.00 2.28 ? 1  GLU A C    10 
ATOM 1903 O O    . GLU A 1 1  ? -3.997 3.138  -7.004  1.00 2.31 ? 1  GLU A O    10 
ATOM 1904 C CB   . GLU A 1 1  ? -5.360 1.679  -4.421  1.00 3.76 ? 1  GLU A CB   10 
ATOM 1905 C CG   . GLU A 1 1  ? -6.154 1.172  -5.613  1.00 4.49 ? 1  GLU A CG   10 
ATOM 1906 C CD   . GLU A 1 1  ? -6.860 -0.133 -5.320  1.00 5.49 ? 1  GLU A CD   10 
ATOM 1907 O OE1  . GLU A 1 1  ? -8.035 -0.095 -4.899  1.00 5.92 ? 1  GLU A OE1  10 
ATOM 1908 O OE2  . GLU A 1 1  ? -6.244 -1.202 -5.494  1.00 6.11 ? 1  GLU A OE2  10 
ATOM 1909 H H1   . GLU A 1 1  ? -6.075 3.895  -5.816  1.00 3.34 ? 1  GLU A H1   10 
ATOM 1910 H H2   . GLU A 1 1  ? -4.994 4.974  -5.096  1.00 3.19 ? 1  GLU A H2   10 
ATOM 1911 H H3   . GLU A 1 1  ? -6.176 4.209  -4.157  1.00 3.20 ? 1  GLU A H3   10 
ATOM 1912 H HA   . GLU A 1 1  ? -3.997 3.225  -3.820  1.00 2.95 ? 1  GLU A HA   10 
ATOM 1913 H HB2  . GLU A 1 1  ? -4.662 0.912  -4.131  1.00 4.04 ? 1  GLU A HB2  10 
ATOM 1914 H HB3  . GLU A 1 1  ? -6.048 1.852  -3.606  1.00 4.15 ? 1  GLU A HB3  10 
ATOM 1915 H HG2  . GLU A 1 1  ? -6.891 1.913  -5.881  1.00 4.61 ? 1  GLU A HG2  10 
ATOM 1916 H HG3  . GLU A 1 1  ? -5.478 1.021  -6.441  1.00 4.61 ? 1  GLU A HG3  10 
ATOM 1917 N N    . ASP A 1 2  ? -2.470 2.243  -5.615  1.00 1.88 ? 2  ASP A N    10 
ATOM 1918 C CA   . ASP A 1 2  ? -1.490 1.995  -6.659  1.00 1.47 ? 2  ASP A CA   10 
ATOM 1919 C C    . ASP A 1 2  ? -0.783 0.691  -6.347  1.00 0.94 ? 2  ASP A C    10 
ATOM 1920 O O    . ASP A 1 2  ? -0.789 0.274  -5.188  1.00 0.97 ? 2  ASP A O    10 
ATOM 1921 C CB   . ASP A 1 2  ? -0.466 3.138  -6.743  1.00 1.70 ? 2  ASP A CB   10 
ATOM 1922 C CG   . ASP A 1 2  ? -1.080 4.463  -7.143  1.00 2.34 ? 2  ASP A CG   10 
ATOM 1923 O OD1  . ASP A 1 2  ? -1.523 5.215  -6.250  1.00 3.05 ? 2  ASP A OD1  10 
ATOM 1924 O OD2  . ASP A 1 2  ? -1.127 4.758  -8.353  1.00 2.80 ? 2  ASP A OD2  10 
ATOM 1925 H H    . ASP A 1 2  ? -2.251 1.980  -4.695  1.00 1.92 ? 2  ASP A H    10 
ATOM 1926 H HA   . ASP A 1 2  ? -2.011 1.905  -7.601  1.00 1.60 ? 2  ASP A HA   10 
ATOM 1927 H HB2  . ASP A 1 2  ? 0.005  3.260  -5.782  1.00 2.22 ? 2  ASP A HB2  10 
ATOM 1928 H HB3  . ASP A 1 2  ? 0.286  2.880  -7.473  1.00 1.83 ? 2  ASP A HB3  10 
ATOM 1929 N N    . PRO A 1 3  ? -0.178 0.033  -7.354  1.00 0.76 ? 3  PRO A N    10 
ATOM 1930 C CA   . PRO A 1 3  ? 0.496  -1.262 -7.183  1.00 0.71 ? 3  PRO A CA   10 
ATOM 1931 C C    . PRO A 1 3  ? 1.292  -1.369 -5.882  1.00 0.55 ? 3  PRO A C    10 
ATOM 1932 O O    . PRO A 1 3  ? 1.227  -2.386 -5.190  1.00 0.77 ? 3  PRO A O    10 
ATOM 1933 C CB   . PRO A 1 3  ? 1.426  -1.314 -8.388  1.00 1.10 ? 3  PRO A CB   10 
ATOM 1934 C CG   . PRO A 1 3  ? 0.681  -0.592 -9.454  1.00 1.21 ? 3  PRO A CG   10 
ATOM 1935 C CD   . PRO A 1 3  ? -0.109 0.490  -8.759  1.00 1.11 ? 3  PRO A CD   10 
ATOM 1936 H HA   . PRO A 1 3  ? -0.208 -2.080 -7.236  1.00 0.99 ? 3  PRO A HA   10 
ATOM 1937 H HB2  . PRO A 1 3  ? 2.358  -0.823 -8.151  1.00 1.23 ? 3  PRO A HB2  10 
ATOM 1938 H HB3  . PRO A 1 3  ? 1.612  -2.341 -8.664  1.00 1.44 ? 3  PRO A HB3  10 
ATOM 1939 H HG2  . PRO A 1 3  ? 1.376  -0.156 -10.157 1.00 1.61 ? 3  PRO A HG2  10 
ATOM 1940 H HG3  . PRO A 1 3  ? 0.015  -1.273 -9.959  1.00 1.40 ? 3  PRO A HG3  10 
ATOM 1941 H HD2  . PRO A 1 3  ? 0.408  1.435  -8.830  1.00 1.49 ? 3  PRO A HD2  10 
ATOM 1942 H HD3  . PRO A 1 3  ? -1.098 0.567  -9.186  1.00 1.31 ? 3  PRO A HD3  10 
ATOM 1943 N N    . ALA A 1 4  ? 2.023  -0.317 -5.538  1.00 0.46 ? 4  ALA A N    10 
ATOM 1944 C CA   . ALA A 1 4  ? 2.818  -0.324 -4.322  1.00 0.52 ? 4  ALA A CA   10 
ATOM 1945 C C    . ALA A 1 4  ? 2.183  0.515  -3.219  1.00 0.41 ? 4  ALA A C    10 
ATOM 1946 O O    . ALA A 1 4  ? 2.210  0.130  -2.050  1.00 0.59 ? 4  ALA A O    10 
ATOM 1947 C CB   . ALA A 1 4  ? 4.234  0.150  -4.606  1.00 0.75 ? 4  ALA A CB   10 
ATOM 1948 H H    . ALA A 1 4  ? 2.032  0.476  -6.117  1.00 0.62 ? 4  ALA A H    10 
ATOM 1949 H HA   . ALA A 1 4  ? 2.869  -1.344 -3.981  1.00 0.64 ? 4  ALA A HA   10 
ATOM 1950 H HB1  . ALA A 1 4  ? 4.660  -0.445 -5.400  1.00 1.31 ? 4  ALA A HB1  10 
ATOM 1951 H HB2  . ALA A 1 4  ? 4.835  0.043  -3.715  1.00 1.34 ? 4  ALA A HB2  10 
ATOM 1952 H HB3  . ALA A 1 4  ? 4.214  1.187  -4.904  1.00 1.17 ? 4  ALA A HB3  10 
ATOM 1953 N N    . VAL A 1 5  ? 1.599  1.651  -3.594  1.00 0.29 ? 5  VAL A N    10 
ATOM 1954 C CA   . VAL A 1 5  ? 1.007  2.572  -2.620  1.00 0.38 ? 5  VAL A CA   10 
ATOM 1955 C C    . VAL A 1 5  ? -0.127 1.905  -1.837  1.00 0.40 ? 5  VAL A C    10 
ATOM 1956 O O    . VAL A 1 5  ? -0.419 2.278  -0.701  1.00 0.59 ? 5  VAL A O    10 
ATOM 1957 C CB   . VAL A 1 5  ? 0.481  3.857  -3.299  1.00 0.53 ? 5  VAL A CB   10 
ATOM 1958 C CG1  . VAL A 1 5  ? -0.074 4.832  -2.270  1.00 0.76 ? 5  VAL A CG1  10 
ATOM 1959 C CG2  . VAL A 1 5  ? 1.583  4.520  -4.112  1.00 0.56 ? 5  VAL A CG2  10 
ATOM 1960 H H    . VAL A 1 5  ? 1.571  1.879  -4.547  1.00 0.33 ? 5  VAL A H    10 
ATOM 1961 H HA   . VAL A 1 5  ? 1.784  2.855  -1.924  1.00 0.47 ? 5  VAL A HA   10 
ATOM 1962 H HB   . VAL A 1 5  ? -0.321 3.585  -3.968  1.00 0.54 ? 5  VAL A HB   10 
ATOM 1963 H HG11 . VAL A 1 5  ? -0.444 5.712  -2.772  1.00 1.32 ? 5  VAL A HG11 10 
ATOM 1964 H HG12 . VAL A 1 5  ? 0.709  5.111  -1.581  1.00 0.93 ? 5  VAL A HG12 10 
ATOM 1965 H HG13 . VAL A 1 5  ? -0.879 4.360  -1.726  1.00 1.39 ? 5  VAL A HG13 10 
ATOM 1966 H HG21 . VAL A 1 5  ? 2.395  4.797  -3.457  1.00 1.14 ? 5  VAL A HG21 10 
ATOM 1967 H HG22 . VAL A 1 5  ? 1.193  5.402  -4.598  1.00 1.16 ? 5  VAL A HG22 10 
ATOM 1968 H HG23 . VAL A 1 5  ? 1.944  3.829  -4.858  1.00 1.20 ? 5  VAL A HG23 10 
ATOM 1969 N N    . ASP A 1 6  ? -0.761 0.912  -2.443  1.00 0.29 ? 6  ASP A N    10 
ATOM 1970 C CA   . ASP A 1 6  ? -1.833 0.185  -1.778  1.00 0.33 ? 6  ASP A CA   10 
ATOM 1971 C C    . ASP A 1 6  ? -1.254 -0.833 -0.802  1.00 0.30 ? 6  ASP A C    10 
ATOM 1972 O O    . ASP A 1 6  ? -1.695 -0.935 0.340   1.00 0.35 ? 6  ASP A O    10 
ATOM 1973 C CB   . ASP A 1 6  ? -2.722 -0.514 -2.806  1.00 0.42 ? 6  ASP A CB   10 
ATOM 1974 C CG   . ASP A 1 6  ? -3.978 -1.105 -2.194  1.00 1.27 ? 6  ASP A CG   10 
ATOM 1975 O OD1  . ASP A 1 6  ? -4.119 -2.344 -2.197  1.00 2.21 ? 6  ASP A OD1  10 
ATOM 1976 O OD2  . ASP A 1 6  ? -4.836 -0.335 -1.716  1.00 1.82 ? 6  ASP A OD2  10 
ATOM 1977 H H    . ASP A 1 6  ? -0.499 0.658  -3.357  1.00 0.28 ? 6  ASP A H    10 
ATOM 1978 H HA   . ASP A 1 6  ? -2.425 0.900  -1.225  1.00 0.37 ? 6  ASP A HA   10 
ATOM 1979 H HB2  . ASP A 1 6  ? -3.013 0.200  -3.561  1.00 0.80 ? 6  ASP A HB2  10 
ATOM 1980 H HB3  . ASP A 1 6  ? -2.161 -1.310 -3.271  1.00 1.07 ? 6  ASP A HB3  10 
ATOM 1981 N N    . LEU A 1 7  ? -0.238 -1.561 -1.254  1.00 0.27 ? 7  LEU A N    10 
ATOM 1982 C CA   . LEU A 1 7  ? 0.399  -2.588 -0.437  1.00 0.30 ? 7  LEU A CA   10 
ATOM 1983 C C    . LEU A 1 7  ? 1.083  -1.994 0.787   1.00 0.25 ? 7  LEU A C    10 
ATOM 1984 O O    . LEU A 1 7  ? 0.921  -2.504 1.895   1.00 0.26 ? 7  LEU A O    10 
ATOM 1985 C CB   . LEU A 1 7  ? 1.409  -3.388 -1.264  1.00 0.38 ? 7  LEU A CB   10 
ATOM 1986 C CG   . LEU A 1 7  ? 0.836  -4.586 -2.033  1.00 0.52 ? 7  LEU A CG   10 
ATOM 1987 C CD1  . LEU A 1 7  ? 0.341  -5.655 -1.071  1.00 0.62 ? 7  LEU A CD1  10 
ATOM 1988 C CD2  . LEU A 1 7  ? -0.286 -4.153 -2.961  1.00 0.56 ? 7  LEU A CD2  10 
ATOM 1989 H H    . LEU A 1 7  ? 0.090  -1.411 -2.165  1.00 0.27 ? 7  LEU A H    10 
ATOM 1990 H HA   . LEU A 1 7  ? -0.376 -3.258 -0.100  1.00 0.38 ? 7  LEU A HA   10 
ATOM 1991 H HB2  . LEU A 1 7  ? 1.867  -2.718 -1.977  1.00 0.37 ? 7  LEU A HB2  10 
ATOM 1992 H HB3  . LEU A 1 7  ? 2.178  -3.753 -0.598  1.00 0.40 ? 7  LEU A HB3  10 
ATOM 1993 H HG   . LEU A 1 7  ? 1.618  -5.016 -2.638  1.00 0.59 ? 7  LEU A HG   10 
ATOM 1994 H HD11 . LEU A 1 7  ? 1.153  -5.970 -0.432  1.00 0.98 ? 7  LEU A HD11 10 
ATOM 1995 H HD12 . LEU A 1 7  ? -0.021 -6.504 -1.633  1.00 1.34 ? 7  LEU A HD12 10 
ATOM 1996 H HD13 . LEU A 1 7  ? -0.460 -5.256 -0.467  1.00 1.26 ? 7  LEU A HD13 10 
ATOM 1997 H HD21 . LEU A 1 7  ? -1.074 -3.694 -2.384  1.00 1.10 ? 7  LEU A HD21 10 
ATOM 1998 H HD22 . LEU A 1 7  ? -0.677 -5.018 -3.479  1.00 1.28 ? 7  LEU A HD22 10 
ATOM 1999 H HD23 . LEU A 1 7  ? 0.093  -3.443 -3.681  1.00 1.11 ? 7  LEU A HD23 10 
ATOM 2000 N N    . LEU A 1 8  ? 1.830  -0.908 0.600   1.00 0.27 ? 8  LEU A N    10 
ATOM 2001 C CA   . LEU A 1 8  ? 2.533  -0.280 1.717   1.00 0.32 ? 8  LEU A CA   10 
ATOM 2002 C C    . LEU A 1 8  ? 1.536  0.256  2.737   1.00 0.26 ? 8  LEU A C    10 
ATOM 2003 O O    . LEU A 1 8  ? 1.846  0.382  3.918   1.00 0.32 ? 8  LEU A O    10 
ATOM 2004 C CB   . LEU A 1 8  ? 3.492  0.824  1.228   1.00 0.46 ? 8  LEU A CB   10 
ATOM 2005 C CG   . LEU A 1 8  ? 2.874  1.980  0.426   1.00 0.61 ? 8  LEU A CG   10 
ATOM 2006 C CD1  . LEU A 1 8  ? 2.229  3.013  1.338   1.00 1.00 ? 8  LEU A CD1  10 
ATOM 2007 C CD2  . LEU A 1 8  ? 3.932  2.637  -0.447  1.00 0.93 ? 8  LEU A CD2  10 
ATOM 2008 H H    . LEU A 1 8  ? 1.913  -0.526 -0.303  1.00 0.28 ? 8  LEU A H    10 
ATOM 2009 H HA   . LEU A 1 8  ? 3.117  -1.052 2.196   1.00 0.37 ? 8  LEU A HA   10 
ATOM 2010 H HB2  . LEU A 1 8  ? 3.978  1.247  2.094   1.00 0.83 ? 8  LEU A HB2  10 
ATOM 2011 H HB3  . LEU A 1 8  ? 4.247  0.358  0.613   1.00 0.72 ? 8  LEU A HB3  10 
ATOM 2012 H HG   . LEU A 1 8  ? 2.106  1.584  -0.223  1.00 0.62 ? 8  LEU A HG   10 
ATOM 2013 H HD11 . LEU A 1 8  ? 1.796  3.802  0.740   1.00 1.39 ? 8  LEU A HD11 10 
ATOM 2014 H HD12 . LEU A 1 8  ? 2.978  3.430  1.995   1.00 1.35 ? 8  LEU A HD12 10 
ATOM 2015 H HD13 . LEU A 1 8  ? 1.454  2.543  1.927   1.00 1.70 ? 8  LEU A HD13 10 
ATOM 2016 H HD21 . LEU A 1 8  ? 4.303  1.920  -1.164  1.00 1.45 ? 8  LEU A HD21 10 
ATOM 2017 H HD22 . LEU A 1 8  ? 4.746  2.978  0.175   1.00 1.50 ? 8  LEU A HD22 10 
ATOM 2018 H HD23 . LEU A 1 8  ? 3.499  3.478  -0.967  1.00 1.40 ? 8  LEU A HD23 10 
ATOM 2019 N N    . LYS A 1 9  ? 0.327  0.535  2.272   1.00 0.25 ? 9  LYS A N    10 
ATOM 2020 C CA   . LYS A 1 9  ? -0.731 1.014  3.121   1.00 0.29 ? 9  LYS A CA   10 
ATOM 2021 C C    . LYS A 1 9  ? -1.271 -0.137 3.957   1.00 0.23 ? 9  LYS A C    10 
ATOM 2022 O O    . LYS A 1 9  ? -1.562 0.021  5.145   1.00 0.29 ? 9  LYS A O    10 
ATOM 2023 C CB   . LYS A 1 9  ? -1.838 1.611  2.258   1.00 0.43 ? 9  LYS A CB   10 
ATOM 2024 C CG   . LYS A 1 9  ? -2.867 2.365  3.055   1.00 0.70 ? 9  LYS A CG   10 
ATOM 2025 C CD   . LYS A 1 9  ? -2.254 3.594  3.698   1.00 1.33 ? 9  LYS A CD   10 
ATOM 2026 C CE   . LYS A 1 9  ? -3.290 4.408  4.445   1.00 1.67 ? 9  LYS A CE   10 
ATOM 2027 N NZ   . LYS A 1 9  ? -2.714 5.652  5.021   1.00 2.34 ? 9  LYS A NZ   10 
ATOM 2028 H H    . LYS A 1 9  ? 0.137  0.408  1.329   1.00 0.28 ? 9  LYS A H    10 
ATOM 2029 H HA   . LYS A 1 9  ? -0.329 1.775  3.771   1.00 0.34 ? 9  LYS A HA   10 
ATOM 2030 H HB2  . LYS A 1 9  ? -1.396 2.290  1.543   1.00 0.72 ? 9  LYS A HB2  10 
ATOM 2031 H HB3  . LYS A 1 9  ? -2.336 0.816  1.726   1.00 0.70 ? 9  LYS A HB3  10 
ATOM 2032 H HG2  . LYS A 1 9  ? -3.673 2.667  2.403   1.00 1.23 ? 9  LYS A HG2  10 
ATOM 2033 H HG3  . LYS A 1 9  ? -3.240 1.713  3.825   1.00 1.38 ? 9  LYS A HG3  10 
ATOM 2034 H HD2  . LYS A 1 9  ? -1.488 3.279  4.391   1.00 1.99 ? 9  LYS A HD2  10 
ATOM 2035 H HD3  . LYS A 1 9  ? -1.813 4.206  2.926   1.00 2.00 ? 9  LYS A HD3  10 
ATOM 2036 H HE2  . LYS A 1 9  ? -4.083 4.671  3.763   1.00 2.13 ? 9  LYS A HE2  10 
ATOM 2037 H HE3  . LYS A 1 9  ? -3.695 3.805  5.246   1.00 2.02 ? 9  LYS A HE3  10 
ATOM 2038 H HZ1  . LYS A 1 9  ? -3.458 6.205  5.493   1.00 2.81 ? 9  LYS A HZ1  10 
ATOM 2039 H HZ2  . LYS A 1 9  ? -2.294 6.236  4.270   1.00 2.83 ? 9  LYS A HZ2  10 
ATOM 2040 H HZ3  . LYS A 1 9  ? -1.978 5.419  5.716   1.00 2.57 ? 9  LYS A HZ3  10 
ATOM 2041 N N    . ASN A 1 10 ? -1.379 -1.303 3.323   1.00 0.23 ? 10 ASN A N    10 
ATOM 2042 C CA   . ASN A 1 10 ? -1.815 -2.519 4.002   1.00 0.29 ? 10 ASN A CA   10 
ATOM 2043 C C    . ASN A 1 10 ? -0.831 -2.886 5.101   1.00 0.26 ? 10 ASN A C    10 
ATOM 2044 O O    . ASN A 1 10 ? -1.225 -3.293 6.191   1.00 0.39 ? 10 ASN A O    10 
ATOM 2045 C CB   . ASN A 1 10 ? -1.923 -3.700 3.026   1.00 0.38 ? 10 ASN A CB   10 
ATOM 2046 C CG   . ASN A 1 10 ? -2.856 -3.450 1.855   1.00 1.09 ? 10 ASN A CG   10 
ATOM 2047 O OD1  . ASN A 1 10 ? -2.654 -3.995 0.772   1.00 1.63 ? 10 ASN A OD1  10 
ATOM 2048 N ND2  . ASN A 1 10 ? -3.876 -2.633 2.056   1.00 2.03 ? 10 ASN A ND2  10 
ATOM 2049 H H    . ASN A 1 10 ? -1.163 -1.344 2.364   1.00 0.26 ? 10 ASN A H    10 
ATOM 2050 H HA   . ASN A 1 10 ? -2.782 -2.332 4.442   1.00 0.35 ? 10 ASN A HA   10 
ATOM 2051 H HB2  . ASN A 1 10 ? -0.942 -3.917 2.631   1.00 0.82 ? 10 ASN A HB2  10 
ATOM 2052 H HB3  . ASN A 1 10 ? -2.282 -4.564 3.567   1.00 0.97 ? 10 ASN A HB3  10 
ATOM 2053 H HD21 . ASN A 1 10 ? -3.985 -2.229 2.942   1.00 2.37 ? 10 ASN A HD21 10 
ATOM 2054 H HD22 . ASN A 1 10 ? -4.484 -2.463 1.306   1.00 2.64 ? 10 ASN A HD22 10 
ATOM 2055 N N    . TYR A 1 11 ? 0.456  -2.717 4.814   1.00 0.22 ? 11 TYR A N    10 
ATOM 2056 C CA   . TYR A 1 11 ? 1.500  -3.079 5.759   1.00 0.32 ? 11 TYR A CA   10 
ATOM 2057 C C    . TYR A 1 11 ? 1.529  -2.124 6.949   1.00 0.32 ? 11 TYR A C    10 
ATOM 2058 O O    . TYR A 1 11 ? 2.101  -2.436 7.996   1.00 0.43 ? 11 TYR A O    10 
ATOM 2059 C CB   . TYR A 1 11 ? 2.863  -3.096 5.063   1.00 0.47 ? 11 TYR A CB   10 
ATOM 2060 C CG   . TYR A 1 11 ? 2.969  -4.102 3.936   1.00 0.66 ? 11 TYR A CG   10 
ATOM 2061 C CD1  . TYR A 1 11 ? 3.580  -3.764 2.736   1.00 1.18 ? 11 TYR A CD1  10 
ATOM 2062 C CD2  . TYR A 1 11 ? 2.449  -5.384 4.069   1.00 1.62 ? 11 TYR A CD2  10 
ATOM 2063 C CE1  . TYR A 1 11 ? 3.671  -4.672 1.699   1.00 1.27 ? 11 TYR A CE1  10 
ATOM 2064 C CE2  . TYR A 1 11 ? 2.538  -6.299 3.037   1.00 1.80 ? 11 TYR A CE2  10 
ATOM 2065 C CZ   . TYR A 1 11 ? 3.149  -5.937 1.854   1.00 1.13 ? 11 TYR A CZ   10 
ATOM 2066 O OH   . TYR A 1 11 ? 3.233  -6.846 0.823   1.00 1.38 ? 11 TYR A OH   10 
ATOM 2067 H H    . TYR A 1 11 ? 0.711  -2.341 3.941   1.00 0.22 ? 11 TYR A H    10 
ATOM 2068 H HA   . TYR A 1 11 ? 1.283  -4.069 6.122   1.00 0.41 ? 11 TYR A HA   10 
ATOM 2069 H HB2  . TYR A 1 11 ? 3.061  -2.118 4.652   1.00 0.50 ? 11 TYR A HB2  10 
ATOM 2070 H HB3  . TYR A 1 11 ? 3.620  -3.329 5.787   1.00 0.54 ? 11 TYR A HB3  10 
ATOM 2071 H HD1  . TYR A 1 11 ? 3.991  -2.772 2.616   1.00 1.99 ? 11 TYR A HD1  10 
ATOM 2072 H HD2  . TYR A 1 11 ? 1.972  -5.665 4.995   1.00 2.43 ? 11 TYR A HD2  10 
ATOM 2073 H HE1  . TYR A 1 11 ? 4.151  -4.390 0.773   1.00 2.04 ? 11 TYR A HE1  10 
ATOM 2074 H HE2  . TYR A 1 11 ? 2.130  -7.291 3.159   1.00 2.70 ? 11 TYR A HE2  10 
ATOM 2075 H HH   . TYR A 1 11 ? 4.128  -6.837 0.461   1.00 1.62 ? 11 TYR A HH   10 
ATOM 2076 N N    . MET A 1 12 ? 0.903  -0.969 6.789   1.00 0.30 ? 12 MET A N    10 
ATOM 2077 C CA   . MET A 1 12 ? 0.846  0.028  7.853   1.00 0.41 ? 12 MET A CA   10 
ATOM 2078 C C    . MET A 1 12 ? -0.496 -0.023 8.573   1.00 0.43 ? 12 MET A C    10 
ATOM 2079 O O    . MET A 1 12 ? -0.733 0.730  9.518   1.00 0.72 ? 12 MET A O    10 
ATOM 2080 C CB   . MET A 1 12 ? 1.083  1.432  7.291   1.00 0.49 ? 12 MET A CB   10 
ATOM 2081 C CG   . MET A 1 12 ? 2.476  1.634  6.719   1.00 1.05 ? 12 MET A CG   10 
ATOM 2082 S SD   . MET A 1 12 ? 3.776  1.313  7.927   1.00 2.19 ? 12 MET A SD   10 
ATOM 2083 C CE   . MET A 1 12 ? 5.236  1.599  6.928   1.00 2.67 ? 12 MET A CE   10 
ATOM 2084 H H    . MET A 1 12 ? 0.465  -0.781 5.932   1.00 0.29 ? 12 MET A H    10 
ATOM 2085 H HA   . MET A 1 12 ? 1.628  -0.202 8.561   1.00 0.51 ? 12 MET A HA   10 
ATOM 2086 H HB2  . MET A 1 12 ? 0.365  1.618  6.506   1.00 0.98 ? 12 MET A HB2  10 
ATOM 2087 H HB3  . MET A 1 12 ? 0.934  2.152  8.082   1.00 0.96 ? 12 MET A HB3  10 
ATOM 2088 H HG2  . MET A 1 12 ? 2.607  0.961  5.883   1.00 1.46 ? 12 MET A HG2  10 
ATOM 2089 H HG3  . MET A 1 12 ? 2.566  2.654  6.376   1.00 1.56 ? 12 MET A HG3  10 
ATOM 2090 H HE1  . MET A 1 12 ? 5.238  2.620  6.577   1.00 2.75 ? 12 MET A HE1  10 
ATOM 2091 H HE2  . MET A 1 12 ? 5.231  0.928  6.083   1.00 3.10 ? 12 MET A HE2  10 
ATOM 2092 H HE3  . MET A 1 12 ? 6.120  1.421  7.523   1.00 3.13 ? 12 MET A HE3  10 
ATOM 2093 N N    . GLN A 1 13 ? -1.369 -0.913 8.128   1.00 0.55 ? 13 GLN A N    10 
ATOM 2094 C CA   . GLN A 1 13 ? -2.690 -1.048 8.720   1.00 0.68 ? 13 GLN A CA   10 
ATOM 2095 C C    . GLN A 1 13 ? -2.625 -1.962 9.939   1.00 1.50 ? 13 GLN A C    10 
ATOM 2096 O O    . GLN A 1 13 ? -2.630 -1.445 11.074  1.00 2.06 ? 13 GLN A O    10 
ATOM 2097 C CB   . GLN A 1 13 ? -3.679 -1.606 7.692   1.00 1.81 ? 13 GLN A CB   10 
ATOM 2098 C CG   . GLN A 1 13 ? -5.129 -1.586 8.157   1.00 2.51 ? 13 GLN A CG   10 
ATOM 2099 C CD   . GLN A 1 13 ? -5.699 -0.183 8.252   1.00 3.58 ? 13 GLN A CD   10 
ATOM 2100 O OE1  . GLN A 1 13 ? -5.307 0.714  7.504   1.00 4.21 ? 13 GLN A OE1  10 
ATOM 2101 N NE2  . GLN A 1 13 ? -6.628 0.017  9.171   1.00 4.23 ? 13 GLN A NE2  10 
ATOM 2102 O OXT  . GLN A 1 13 ? -2.548 -3.194 9.760   1.00 2.41 ? 13 GLN A OXT  10 
ATOM 2103 H H    . GLN A 1 13 ? -1.116 -1.502 7.386   1.00 0.77 ? 13 GLN A H    10 
ATOM 2104 H HA   . GLN A 1 13 ? -3.018 -0.068 9.033   1.00 0.93 ? 13 GLN A HA   10 
ATOM 2105 H HB2  . GLN A 1 13 ? -3.608 -1.019 6.788   1.00 2.22 ? 13 GLN A HB2  10 
ATOM 2106 H HB3  . GLN A 1 13 ? -3.410 -2.627 7.468   1.00 2.46 ? 13 GLN A HB3  10 
ATOM 2107 H HG2  . GLN A 1 13 ? -5.725 -2.152 7.459   1.00 2.90 ? 13 GLN A HG2  10 
ATOM 2108 H HG3  . GLN A 1 13 ? -5.185 -2.047 9.131   1.00 2.55 ? 13 GLN A HG3  10 
ATOM 2109 H HE21 . GLN A 1 13 ? -6.895 -0.742 9.735   1.00 4.12 ? 13 GLN A HE21 10 
ATOM 2110 H HE22 . GLN A 1 13 ? -7.019 0.913  9.250   1.00 5.04 ? 13 GLN A HE22 10 
# 
